data_2CT0
#
_entry.id   2CT0
#
loop_
_entity.id
_entity.type
_entity.pdbx_description
1 polymer 'Non-SMC element 1 homolog'
2 non-polymer 'ZINC ION'
#
_entity_poly.entity_id   1
_entity_poly.type   'polypeptide(L)'
_entity_poly.pdbx_seq_one_letter_code
;GSSGSSGRETYPDAVKICNICHSLLIQGQSCETCGIRMHLPCVAKYFQSNAEPRCPHCNDYWPHEIPKSGPSSG
;
_entity_poly.pdbx_strand_id   A
#
loop_
_chem_comp.id
_chem_comp.type
_chem_comp.name
_chem_comp.formula
ZN non-polymer 'ZINC ION' 'Zn 2'
#
# COMPACT_ATOMS: atom_id res chain seq x y z
N GLY A 1 1.49 -17.40 -40.97
CA GLY A 1 2.18 -17.37 -39.70
C GLY A 1 2.37 -15.96 -39.17
N SER A 2 3.61 -15.49 -39.18
CA SER A 2 3.92 -14.15 -38.69
C SER A 2 3.31 -13.92 -37.31
N SER A 3 3.41 -14.93 -36.45
CA SER A 3 2.87 -14.83 -35.10
C SER A 3 3.79 -14.04 -34.19
N GLY A 4 3.36 -13.83 -32.95
CA GLY A 4 4.15 -13.09 -32.00
C GLY A 4 3.68 -13.26 -30.57
N SER A 5 4.57 -13.00 -29.62
CA SER A 5 4.23 -13.14 -28.20
C SER A 5 4.84 -12.00 -27.38
N SER A 6 4.48 -11.93 -26.11
CA SER A 6 4.98 -10.90 -25.22
C SER A 6 4.94 -11.35 -23.77
N GLY A 7 6.09 -11.30 -23.11
CA GLY A 7 6.17 -11.72 -21.71
C GLY A 7 6.71 -10.63 -20.81
N ARG A 8 6.03 -9.48 -20.80
CA ARG A 8 6.46 -8.36 -19.96
C ARG A 8 5.26 -7.62 -19.40
N GLU A 9 5.23 -7.49 -18.07
CA GLU A 9 4.13 -6.79 -17.40
C GLU A 9 4.37 -5.29 -17.37
N THR A 10 3.81 -4.59 -18.34
CA THR A 10 3.96 -3.15 -18.44
C THR A 10 2.60 -2.45 -18.44
N TYR A 11 2.22 -1.91 -17.29
CA TYR A 11 0.95 -1.21 -17.14
C TYR A 11 1.13 0.14 -16.49
N PRO A 12 0.27 1.11 -16.86
CA PRO A 12 0.32 2.47 -16.33
C PRO A 12 -0.10 2.53 -14.86
N ASP A 13 -1.24 1.91 -14.56
CA ASP A 13 -1.76 1.88 -13.20
C ASP A 13 -2.24 0.49 -12.83
N ALA A 14 -1.54 -0.52 -13.33
CA ALA A 14 -1.89 -1.91 -13.05
C ALA A 14 -0.66 -2.70 -12.61
N VAL A 15 0.06 -2.18 -11.62
CA VAL A 15 1.25 -2.84 -11.11
C VAL A 15 1.27 -2.84 -9.59
N LYS A 16 1.05 -1.67 -9.00
CA LYS A 16 1.03 -1.54 -7.54
C LYS A 16 -0.16 -0.71 -7.09
N ILE A 17 -1.25 -1.38 -6.74
CA ILE A 17 -2.45 -0.70 -6.28
C ILE A 17 -2.63 -0.86 -4.78
N CYS A 18 -3.10 0.20 -4.12
CA CYS A 18 -3.32 0.18 -2.69
C CYS A 18 -4.44 -0.79 -2.32
N ASN A 19 -4.55 -1.09 -1.03
CA ASN A 19 -5.58 -2.00 -0.55
C ASN A 19 -6.64 -1.26 0.26
N ILE A 20 -6.33 -0.02 0.63
CA ILE A 20 -7.26 0.81 1.40
C ILE A 20 -8.03 1.75 0.50
N CYS A 21 -7.31 2.47 -0.35
CA CYS A 21 -7.93 3.41 -1.27
C CYS A 21 -7.93 2.87 -2.70
N HIS A 22 -7.14 1.81 -2.92
CA HIS A 22 -7.04 1.20 -4.24
C HIS A 22 -6.54 2.20 -5.28
N SER A 23 -5.45 2.89 -4.94
CA SER A 23 -4.87 3.88 -5.83
C SER A 23 -3.40 3.56 -6.11
N LEU A 24 -2.99 3.73 -7.36
CA LEU A 24 -1.62 3.47 -7.76
C LEU A 24 -0.63 4.12 -6.81
N LEU A 25 0.28 3.32 -6.26
CA LEU A 25 1.28 3.82 -5.33
C LEU A 25 2.70 3.44 -5.78
N ILE A 26 3.70 4.00 -5.11
CA ILE A 26 5.08 3.73 -5.45
C ILE A 26 5.87 3.31 -4.20
N GLN A 27 5.90 4.19 -3.21
CA GLN A 27 6.62 3.92 -1.97
C GLN A 27 5.66 3.82 -0.80
N GLY A 28 5.76 2.74 -0.04
CA GLY A 28 4.89 2.54 1.10
C GLY A 28 5.20 1.27 1.87
N GLN A 29 4.16 0.49 2.15
CA GLN A 29 4.33 -0.76 2.87
C GLN A 29 3.73 -1.94 2.10
N SER A 30 4.42 -3.06 2.11
CA SER A 30 3.97 -4.25 1.39
C SER A 30 3.91 -5.46 2.33
N CYS A 31 3.15 -6.47 1.93
CA CYS A 31 3.01 -7.68 2.73
C CYS A 31 3.71 -8.86 2.06
N GLU A 32 4.52 -9.58 2.82
CA GLU A 32 5.24 -10.73 2.30
C GLU A 32 4.39 -11.98 2.37
N THR A 33 3.31 -11.92 3.14
CA THR A 33 2.41 -13.05 3.30
C THR A 33 1.62 -13.31 2.02
N CYS A 34 0.98 -12.27 1.50
CA CYS A 34 0.20 -12.39 0.29
C CYS A 34 0.82 -11.56 -0.85
N GLY A 35 1.16 -10.31 -0.55
CA GLY A 35 1.77 -9.45 -1.54
C GLY A 35 0.87 -8.28 -1.91
N ILE A 36 0.69 -7.36 -0.98
CA ILE A 36 -0.15 -6.19 -1.20
C ILE A 36 0.52 -4.92 -0.67
N ARG A 37 0.45 -3.85 -1.46
CA ARG A 37 1.05 -2.58 -1.05
C ARG A 37 -0.02 -1.63 -0.50
N MET A 38 0.40 -0.74 0.39
CA MET A 38 -0.52 0.22 0.99
C MET A 38 0.18 1.54 1.28
N HIS A 39 -0.55 2.64 1.15
CA HIS A 39 0.01 3.97 1.39
C HIS A 39 0.36 4.15 2.87
N LEU A 40 1.07 5.22 3.17
CA LEU A 40 1.48 5.50 4.55
C LEU A 40 0.27 5.83 5.41
N PRO A 41 -0.49 6.85 5.01
CA PRO A 41 -1.70 7.28 5.73
C PRO A 41 -2.83 6.27 5.63
N CYS A 42 -2.63 5.25 4.80
CA CYS A 42 -3.63 4.21 4.62
C CYS A 42 -3.38 3.02 5.56
N VAL A 43 -2.12 2.62 5.67
CA VAL A 43 -1.75 1.51 6.53
C VAL A 43 -2.04 1.83 8.00
N ALA A 44 -1.66 3.03 8.42
CA ALA A 44 -1.88 3.47 9.79
C ALA A 44 -3.38 3.62 10.08
N LYS A 45 -4.07 4.35 9.21
CA LYS A 45 -5.50 4.58 9.37
C LYS A 45 -6.24 3.27 9.58
N TYR A 46 -5.64 2.17 9.13
CA TYR A 46 -6.24 0.85 9.27
C TYR A 46 -5.71 0.13 10.51
N PHE A 47 -4.55 0.56 10.98
CA PHE A 47 -3.93 -0.03 12.15
C PHE A 47 -3.78 0.99 13.28
N GLN A 48 -4.71 1.95 13.32
CA GLN A 48 -4.68 2.99 14.34
C GLN A 48 -5.58 2.63 15.51
N SER A 49 -5.09 2.85 16.73
CA SER A 49 -5.86 2.55 17.93
C SER A 49 -6.09 1.05 18.05
N ASN A 50 -5.06 0.26 17.74
CA ASN A 50 -5.16 -1.19 17.82
C ASN A 50 -3.93 -1.78 18.50
N ALA A 51 -4.02 -3.06 18.88
CA ALA A 51 -2.92 -3.73 19.54
C ALA A 51 -2.08 -4.51 18.53
N GLU A 52 -2.71 -5.46 17.84
CA GLU A 52 -2.01 -6.27 16.85
C GLU A 52 -2.62 -6.07 15.47
N PRO A 53 -1.84 -5.46 14.57
CA PRO A 53 -2.28 -5.19 13.19
C PRO A 53 -2.40 -6.46 12.36
N ARG A 54 -3.38 -6.49 11.47
CA ARG A 54 -3.60 -7.65 10.61
C ARG A 54 -3.80 -7.23 9.16
N CYS A 55 -3.00 -7.81 8.27
CA CYS A 55 -3.10 -7.49 6.85
C CYS A 55 -4.54 -7.55 6.37
N PRO A 56 -4.99 -6.46 5.73
CA PRO A 56 -6.36 -6.36 5.20
C PRO A 56 -6.59 -7.28 4.00
N HIS A 57 -5.56 -8.03 3.64
CA HIS A 57 -5.64 -8.95 2.51
C HIS A 57 -5.71 -10.40 3.00
N CYS A 58 -4.59 -10.89 3.51
CA CYS A 58 -4.52 -12.26 4.00
C CYS A 58 -5.12 -12.36 5.41
N ASN A 59 -5.00 -11.29 6.18
CA ASN A 59 -5.53 -11.25 7.54
C ASN A 59 -4.76 -12.21 8.44
N ASP A 60 -3.44 -12.10 8.43
CA ASP A 60 -2.59 -12.95 9.25
C ASP A 60 -1.82 -12.13 10.27
N TYR A 61 -0.91 -11.30 9.78
CA TYR A 61 -0.10 -10.45 10.65
C TYR A 61 0.77 -9.51 9.84
N TRP A 62 1.00 -8.31 10.37
CA TRP A 62 1.82 -7.31 9.68
C TRP A 62 3.28 -7.46 10.07
N PRO A 63 4.10 -7.94 9.13
CA PRO A 63 5.54 -8.13 9.35
C PRO A 63 6.30 -6.81 9.47
N HIS A 64 5.81 -5.79 8.77
CA HIS A 64 6.43 -4.48 8.80
C HIS A 64 5.90 -3.65 9.98
N GLU A 65 6.44 -2.44 10.13
CA GLU A 65 6.02 -1.56 11.21
C GLU A 65 4.83 -0.71 10.79
N ILE A 66 4.21 -0.05 11.76
CA ILE A 66 3.05 0.80 11.49
C ILE A 66 3.46 2.27 11.39
N PRO A 67 3.16 2.89 10.25
CA PRO A 67 3.49 4.30 10.00
C PRO A 67 2.64 5.25 10.85
N LYS A 68 3.00 6.53 10.84
CA LYS A 68 2.28 7.53 11.60
C LYS A 68 1.32 8.32 10.70
N SER A 69 0.24 8.81 11.28
CA SER A 69 -0.75 9.59 10.53
C SER A 69 -0.45 11.08 10.62
N GLY A 70 -1.15 11.86 9.80
CA GLY A 70 -0.94 13.29 9.80
C GLY A 70 -2.09 14.04 10.45
N PRO A 71 -1.98 15.38 10.49
CA PRO A 71 -3.01 16.23 11.09
C PRO A 71 -4.29 16.26 10.26
N SER A 72 -4.33 15.46 9.21
CA SER A 72 -5.50 15.40 8.33
C SER A 72 -6.49 14.36 8.83
N SER A 73 -7.78 14.58 8.56
CA SER A 73 -8.83 13.67 8.98
C SER A 73 -9.01 13.72 10.49
N GLY A 74 -9.04 14.93 11.04
CA GLY A 74 -9.21 15.10 12.47
C GLY A 74 -8.45 16.29 13.01
ZN ZN B . -4.06 4.08 -0.14
ZN ZN C . -0.99 -9.98 3.45
N GLY A 1 9.97 13.13 -24.81
CA GLY A 1 8.88 13.63 -23.99
C GLY A 1 7.71 12.66 -23.93
N SER A 2 7.90 11.56 -23.20
CA SER A 2 6.86 10.55 -23.06
C SER A 2 5.48 11.19 -23.03
N SER A 3 4.58 10.70 -23.87
CA SER A 3 3.23 11.22 -23.94
C SER A 3 2.20 10.16 -23.54
N GLY A 4 1.15 10.58 -22.86
CA GLY A 4 0.12 9.66 -22.42
C GLY A 4 -1.03 9.57 -23.40
N SER A 5 -1.64 8.39 -23.49
CA SER A 5 -2.75 8.16 -24.40
C SER A 5 -3.64 7.04 -23.91
N SER A 6 -4.84 6.94 -24.47
CA SER A 6 -5.79 5.91 -24.08
C SER A 6 -5.24 4.52 -24.36
N GLY A 7 -4.56 3.94 -23.37
CA GLY A 7 -3.98 2.62 -23.54
C GLY A 7 -3.77 1.91 -22.21
N ARG A 8 -3.19 0.72 -22.26
CA ARG A 8 -2.93 -0.06 -21.06
C ARG A 8 -1.88 0.62 -20.19
N GLU A 9 -2.17 0.72 -18.90
CA GLU A 9 -1.25 1.36 -17.95
C GLU A 9 -0.04 0.48 -17.71
N THR A 10 1.13 0.96 -18.14
CA THR A 10 2.38 0.21 -17.97
C THR A 10 3.45 1.09 -17.35
N TYR A 11 3.95 0.67 -16.19
CA TYR A 11 5.00 1.42 -15.48
C TYR A 11 5.90 0.48 -14.70
N PRO A 12 7.16 0.90 -14.50
CA PRO A 12 8.15 0.12 -13.76
C PRO A 12 7.84 0.04 -12.27
N ASP A 13 7.54 1.19 -11.66
CA ASP A 13 7.22 1.25 -10.24
C ASP A 13 5.97 2.09 -10.01
N ALA A 14 5.07 2.10 -10.97
CA ALA A 14 3.84 2.86 -10.87
C ALA A 14 2.62 2.03 -11.28
N VAL A 15 2.61 0.77 -10.86
CA VAL A 15 1.51 -0.13 -11.19
C VAL A 15 0.89 -0.72 -9.93
N LYS A 16 1.67 -0.80 -8.86
CA LYS A 16 1.19 -1.33 -7.60
C LYS A 16 0.01 -0.52 -7.07
N ILE A 17 -1.15 -1.16 -6.98
CA ILE A 17 -2.36 -0.49 -6.49
C ILE A 17 -2.55 -0.73 -5.00
N CYS A 18 -3.03 0.29 -4.30
CA CYS A 18 -3.26 0.19 -2.86
C CYS A 18 -4.37 -0.81 -2.56
N ASN A 19 -4.50 -1.18 -1.29
CA ASN A 19 -5.52 -2.12 -0.86
C ASN A 19 -6.57 -1.44 0.01
N ILE A 20 -6.22 -0.29 0.55
CA ILE A 20 -7.14 0.47 1.41
C ILE A 20 -7.95 1.47 0.58
N CYS A 21 -7.29 2.16 -0.34
CA CYS A 21 -7.95 3.13 -1.19
C CYS A 21 -7.97 2.67 -2.64
N HIS A 22 -7.08 1.74 -2.97
CA HIS A 22 -6.99 1.21 -4.33
C HIS A 22 -6.54 2.30 -5.31
N SER A 23 -5.46 2.99 -4.95
CA SER A 23 -4.93 4.05 -5.80
C SER A 23 -3.46 3.81 -6.13
N LEU A 24 -3.07 4.12 -7.36
CA LEU A 24 -1.69 3.93 -7.79
C LEU A 24 -0.71 4.52 -6.78
N LEU A 25 0.30 3.74 -6.41
CA LEU A 25 1.30 4.17 -5.45
C LEU A 25 2.71 3.85 -5.95
N ILE A 26 3.71 4.38 -5.25
CA ILE A 26 5.10 4.15 -5.62
C ILE A 26 5.94 3.77 -4.40
N GLN A 27 5.71 4.47 -3.30
CA GLN A 27 6.44 4.22 -2.06
C GLN A 27 5.48 4.06 -0.89
N GLY A 28 5.55 2.91 -0.22
CA GLY A 28 4.68 2.65 0.92
C GLY A 28 5.00 1.35 1.60
N GLN A 29 3.98 0.67 2.10
CA GLN A 29 4.16 -0.60 2.79
C GLN A 29 3.67 -1.77 1.93
N SER A 30 4.25 -2.93 2.13
CA SER A 30 3.88 -4.12 1.38
C SER A 30 3.79 -5.35 2.28
N CYS A 31 3.08 -6.36 1.82
CA CYS A 31 2.90 -7.59 2.59
C CYS A 31 3.66 -8.75 1.95
N GLU A 32 4.26 -9.60 2.78
CA GLU A 32 5.00 -10.75 2.28
C GLU A 32 4.15 -12.01 2.32
N THR A 33 3.06 -11.95 3.08
CA THR A 33 2.16 -13.10 3.21
C THR A 33 1.37 -13.32 1.92
N CYS A 34 0.58 -12.33 1.54
CA CYS A 34 -0.23 -12.41 0.33
C CYS A 34 0.40 -11.60 -0.80
N GLY A 35 0.81 -10.38 -0.49
CA GLY A 35 1.42 -9.53 -1.49
C GLY A 35 0.55 -8.33 -1.85
N ILE A 36 0.41 -7.41 -0.90
CA ILE A 36 -0.41 -6.22 -1.12
C ILE A 36 0.31 -4.96 -0.63
N ARG A 37 0.08 -3.85 -1.32
CA ARG A 37 0.71 -2.59 -0.96
C ARG A 37 -0.31 -1.63 -0.34
N MET A 38 0.15 -0.78 0.57
CA MET A 38 -0.72 0.18 1.24
C MET A 38 0.02 1.48 1.53
N HIS A 39 -0.60 2.60 1.19
CA HIS A 39 0.00 3.91 1.41
C HIS A 39 0.42 4.07 2.87
N LEU A 40 1.16 5.14 3.16
CA LEU A 40 1.63 5.41 4.51
C LEU A 40 0.45 5.65 5.45
N PRO A 41 -0.39 6.65 5.11
CA PRO A 41 -1.56 7.00 5.92
C PRO A 41 -2.66 5.94 5.84
N CYS A 42 -2.49 5.00 4.91
CA CYS A 42 -3.46 3.92 4.73
C CYS A 42 -3.15 2.75 5.66
N VAL A 43 -1.86 2.48 5.84
CA VAL A 43 -1.43 1.38 6.69
C VAL A 43 -1.71 1.69 8.17
N ALA A 44 -1.37 2.91 8.58
CA ALA A 44 -1.58 3.33 9.96
C ALA A 44 -3.07 3.52 10.26
N LYS A 45 -3.75 4.26 9.38
CA LYS A 45 -5.17 4.52 9.55
C LYS A 45 -5.94 3.22 9.80
N TYR A 46 -5.35 2.11 9.36
CA TYR A 46 -5.99 0.80 9.54
C TYR A 46 -5.44 0.10 10.77
N PHE A 47 -4.24 0.49 11.20
CA PHE A 47 -3.61 -0.10 12.37
C PHE A 47 -3.34 0.96 13.43
N GLN A 48 -4.26 1.91 13.57
CA GLN A 48 -4.11 2.98 14.56
C GLN A 48 -5.10 2.80 15.71
N SER A 49 -6.24 2.18 15.42
CA SER A 49 -7.26 1.95 16.43
C SER A 49 -7.08 0.57 17.08
N ASN A 50 -6.63 -0.39 16.28
CA ASN A 50 -6.41 -1.75 16.79
C ASN A 50 -5.03 -1.89 17.39
N ALA A 51 -4.87 -2.88 18.28
CA ALA A 51 -3.59 -3.12 18.93
C ALA A 51 -2.65 -3.92 18.03
N GLU A 52 -3.14 -5.05 17.54
CA GLU A 52 -2.34 -5.90 16.66
C GLU A 52 -2.72 -5.69 15.19
N PRO A 53 -1.78 -5.16 14.42
CA PRO A 53 -1.98 -4.89 12.98
C PRO A 53 -2.09 -6.17 12.17
N ARG A 54 -3.24 -6.38 11.54
CA ARG A 54 -3.46 -7.57 10.72
C ARG A 54 -3.78 -7.18 9.28
N CYS A 55 -3.03 -7.76 8.35
CA CYS A 55 -3.22 -7.47 6.93
C CYS A 55 -4.69 -7.61 6.55
N PRO A 56 -5.24 -6.56 5.92
CA PRO A 56 -6.64 -6.54 5.49
C PRO A 56 -6.90 -7.48 4.32
N HIS A 57 -5.89 -8.26 3.95
CA HIS A 57 -6.00 -9.21 2.85
C HIS A 57 -5.91 -10.64 3.36
N CYS A 58 -4.74 -11.00 3.90
CA CYS A 58 -4.53 -12.35 4.43
C CYS A 58 -4.94 -12.43 5.90
N ASN A 59 -4.95 -11.28 6.57
CA ASN A 59 -5.32 -11.23 7.98
C ASN A 59 -4.23 -11.84 8.86
N ASP A 60 -2.98 -11.57 8.49
CA ASP A 60 -1.84 -12.09 9.24
C ASP A 60 -1.09 -10.96 9.92
N TYR A 61 -0.30 -11.30 10.94
CA TYR A 61 0.49 -10.32 11.67
C TYR A 61 1.38 -9.50 10.72
N TRP A 62 1.30 -8.19 10.85
CA TRP A 62 2.10 -7.30 10.00
C TRP A 62 3.60 -7.54 10.22
N PRO A 63 4.28 -7.98 9.16
CA PRO A 63 5.71 -8.25 9.21
C PRO A 63 6.55 -6.98 9.34
N HIS A 64 6.07 -5.90 8.73
CA HIS A 64 6.76 -4.62 8.78
C HIS A 64 6.27 -3.79 9.95
N GLU A 65 6.85 -2.59 10.11
CA GLU A 65 6.47 -1.70 11.18
C GLU A 65 5.26 -0.83 10.80
N ILE A 66 4.65 -0.20 11.78
CA ILE A 66 3.48 0.65 11.54
C ILE A 66 3.89 2.11 11.39
N PRO A 67 3.50 2.72 10.26
CA PRO A 67 3.81 4.12 9.97
C PRO A 67 3.04 5.08 10.88
N LYS A 68 3.45 6.35 10.87
CA LYS A 68 2.81 7.37 11.69
C LYS A 68 1.28 7.29 11.54
N SER A 69 0.58 7.69 12.60
CA SER A 69 -0.88 7.66 12.59
C SER A 69 -1.45 8.99 13.09
N GLY A 70 -2.70 9.26 12.73
CA GLY A 70 -3.33 10.50 13.15
C GLY A 70 -4.08 11.18 12.01
N PRO A 71 -4.92 12.17 12.37
CA PRO A 71 -5.71 12.92 11.38
C PRO A 71 -4.85 13.82 10.50
N SER A 72 -4.80 13.51 9.21
CA SER A 72 -4.01 14.29 8.27
C SER A 72 -4.50 14.07 6.84
N SER A 73 -4.47 15.13 6.04
CA SER A 73 -4.91 15.05 4.65
C SER A 73 -3.75 14.68 3.73
N GLY A 74 -2.92 13.74 4.18
CA GLY A 74 -1.78 13.31 3.38
C GLY A 74 -0.67 14.35 3.36
ZN ZN B . -4.01 3.89 -0.03
ZN ZN C . -1.20 -9.88 3.43
N GLY A 1 22.21 -20.99 -33.59
CA GLY A 1 21.08 -20.99 -32.69
C GLY A 1 20.43 -19.63 -32.57
N SER A 2 19.47 -19.51 -31.66
CA SER A 2 18.77 -18.25 -31.45
C SER A 2 18.49 -18.01 -29.97
N SER A 3 18.00 -16.82 -29.65
CA SER A 3 17.69 -16.48 -28.26
C SER A 3 16.56 -15.46 -28.19
N GLY A 4 16.16 -15.10 -26.97
CA GLY A 4 15.09 -14.15 -26.80
C GLY A 4 15.13 -13.47 -25.44
N SER A 5 13.99 -12.95 -24.99
CA SER A 5 13.92 -12.27 -23.71
C SER A 5 12.49 -12.34 -23.15
N SER A 6 12.32 -11.85 -21.92
CA SER A 6 11.02 -11.85 -21.27
C SER A 6 11.07 -11.08 -19.96
N GLY A 7 9.91 -10.92 -19.33
CA GLY A 7 9.83 -10.19 -18.07
C GLY A 7 8.90 -9.00 -18.15
N ARG A 8 8.64 -8.39 -17.00
CA ARG A 8 7.75 -7.23 -16.94
C ARG A 8 8.53 -5.94 -17.23
N GLU A 9 7.80 -4.82 -17.28
CA GLU A 9 8.42 -3.54 -17.55
C GLU A 9 7.78 -2.44 -16.70
N THR A 10 8.23 -1.21 -16.90
CA THR A 10 7.70 -0.06 -16.16
C THR A 10 6.38 0.42 -16.74
N TYR A 11 5.50 0.91 -15.89
CA TYR A 11 4.20 1.39 -16.32
C TYR A 11 3.76 2.60 -15.49
N PRO A 12 2.94 3.46 -16.09
CA PRO A 12 2.43 4.67 -15.42
C PRO A 12 1.44 4.34 -14.31
N ASP A 13 0.44 3.53 -14.64
CA ASP A 13 -0.58 3.14 -13.68
C ASP A 13 -0.85 1.64 -13.75
N ALA A 14 0.21 0.85 -13.95
CA ALA A 14 0.08 -0.59 -14.04
C ALA A 14 1.09 -1.29 -13.14
N VAL A 15 1.13 -0.86 -11.87
CA VAL A 15 2.05 -1.45 -10.90
C VAL A 15 1.37 -1.66 -9.56
N LYS A 16 2.12 -2.16 -8.59
CA LYS A 16 1.58 -2.42 -7.26
C LYS A 16 0.48 -1.42 -6.92
N ILE A 17 -0.74 -1.93 -6.75
CA ILE A 17 -1.88 -1.09 -6.41
C ILE A 17 -2.21 -1.17 -4.93
N CYS A 18 -2.69 -0.07 -4.37
CA CYS A 18 -3.05 -0.01 -2.95
C CYS A 18 -4.13 -1.03 -2.64
N ASN A 19 -4.35 -1.26 -1.35
CA ASN A 19 -5.37 -2.22 -0.90
C ASN A 19 -6.48 -1.52 -0.13
N ILE A 20 -6.17 -0.33 0.39
CA ILE A 20 -7.15 0.44 1.14
C ILE A 20 -7.92 1.39 0.22
N CYS A 21 -7.24 1.95 -0.76
CA CYS A 21 -7.87 2.87 -1.71
C CYS A 21 -7.79 2.32 -3.13
N HIS A 22 -6.88 1.37 -3.35
CA HIS A 22 -6.71 0.76 -4.66
C HIS A 22 -6.14 1.77 -5.66
N SER A 23 -5.42 2.76 -5.14
CA SER A 23 -4.81 3.78 -5.98
C SER A 23 -3.33 3.51 -6.20
N LEU A 24 -2.86 3.76 -7.42
CA LEU A 24 -1.46 3.54 -7.76
C LEU A 24 -0.54 4.24 -6.78
N LEU A 25 0.51 3.55 -6.34
CA LEU A 25 1.47 4.11 -5.39
C LEU A 25 2.89 3.85 -5.85
N ILE A 26 3.86 4.46 -5.16
CA ILE A 26 5.26 4.28 -5.49
C ILE A 26 6.06 3.79 -4.29
N GLN A 27 5.78 4.38 -3.13
CA GLN A 27 6.47 4.00 -1.90
C GLN A 27 5.52 4.03 -0.71
N GLY A 28 5.59 3.00 0.12
CA GLY A 28 4.73 2.92 1.29
C GLY A 28 4.94 1.66 2.09
N GLN A 29 3.89 0.85 2.21
CA GLN A 29 3.96 -0.40 2.96
C GLN A 29 3.57 -1.58 2.07
N SER A 30 4.19 -2.74 2.32
CA SER A 30 3.90 -3.94 1.56
C SER A 30 3.67 -5.13 2.47
N CYS A 31 2.97 -6.14 1.96
CA CYS A 31 2.68 -7.35 2.74
C CYS A 31 3.53 -8.51 2.26
N GLU A 32 4.32 -9.08 3.16
CA GLU A 32 5.19 -10.20 2.82
C GLU A 32 4.47 -11.52 3.07
N THR A 33 3.14 -11.49 2.98
CA THR A 33 2.33 -12.69 3.20
C THR A 33 1.56 -13.06 1.94
N CYS A 34 0.73 -12.13 1.46
CA CYS A 34 -0.07 -12.37 0.27
C CYS A 34 0.48 -11.56 -0.91
N GLY A 35 0.75 -10.28 -0.68
CA GLY A 35 1.27 -9.43 -1.73
C GLY A 35 0.38 -8.23 -1.99
N ILE A 36 0.39 -7.28 -1.07
CA ILE A 36 -0.43 -6.08 -1.21
C ILE A 36 0.28 -4.86 -0.62
N ARG A 37 0.11 -3.72 -1.27
CA ARG A 37 0.74 -2.48 -0.81
C ARG A 37 -0.31 -1.50 -0.28
N MET A 38 0.10 -0.65 0.66
CA MET A 38 -0.81 0.32 1.25
C MET A 38 -0.06 1.62 1.57
N HIS A 39 -0.64 2.74 1.16
CA HIS A 39 -0.03 4.05 1.41
C HIS A 39 0.28 4.23 2.89
N LEU A 40 0.95 5.32 3.22
CA LEU A 40 1.30 5.62 4.60
C LEU A 40 0.06 5.84 5.45
N PRO A 41 -0.77 6.82 5.05
CA PRO A 41 -2.01 7.15 5.76
C PRO A 41 -3.07 6.07 5.62
N CYS A 42 -2.86 5.15 4.67
CA CYS A 42 -3.79 4.06 4.44
C CYS A 42 -3.53 2.90 5.40
N VAL A 43 -2.27 2.74 5.80
CA VAL A 43 -1.89 1.68 6.71
C VAL A 43 -2.18 2.07 8.16
N ALA A 44 -1.78 3.27 8.53
CA ALA A 44 -1.99 3.77 9.88
C ALA A 44 -3.48 3.75 10.24
N LYS A 45 -4.30 4.39 9.40
CA LYS A 45 -5.73 4.44 9.64
C LYS A 45 -6.29 3.05 9.92
N TYR A 46 -5.65 2.04 9.34
CA TYR A 46 -6.09 0.66 9.52
C TYR A 46 -5.42 0.04 10.74
N PHE A 47 -4.21 0.51 11.05
CA PHE A 47 -3.46 -0.01 12.19
C PHE A 47 -3.14 1.11 13.18
N GLN A 48 -4.10 2.00 13.38
CA GLN A 48 -3.93 3.12 14.30
C GLN A 48 -4.72 2.90 15.58
N SER A 49 -4.05 3.06 16.72
CA SER A 49 -4.69 2.87 18.02
C SER A 49 -5.51 1.58 18.04
N ASN A 50 -4.86 0.47 17.69
CA ASN A 50 -5.52 -0.83 17.67
C ASN A 50 -4.55 -1.94 18.06
N ALA A 51 -5.09 -3.05 18.54
CA ALA A 51 -4.27 -4.19 18.94
C ALA A 51 -3.42 -4.69 17.77
N GLU A 52 -2.70 -5.78 18.01
CA GLU A 52 -1.85 -6.36 16.98
C GLU A 52 -2.45 -6.15 15.59
N PRO A 53 -1.65 -5.58 14.68
CA PRO A 53 -2.09 -5.32 13.30
C PRO A 53 -2.26 -6.60 12.49
N ARG A 54 -3.17 -6.58 11.54
CA ARG A 54 -3.43 -7.75 10.70
C ARG A 54 -3.78 -7.33 9.27
N CYS A 55 -3.00 -7.81 8.31
CA CYS A 55 -3.23 -7.48 6.91
C CYS A 55 -4.70 -7.67 6.53
N PRO A 56 -5.28 -6.63 5.91
CA PRO A 56 -6.69 -6.66 5.49
C PRO A 56 -6.93 -7.62 4.33
N HIS A 57 -5.84 -8.13 3.76
CA HIS A 57 -5.94 -9.07 2.64
C HIS A 57 -5.96 -10.51 3.14
N CYS A 58 -4.83 -10.96 3.67
CA CYS A 58 -4.71 -12.33 4.18
C CYS A 58 -5.28 -12.42 5.59
N ASN A 59 -5.00 -11.41 6.41
CA ASN A 59 -5.48 -11.38 7.79
C ASN A 59 -4.67 -12.34 8.66
N ASP A 60 -3.35 -12.21 8.62
CA ASP A 60 -2.48 -13.08 9.40
C ASP A 60 -1.63 -12.24 10.36
N TYR A 61 -0.77 -11.39 9.80
CA TYR A 61 0.11 -10.55 10.61
C TYR A 61 0.91 -9.60 9.73
N TRP A 62 1.21 -8.42 10.26
CA TRP A 62 1.98 -7.42 9.52
C TRP A 62 3.48 -7.62 9.74
N PRO A 63 4.17 -8.10 8.70
CA PRO A 63 5.62 -8.34 8.75
C PRO A 63 6.41 -7.04 8.81
N HIS A 64 5.71 -5.91 8.69
CA HIS A 64 6.36 -4.60 8.73
C HIS A 64 5.86 -3.79 9.92
N GLU A 65 6.44 -2.60 10.10
CA GLU A 65 6.05 -1.73 11.20
C GLU A 65 4.93 -0.78 10.77
N ILE A 66 4.27 -0.18 11.76
CA ILE A 66 3.17 0.74 11.48
C ILE A 66 3.68 2.17 11.34
N PRO A 67 3.19 2.87 10.29
CA PRO A 67 3.59 4.26 10.02
C PRO A 67 3.04 5.23 11.05
N LYS A 68 3.46 6.48 10.97
CA LYS A 68 3.00 7.51 11.89
C LYS A 68 1.97 8.43 11.22
N SER A 69 0.89 8.69 11.94
CA SER A 69 -0.17 9.56 11.40
C SER A 69 0.09 11.01 11.77
N GLY A 70 0.11 11.87 10.75
CA GLY A 70 0.34 13.29 10.98
C GLY A 70 0.48 14.07 9.69
N PRO A 71 0.57 15.40 9.80
CA PRO A 71 0.71 16.28 8.65
C PRO A 71 2.07 16.16 7.98
N SER A 72 2.94 15.33 8.56
CA SER A 72 4.27 15.12 8.01
C SER A 72 4.21 14.41 6.67
N SER A 73 5.33 14.41 5.96
CA SER A 73 5.41 13.76 4.66
C SER A 73 6.86 13.46 4.28
N GLY A 74 7.03 12.65 3.24
CA GLY A 74 8.37 12.28 2.81
C GLY A 74 8.42 11.97 1.32
ZN ZN B . -3.92 3.95 -0.36
ZN ZN C . -1.46 -9.89 3.30
N GLY A 1 16.54 2.71 -18.40
CA GLY A 1 15.45 3.17 -19.24
C GLY A 1 15.88 4.26 -20.20
N SER A 2 14.90 4.95 -20.79
CA SER A 2 15.19 6.03 -21.73
C SER A 2 13.91 6.73 -22.14
N SER A 3 14.05 7.78 -22.94
CA SER A 3 12.91 8.56 -23.41
C SER A 3 12.18 7.83 -24.54
N GLY A 4 11.00 8.32 -24.89
CA GLY A 4 10.23 7.71 -25.95
C GLY A 4 10.30 6.20 -25.91
N SER A 5 9.36 5.58 -25.21
CA SER A 5 9.32 4.12 -25.10
C SER A 5 8.20 3.54 -25.95
N SER A 6 8.52 2.49 -26.71
CA SER A 6 7.55 1.84 -27.58
C SER A 6 6.87 0.68 -26.86
N GLY A 7 5.55 0.78 -26.71
CA GLY A 7 4.80 -0.28 -26.05
C GLY A 7 4.13 0.21 -24.77
N ARG A 8 2.83 -0.04 -24.65
CA ARG A 8 2.07 0.38 -23.49
C ARG A 8 1.63 -0.83 -22.66
N GLU A 9 2.36 -1.11 -21.59
CA GLU A 9 2.03 -2.25 -20.72
C GLU A 9 1.24 -1.79 -19.50
N THR A 10 1.54 -0.58 -19.03
CA THR A 10 0.86 -0.02 -17.87
C THR A 10 -0.58 -0.51 -17.78
N TYR A 11 -0.95 -1.05 -16.62
CA TYR A 11 -2.30 -1.55 -16.41
C TYR A 11 -3.07 -0.68 -15.42
N PRO A 12 -4.41 -0.67 -15.54
CA PRO A 12 -5.28 0.12 -14.67
C PRO A 12 -5.32 -0.44 -13.25
N ASP A 13 -5.47 -1.75 -13.14
CA ASP A 13 -5.52 -2.40 -11.84
C ASP A 13 -4.52 -3.55 -11.76
N ALA A 14 -3.89 -3.85 -12.88
CA ALA A 14 -2.90 -4.93 -12.95
C ALA A 14 -1.52 -4.43 -12.51
N VAL A 15 -1.51 -3.45 -11.60
CA VAL A 15 -0.27 -2.90 -11.10
C VAL A 15 -0.31 -2.74 -9.58
N LYS A 16 0.70 -2.07 -9.03
CA LYS A 16 0.77 -1.85 -7.59
C LYS A 16 -0.36 -0.95 -7.11
N ILE A 17 -1.44 -1.56 -6.65
CA ILE A 17 -2.59 -0.83 -6.15
C ILE A 17 -2.76 -1.00 -4.65
N CYS A 18 -3.15 0.07 -3.97
CA CYS A 18 -3.35 0.05 -2.53
C CYS A 18 -4.45 -0.95 -2.15
N ASN A 19 -4.52 -1.30 -0.88
CA ASN A 19 -5.51 -2.24 -0.39
C ASN A 19 -6.57 -1.53 0.46
N ILE A 20 -6.30 -0.27 0.78
CA ILE A 20 -7.22 0.52 1.59
C ILE A 20 -8.04 1.46 0.72
N CYS A 21 -7.38 2.18 -0.17
CA CYS A 21 -8.04 3.13 -1.06
C CYS A 21 -7.99 2.63 -2.51
N HIS A 22 -7.39 1.47 -2.70
CA HIS A 22 -7.28 0.88 -4.03
C HIS A 22 -6.75 1.91 -5.03
N SER A 23 -5.84 2.76 -4.58
CA SER A 23 -5.26 3.79 -5.43
C SER A 23 -3.83 3.43 -5.83
N LEU A 24 -3.36 4.01 -6.93
CA LEU A 24 -2.01 3.74 -7.41
C LEU A 24 -0.97 4.38 -6.48
N LEU A 25 -0.01 3.56 -6.05
CA LEU A 25 1.05 4.03 -5.16
C LEU A 25 2.42 3.85 -5.80
N ILE A 26 3.42 4.55 -5.25
CA ILE A 26 4.78 4.46 -5.76
C ILE A 26 5.76 4.08 -4.67
N GLN A 27 5.44 4.46 -3.43
CA GLN A 27 6.29 4.16 -2.29
C GLN A 27 5.47 4.02 -1.01
N GLY A 28 5.53 2.85 -0.41
CA GLY A 28 4.79 2.62 0.82
C GLY A 28 5.16 1.30 1.48
N GLN A 29 4.18 0.66 2.10
CA GLN A 29 4.40 -0.62 2.78
C GLN A 29 3.82 -1.77 1.97
N SER A 30 4.32 -2.98 2.23
CA SER A 30 3.83 -4.17 1.53
C SER A 30 3.83 -5.38 2.46
N CYS A 31 3.01 -6.36 2.11
CA CYS A 31 2.90 -7.58 2.92
C CYS A 31 3.69 -8.72 2.28
N GLU A 32 4.49 -9.40 3.09
CA GLU A 32 5.30 -10.51 2.61
C GLU A 32 4.48 -11.81 2.56
N THR A 33 3.34 -11.80 3.23
CA THR A 33 2.46 -12.96 3.26
C THR A 33 1.77 -13.17 1.91
N CYS A 34 0.86 -12.25 1.58
CA CYS A 34 0.13 -12.34 0.32
C CYS A 34 0.88 -11.62 -0.79
N GLY A 35 1.32 -10.40 -0.51
CA GLY A 35 2.05 -9.62 -1.49
C GLY A 35 1.31 -8.37 -1.91
N ILE A 36 0.63 -7.74 -0.96
CA ILE A 36 -0.14 -6.53 -1.24
C ILE A 36 0.62 -5.29 -0.75
N ARG A 37 0.25 -4.13 -1.29
CA ARG A 37 0.88 -2.88 -0.91
C ARG A 37 -0.15 -1.89 -0.38
N MET A 38 0.30 -0.99 0.49
CA MET A 38 -0.59 0.01 1.07
C MET A 38 0.15 1.32 1.31
N HIS A 39 -0.58 2.43 1.23
CA HIS A 39 0.01 3.75 1.44
C HIS A 39 0.47 3.93 2.88
N LEU A 40 1.16 5.03 3.16
CA LEU A 40 1.65 5.31 4.50
C LEU A 40 0.49 5.62 5.45
N PRO A 41 -0.31 6.64 5.10
CA PRO A 41 -1.46 7.05 5.90
C PRO A 41 -2.59 6.03 5.86
N CYS A 42 -2.48 5.07 4.95
CA CYS A 42 -3.49 4.03 4.80
C CYS A 42 -3.20 2.85 5.73
N VAL A 43 -1.92 2.62 5.99
CA VAL A 43 -1.50 1.53 6.86
C VAL A 43 -1.70 1.89 8.34
N ALA A 44 -1.26 3.08 8.71
CA ALA A 44 -1.39 3.56 10.08
C ALA A 44 -2.86 3.59 10.51
N LYS A 45 -3.65 4.41 9.83
CA LYS A 45 -5.06 4.54 10.13
C LYS A 45 -5.72 3.17 10.28
N TYR A 46 -5.12 2.16 9.65
CA TYR A 46 -5.64 0.80 9.72
C TYR A 46 -4.99 0.02 10.85
N PHE A 47 -3.80 0.45 11.25
CA PHE A 47 -3.07 -0.21 12.33
C PHE A 47 -2.82 0.75 13.48
N GLN A 48 -3.66 1.78 13.58
CA GLN A 48 -3.52 2.78 14.63
C GLN A 48 -4.71 2.71 15.60
N SER A 49 -5.88 2.38 15.06
CA SER A 49 -7.10 2.29 15.86
C SER A 49 -7.10 1.01 16.69
N ASN A 50 -6.72 -0.10 16.05
CA ASN A 50 -6.68 -1.39 16.72
C ASN A 50 -5.31 -1.65 17.34
N ALA A 51 -5.18 -2.79 18.02
CA ALA A 51 -3.92 -3.15 18.65
C ALA A 51 -3.07 -4.02 17.73
N GLU A 52 -3.56 -5.21 17.44
CA GLU A 52 -2.85 -6.15 16.56
C GLU A 52 -3.18 -5.89 15.10
N PRO A 53 -2.19 -5.39 14.34
CA PRO A 53 -2.35 -5.09 12.92
C PRO A 53 -2.49 -6.35 12.07
N ARG A 54 -3.58 -6.43 11.31
CA ARG A 54 -3.84 -7.58 10.45
C ARG A 54 -3.94 -7.16 9.00
N CYS A 55 -3.34 -7.96 8.12
CA CYS A 55 -3.36 -7.67 6.69
C CYS A 55 -4.78 -7.74 6.13
N PRO A 56 -5.21 -6.64 5.48
CA PRO A 56 -6.55 -6.57 4.90
C PRO A 56 -6.72 -7.47 3.68
N HIS A 57 -5.69 -8.27 3.41
CA HIS A 57 -5.73 -9.20 2.28
C HIS A 57 -5.66 -10.65 2.75
N CYS A 58 -4.73 -10.93 3.66
CA CYS A 58 -4.57 -12.28 4.20
C CYS A 58 -4.74 -12.28 5.71
N ASN A 59 -5.42 -11.26 6.23
CA ASN A 59 -5.65 -11.14 7.66
C ASN A 59 -4.51 -11.77 8.45
N ASP A 60 -3.29 -11.39 8.12
CA ASP A 60 -2.11 -11.91 8.80
C ASP A 60 -1.38 -10.80 9.55
N TYR A 61 -0.65 -11.18 10.60
CA TYR A 61 0.09 -10.22 11.40
C TYR A 61 1.04 -9.40 10.54
N TRP A 62 0.89 -8.08 10.58
CA TRP A 62 1.74 -7.19 9.80
C TRP A 62 3.21 -7.35 10.19
N PRO A 63 4.02 -7.83 9.23
CA PRO A 63 5.46 -8.04 9.45
C PRO A 63 6.22 -6.73 9.59
N HIS A 64 6.01 -5.81 8.66
CA HIS A 64 6.68 -4.52 8.68
C HIS A 64 6.19 -3.68 9.86
N GLU A 65 6.84 -2.54 10.08
CA GLU A 65 6.47 -1.65 11.17
C GLU A 65 5.27 -0.78 10.80
N ILE A 66 4.75 -0.06 11.77
CA ILE A 66 3.59 0.81 11.55
C ILE A 66 4.02 2.26 11.39
N PRO A 67 3.61 2.89 10.28
CA PRO A 67 3.93 4.29 9.99
C PRO A 67 3.22 5.26 10.93
N LYS A 68 3.76 6.47 11.05
CA LYS A 68 3.17 7.48 11.91
C LYS A 68 2.69 8.68 11.08
N SER A 69 3.62 9.35 10.42
CA SER A 69 3.28 10.51 9.60
C SER A 69 3.65 10.26 8.14
N GLY A 70 3.10 11.09 7.25
CA GLY A 70 3.38 10.95 5.84
C GLY A 70 4.69 11.58 5.44
N PRO A 71 5.21 11.19 4.26
CA PRO A 71 6.47 11.73 3.73
C PRO A 71 6.36 13.19 3.31
N SER A 72 7.43 13.94 3.53
CA SER A 72 7.45 15.35 3.17
C SER A 72 7.05 15.56 1.72
N SER A 73 7.59 14.73 0.83
CA SER A 73 7.30 14.82 -0.58
C SER A 73 7.36 13.44 -1.24
N GLY A 74 6.32 13.10 -2.01
CA GLY A 74 6.28 11.82 -2.68
C GLY A 74 6.80 11.89 -4.10
ZN ZN B . -4.17 3.90 0.06
ZN ZN C . -0.99 -10.12 3.45
N GLY A 1 -0.68 17.00 -28.64
CA GLY A 1 -0.70 15.61 -28.24
C GLY A 1 0.57 15.19 -27.53
N SER A 2 1.04 16.04 -26.62
CA SER A 2 2.27 15.76 -25.87
C SER A 2 1.97 14.85 -24.68
N SER A 3 3.02 14.49 -23.94
CA SER A 3 2.88 13.62 -22.78
C SER A 3 2.33 12.26 -23.19
N GLY A 4 2.84 11.72 -24.28
CA GLY A 4 2.38 10.43 -24.76
C GLY A 4 3.49 9.63 -25.43
N SER A 5 4.47 9.20 -24.64
CA SER A 5 5.60 8.44 -25.16
C SER A 5 5.30 6.94 -25.13
N SER A 6 5.49 6.28 -26.26
CA SER A 6 5.23 4.85 -26.37
C SER A 6 6.24 4.05 -25.54
N GLY A 7 5.75 3.03 -24.85
CA GLY A 7 6.63 2.21 -24.02
C GLY A 7 5.88 1.51 -22.91
N ARG A 8 6.55 1.34 -21.77
CA ARG A 8 5.93 0.68 -20.62
C ARG A 8 4.53 1.22 -20.37
N GLU A 9 3.53 0.43 -20.76
CA GLU A 9 2.14 0.82 -20.58
C GLU A 9 1.70 0.65 -19.13
N THR A 10 0.60 1.29 -18.75
CA THR A 10 0.07 1.20 -17.40
C THR A 10 -1.17 0.33 -17.34
N TYR A 11 -1.46 -0.21 -16.15
CA TYR A 11 -2.63 -1.06 -15.97
C TYR A 11 -3.37 -0.68 -14.70
N PRO A 12 -4.68 -0.99 -14.66
CA PRO A 12 -5.53 -0.70 -13.51
C PRO A 12 -5.20 -1.57 -12.30
N ASP A 13 -4.98 -2.86 -12.55
CA ASP A 13 -4.65 -3.80 -11.48
C ASP A 13 -3.35 -4.53 -11.79
N ALA A 14 -2.86 -4.37 -13.02
CA ALA A 14 -1.63 -5.02 -13.44
C ALA A 14 -0.40 -4.23 -12.97
N VAL A 15 -0.53 -3.59 -11.82
CA VAL A 15 0.56 -2.80 -11.27
C VAL A 15 0.46 -2.71 -9.75
N LYS A 16 1.35 -1.92 -9.15
CA LYS A 16 1.36 -1.74 -7.70
C LYS A 16 0.23 -0.83 -7.26
N ILE A 17 -0.86 -1.42 -6.78
CA ILE A 17 -2.01 -0.66 -6.33
C ILE A 17 -2.22 -0.83 -4.82
N CYS A 18 -2.86 0.15 -4.21
CA CYS A 18 -3.12 0.11 -2.77
C CYS A 18 -4.21 -0.91 -2.44
N ASN A 19 -4.36 -1.24 -1.16
CA ASN A 19 -5.35 -2.20 -0.73
C ASN A 19 -6.45 -1.50 0.07
N ILE A 20 -6.18 -0.28 0.50
CA ILE A 20 -7.15 0.49 1.27
C ILE A 20 -8.02 1.36 0.36
N CYS A 21 -7.37 2.17 -0.47
CA CYS A 21 -8.08 3.04 -1.39
C CYS A 21 -8.03 2.49 -2.81
N HIS A 22 -7.21 1.47 -3.02
CA HIS A 22 -7.05 0.85 -4.33
C HIS A 22 -6.54 1.86 -5.36
N SER A 23 -5.67 2.75 -4.91
CA SER A 23 -5.10 3.77 -5.78
C SER A 23 -3.63 3.48 -6.09
N LEU A 24 -3.14 4.03 -7.19
CA LEU A 24 -1.76 3.83 -7.59
C LEU A 24 -0.80 4.45 -6.58
N LEU A 25 0.24 3.71 -6.22
CA LEU A 25 1.23 4.18 -5.26
C LEU A 25 2.65 3.97 -5.78
N ILE A 26 3.62 4.54 -5.08
CA ILE A 26 5.02 4.40 -5.48
C ILE A 26 5.89 3.97 -4.29
N GLN A 27 5.49 4.40 -3.10
CA GLN A 27 6.22 4.06 -1.88
C GLN A 27 5.28 3.89 -0.70
N GLY A 28 5.39 2.76 -0.02
CA GLY A 28 4.53 2.50 1.13
C GLY A 28 4.90 1.23 1.86
N GLN A 29 3.91 0.47 2.30
CA GLN A 29 4.15 -0.77 3.02
C GLN A 29 3.62 -1.97 2.23
N SER A 30 4.40 -3.04 2.21
CA SER A 30 4.02 -4.26 1.49
C SER A 30 3.85 -5.43 2.45
N CYS A 31 3.16 -6.47 1.99
CA CYS A 31 2.92 -7.65 2.81
C CYS A 31 3.75 -8.84 2.30
N GLU A 32 4.28 -9.62 3.22
CA GLU A 32 5.09 -10.78 2.87
C GLU A 32 4.24 -12.04 2.82
N THR A 33 3.06 -11.98 3.43
CA THR A 33 2.15 -13.12 3.46
C THR A 33 1.52 -13.36 2.09
N CYS A 34 0.80 -12.36 1.59
CA CYS A 34 0.15 -12.46 0.30
C CYS A 34 0.89 -11.63 -0.75
N GLY A 35 1.24 -10.40 -0.39
CA GLY A 35 1.95 -9.52 -1.32
C GLY A 35 1.10 -8.37 -1.80
N ILE A 36 0.83 -7.43 -0.89
CA ILE A 36 0.01 -6.26 -1.22
C ILE A 36 0.64 -4.99 -0.66
N ARG A 37 0.67 -3.93 -1.48
CA ARG A 37 1.23 -2.66 -1.06
C ARG A 37 0.12 -1.71 -0.59
N MET A 38 0.48 -0.82 0.35
CA MET A 38 -0.47 0.14 0.89
C MET A 38 0.20 1.48 1.16
N HIS A 39 -0.58 2.55 1.07
CA HIS A 39 -0.06 3.90 1.31
C HIS A 39 0.34 4.07 2.77
N LEU A 40 0.98 5.20 3.07
CA LEU A 40 1.41 5.49 4.42
C LEU A 40 0.22 5.76 5.33
N PRO A 41 -0.60 6.76 4.97
CA PRO A 41 -1.79 7.14 5.73
C PRO A 41 -2.88 6.08 5.65
N CYS A 42 -2.72 5.12 4.74
CA CYS A 42 -3.70 4.06 4.58
C CYS A 42 -3.40 2.90 5.52
N VAL A 43 -2.11 2.62 5.72
CA VAL A 43 -1.69 1.54 6.60
C VAL A 43 -1.99 1.87 8.06
N ALA A 44 -1.66 3.09 8.46
CA ALA A 44 -1.89 3.53 9.84
C ALA A 44 -3.37 3.62 10.14
N LYS A 45 -4.11 4.36 9.32
CA LYS A 45 -5.54 4.52 9.50
C LYS A 45 -6.23 3.17 9.71
N TYR A 46 -5.58 2.11 9.22
CA TYR A 46 -6.13 0.76 9.34
C TYR A 46 -5.54 0.06 10.56
N PHE A 47 -4.35 0.50 10.99
CA PHE A 47 -3.69 -0.09 12.14
C PHE A 47 -3.39 0.97 13.20
N GLN A 48 -4.26 1.98 13.27
CA GLN A 48 -4.09 3.06 14.25
C GLN A 48 -5.02 2.86 15.43
N SER A 49 -4.47 3.02 16.64
CA SER A 49 -5.25 2.85 17.86
C SER A 49 -5.72 1.41 18.02
N ASN A 50 -4.82 0.47 17.77
CA ASN A 50 -5.15 -0.94 17.88
C ASN A 50 -4.05 -1.70 18.63
N ALA A 51 -4.27 -2.98 18.88
CA ALA A 51 -3.31 -3.81 19.58
C ALA A 51 -2.42 -4.58 18.60
N GLU A 52 -3.03 -5.48 17.84
CA GLU A 52 -2.29 -6.27 16.87
C GLU A 52 -2.83 -6.04 15.46
N PRO A 53 -1.94 -5.57 14.56
CA PRO A 53 -2.31 -5.30 13.17
C PRO A 53 -2.58 -6.57 12.37
N ARG A 54 -3.34 -6.43 11.30
CA ARG A 54 -3.69 -7.58 10.45
C ARG A 54 -3.85 -7.14 9.00
N CYS A 55 -3.06 -7.75 8.12
CA CYS A 55 -3.12 -7.43 6.69
C CYS A 55 -4.57 -7.39 6.21
N PRO A 56 -4.94 -6.32 5.50
CA PRO A 56 -6.29 -6.16 4.95
C PRO A 56 -6.58 -7.13 3.82
N HIS A 57 -5.58 -7.93 3.45
CA HIS A 57 -5.74 -8.90 2.38
C HIS A 57 -5.85 -10.32 2.95
N CYS A 58 -4.75 -10.82 3.49
CA CYS A 58 -4.72 -12.15 4.06
C CYS A 58 -5.25 -12.14 5.50
N ASN A 59 -4.98 -11.06 6.21
CA ASN A 59 -5.43 -10.93 7.59
C ASN A 59 -4.74 -11.95 8.49
N ASP A 60 -3.43 -12.04 8.38
CA ASP A 60 -2.65 -12.98 9.19
C ASP A 60 -1.80 -12.24 10.20
N TYR A 61 -0.89 -11.39 9.72
CA TYR A 61 -0.02 -10.62 10.59
C TYR A 61 0.84 -9.65 9.78
N TRP A 62 0.97 -8.43 10.29
CA TRP A 62 1.76 -7.40 9.61
C TRP A 62 3.24 -7.53 9.97
N PRO A 63 4.06 -7.90 8.98
CA PRO A 63 5.50 -8.06 9.15
C PRO A 63 6.21 -6.73 9.38
N HIS A 64 5.93 -5.76 8.52
CA HIS A 64 6.55 -4.44 8.64
C HIS A 64 5.97 -3.68 9.83
N GLU A 65 6.47 -2.46 10.03
CA GLU A 65 6.00 -1.62 11.15
C GLU A 65 4.83 -0.75 10.71
N ILE A 66 4.16 -0.16 11.68
CA ILE A 66 3.01 0.70 11.41
C ILE A 66 3.43 2.17 11.34
N PRO A 67 3.07 2.84 10.23
CA PRO A 67 3.39 4.25 10.02
C PRO A 67 2.61 5.18 10.95
N LYS A 68 3.10 6.39 11.11
CA LYS A 68 2.45 7.37 11.98
C LYS A 68 1.91 8.54 11.17
N SER A 69 0.84 9.16 11.66
CA SER A 69 0.22 10.28 10.98
C SER A 69 0.97 11.58 11.28
N GLY A 70 0.91 12.52 10.35
CA GLY A 70 1.59 13.80 10.54
C GLY A 70 0.79 14.76 11.40
N PRO A 71 1.45 15.84 11.85
CA PRO A 71 0.81 16.85 12.69
C PRO A 71 -0.23 17.67 11.93
N SER A 72 0.07 17.99 10.68
CA SER A 72 -0.84 18.77 9.84
C SER A 72 -0.37 18.78 8.39
N SER A 73 -1.31 18.92 7.47
CA SER A 73 -1.00 18.95 6.05
C SER A 73 -0.66 20.36 5.59
N GLY A 74 -0.02 20.47 4.43
CA GLY A 74 0.35 21.76 3.90
C GLY A 74 1.51 21.69 2.93
ZN ZN B . -4.21 3.91 -0.20
ZN ZN C . -1.15 -10.03 3.31
N GLY A 1 5.70 16.82 -39.27
CA GLY A 1 5.58 17.21 -37.89
C GLY A 1 6.33 16.27 -36.96
N SER A 2 6.66 16.76 -35.77
CA SER A 2 7.40 15.96 -34.80
C SER A 2 6.44 15.30 -33.80
N SER A 3 6.72 14.04 -33.47
CA SER A 3 5.88 13.29 -32.55
C SER A 3 6.55 11.98 -32.16
N GLY A 4 6.32 11.55 -30.92
CA GLY A 4 6.90 10.31 -30.44
C GLY A 4 6.58 10.04 -28.99
N SER A 5 5.69 9.07 -28.75
CA SER A 5 5.30 8.73 -27.39
C SER A 5 6.04 7.48 -26.91
N SER A 6 6.48 7.51 -25.66
CA SER A 6 7.20 6.38 -25.08
C SER A 6 6.87 6.22 -23.60
N GLY A 7 7.29 5.09 -23.03
CA GLY A 7 7.01 4.83 -21.62
C GLY A 7 6.89 3.35 -21.33
N ARG A 8 7.56 2.90 -20.27
CA ARG A 8 7.52 1.50 -19.88
C ARG A 8 6.08 1.01 -19.78
N GLU A 9 5.90 -0.30 -19.92
CA GLU A 9 4.57 -0.90 -19.85
C GLU A 9 3.69 -0.18 -18.83
N THR A 10 2.46 0.13 -19.22
CA THR A 10 1.53 0.82 -18.34
C THR A 10 0.16 0.16 -18.37
N TYR A 11 -0.49 0.10 -17.21
CA TYR A 11 -1.81 -0.52 -17.10
C TYR A 11 -2.67 0.24 -16.10
N PRO A 12 -3.99 0.19 -16.31
CA PRO A 12 -4.97 0.86 -15.42
C PRO A 12 -5.05 0.20 -14.05
N ASP A 13 -5.23 -1.11 -14.04
CA ASP A 13 -5.33 -1.86 -12.78
C ASP A 13 -4.45 -3.10 -12.83
N ALA A 14 -3.22 -2.94 -13.30
CA ALA A 14 -2.28 -4.05 -13.40
C ALA A 14 -0.92 -3.66 -12.84
N VAL A 15 -0.90 -2.69 -11.93
CA VAL A 15 0.33 -2.22 -11.32
C VAL A 15 0.21 -2.14 -9.80
N LYS A 16 1.23 -1.59 -9.15
CA LYS A 16 1.23 -1.45 -7.70
C LYS A 16 0.10 -0.53 -7.24
N ILE A 17 -1.01 -1.14 -6.81
CA ILE A 17 -2.16 -0.38 -6.35
C ILE A 17 -2.42 -0.64 -4.87
N CYS A 18 -2.86 0.39 -4.15
CA CYS A 18 -3.15 0.27 -2.73
C CYS A 18 -4.24 -0.77 -2.49
N ASN A 19 -4.40 -1.17 -1.23
CA ASN A 19 -5.41 -2.16 -0.86
C ASN A 19 -6.49 -1.54 0.02
N ILE A 20 -6.25 -0.30 0.46
CA ILE A 20 -7.21 0.40 1.30
C ILE A 20 -8.08 1.34 0.48
N CYS A 21 -7.45 2.10 -0.42
CA CYS A 21 -8.16 3.04 -1.27
C CYS A 21 -8.08 2.61 -2.73
N HIS A 22 -7.17 1.68 -3.03
CA HIS A 22 -7.00 1.20 -4.39
C HIS A 22 -6.48 2.29 -5.30
N SER A 23 -5.56 3.10 -4.79
CA SER A 23 -4.98 4.20 -5.56
C SER A 23 -3.50 3.95 -5.83
N LEU A 24 -3.05 4.32 -7.03
CA LEU A 24 -1.66 4.14 -7.41
C LEU A 24 -0.72 4.73 -6.37
N LEU A 25 0.32 3.98 -6.03
CA LEU A 25 1.29 4.43 -5.04
C LEU A 25 2.71 4.37 -5.60
N ILE A 26 3.65 4.98 -4.88
CA ILE A 26 5.05 4.99 -5.31
C ILE A 26 5.90 4.10 -4.42
N GLN A 27 5.60 4.12 -3.12
CA GLN A 27 6.35 3.32 -2.16
C GLN A 27 5.40 2.60 -1.19
N GLY A 28 4.79 3.38 -0.29
CA GLY A 28 3.87 2.81 0.68
C GLY A 28 4.41 1.53 1.29
N GLN A 29 3.56 0.84 2.06
CA GLN A 29 3.95 -0.40 2.71
C GLN A 29 3.61 -1.61 1.83
N SER A 30 4.08 -2.78 2.24
CA SER A 30 3.84 -4.00 1.49
C SER A 30 3.71 -5.20 2.43
N CYS A 31 3.12 -6.27 1.93
CA CYS A 31 2.93 -7.48 2.72
C CYS A 31 3.73 -8.64 2.14
N GLU A 32 4.45 -9.35 3.00
CA GLU A 32 5.26 -10.48 2.57
C GLU A 32 4.48 -11.80 2.73
N THR A 33 3.35 -11.73 3.41
CA THR A 33 2.52 -12.92 3.63
C THR A 33 1.75 -13.28 2.37
N CYS A 34 0.93 -12.36 1.89
CA CYS A 34 0.13 -12.57 0.69
C CYS A 34 0.73 -11.85 -0.51
N GLY A 35 1.05 -10.56 -0.31
CA GLY A 35 1.61 -9.77 -1.38
C GLY A 35 0.73 -8.61 -1.78
N ILE A 36 0.62 -7.62 -0.89
CA ILE A 36 -0.21 -6.45 -1.15
C ILE A 36 0.48 -5.18 -0.69
N ARG A 37 0.29 -4.10 -1.44
CA ARG A 37 0.89 -2.81 -1.11
C ARG A 37 -0.16 -1.83 -0.63
N MET A 38 0.24 -0.93 0.27
CA MET A 38 -0.67 0.07 0.80
C MET A 38 0.05 1.40 1.03
N HIS A 39 -0.72 2.47 1.18
CA HIS A 39 -0.16 3.80 1.40
C HIS A 39 0.28 3.97 2.85
N LEU A 40 0.96 5.08 3.12
CA LEU A 40 1.44 5.37 4.47
C LEU A 40 0.28 5.67 5.41
N PRO A 41 -0.53 6.68 5.06
CA PRO A 41 -1.68 7.08 5.85
C PRO A 41 -2.81 6.06 5.80
N CYS A 42 -2.65 5.05 4.95
CA CYS A 42 -3.65 4.00 4.82
C CYS A 42 -3.35 2.84 5.75
N VAL A 43 -2.07 2.50 5.88
CA VAL A 43 -1.64 1.41 6.74
C VAL A 43 -1.79 1.78 8.22
N ALA A 44 -1.35 3.00 8.55
CA ALA A 44 -1.43 3.49 9.93
C ALA A 44 -2.88 3.53 10.41
N LYS A 45 -3.69 4.35 9.76
CA LYS A 45 -5.10 4.49 10.13
C LYS A 45 -5.75 3.11 10.27
N TYR A 46 -5.20 2.12 9.58
CA TYR A 46 -5.73 0.77 9.62
C TYR A 46 -5.09 -0.03 10.76
N PHE A 47 -3.89 0.38 11.16
CA PHE A 47 -3.17 -0.29 12.23
C PHE A 47 -2.87 0.68 13.37
N GLN A 48 -3.66 1.73 13.47
CA GLN A 48 -3.47 2.74 14.52
C GLN A 48 -4.60 2.66 15.55
N SER A 49 -5.81 2.40 15.07
CA SER A 49 -6.97 2.32 15.95
C SER A 49 -6.95 1.01 16.74
N ASN A 50 -6.71 -0.10 16.05
CA ASN A 50 -6.67 -1.40 16.69
C ASN A 50 -5.32 -1.63 17.38
N ALA A 51 -5.21 -2.75 18.09
CA ALA A 51 -3.99 -3.08 18.80
C ALA A 51 -3.05 -3.91 17.93
N GLU A 52 -3.47 -5.12 17.61
CA GLU A 52 -2.67 -6.02 16.77
C GLU A 52 -2.94 -5.77 15.29
N PRO A 53 -1.90 -5.32 14.57
CA PRO A 53 -2.00 -5.03 13.13
C PRO A 53 -2.16 -6.29 12.31
N ARG A 54 -3.33 -6.44 11.67
CA ARG A 54 -3.61 -7.61 10.84
C ARG A 54 -3.84 -7.19 9.39
N CYS A 55 -3.01 -7.71 8.50
CA CYS A 55 -3.13 -7.40 7.08
C CYS A 55 -4.57 -7.52 6.61
N PRO A 56 -5.07 -6.48 5.93
CA PRO A 56 -6.44 -6.44 5.42
C PRO A 56 -6.65 -7.42 4.26
N HIS A 57 -5.58 -8.12 3.88
CA HIS A 57 -5.66 -9.10 2.80
C HIS A 57 -5.70 -10.52 3.34
N CYS A 58 -4.57 -10.97 3.90
CA CYS A 58 -4.48 -12.31 4.45
C CYS A 58 -5.07 -12.36 5.85
N ASN A 59 -4.93 -11.27 6.59
CA ASN A 59 -5.44 -11.19 7.95
C ASN A 59 -4.71 -12.15 8.88
N ASP A 60 -3.39 -12.09 8.85
CA ASP A 60 -2.56 -12.96 9.69
C ASP A 60 -1.70 -12.13 10.64
N TYR A 61 -0.79 -11.34 10.09
CA TYR A 61 0.10 -10.51 10.89
C TYR A 61 0.94 -9.61 10.00
N TRP A 62 1.05 -8.35 10.40
CA TRP A 62 1.83 -7.37 9.64
C TRP A 62 3.32 -7.48 9.99
N PRO A 63 4.12 -7.96 9.03
CA PRO A 63 5.57 -8.12 9.22
C PRO A 63 6.29 -6.78 9.29
N HIS A 64 6.03 -5.92 8.30
CA HIS A 64 6.66 -4.60 8.26
C HIS A 64 6.23 -3.75 9.45
N GLU A 65 6.92 -2.63 9.65
CA GLU A 65 6.61 -1.73 10.76
C GLU A 65 5.41 -0.86 10.43
N ILE A 66 4.79 -0.31 11.46
CA ILE A 66 3.61 0.54 11.29
C ILE A 66 4.01 2.01 11.22
N PRO A 67 3.58 2.69 10.14
CA PRO A 67 3.87 4.11 9.93
C PRO A 67 3.14 5.00 10.91
N LYS A 68 3.53 6.27 10.95
CA LYS A 68 2.91 7.23 11.86
C LYS A 68 2.07 8.25 11.08
N SER A 69 0.95 8.66 11.66
CA SER A 69 0.06 9.63 11.02
C SER A 69 0.77 10.97 10.82
N GLY A 70 0.63 11.52 9.61
CA GLY A 70 1.26 12.80 9.32
C GLY A 70 0.65 13.47 8.11
N PRO A 71 0.96 14.76 7.92
CA PRO A 71 0.45 15.55 6.80
C PRO A 71 1.05 15.11 5.46
N SER A 72 2.18 14.41 5.53
CA SER A 72 2.86 13.94 4.33
C SER A 72 3.99 12.97 4.69
N SER A 73 4.02 11.83 4.01
CA SER A 73 5.04 10.82 4.26
C SER A 73 5.44 10.12 2.97
N GLY A 74 6.64 9.55 2.95
CA GLY A 74 7.12 8.85 1.77
C GLY A 74 8.10 7.74 2.11
ZN ZN B . -4.32 3.87 0.04
ZN ZN C . -1.16 -9.92 3.63
N GLY A 1 9.38 25.93 -18.34
CA GLY A 1 9.06 25.04 -19.44
C GLY A 1 7.96 24.05 -19.10
N SER A 2 7.72 23.11 -20.00
CA SER A 2 6.68 22.11 -19.80
C SER A 2 7.21 20.72 -20.13
N SER A 3 6.79 19.72 -19.35
CA SER A 3 7.21 18.34 -19.55
C SER A 3 6.13 17.37 -19.09
N GLY A 4 6.21 16.14 -19.59
CA GLY A 4 5.25 15.13 -19.22
C GLY A 4 5.85 14.04 -18.35
N SER A 5 5.20 12.88 -18.33
CA SER A 5 5.67 11.75 -17.54
C SER A 5 5.43 10.43 -18.26
N SER A 6 6.14 9.39 -17.83
CA SER A 6 6.02 8.07 -18.45
C SER A 6 6.83 7.03 -17.69
N GLY A 7 6.59 5.76 -17.98
CA GLY A 7 7.31 4.69 -17.31
C GLY A 7 7.03 3.33 -17.92
N ARG A 8 7.16 2.29 -17.12
CA ARG A 8 6.92 0.92 -17.59
C ARG A 8 5.51 0.79 -18.17
N GLU A 9 5.19 -0.41 -18.63
CA GLU A 9 3.88 -0.67 -19.21
C GLU A 9 2.77 -0.14 -18.32
N THR A 10 1.52 -0.25 -18.79
CA THR A 10 0.38 0.22 -18.03
C THR A 10 -0.64 -0.89 -17.82
N TYR A 11 -1.31 -0.86 -16.68
CA TYR A 11 -2.31 -1.87 -16.35
C TYR A 11 -3.32 -1.33 -15.33
N PRO A 12 -4.59 -1.75 -15.48
CA PRO A 12 -5.67 -1.32 -14.60
C PRO A 12 -5.54 -1.92 -13.20
N ASP A 13 -5.42 -3.24 -13.13
CA ASP A 13 -5.30 -3.94 -11.86
C ASP A 13 -4.19 -4.99 -11.92
N ALA A 14 -3.06 -4.61 -12.50
CA ALA A 14 -1.92 -5.52 -12.63
C ALA A 14 -0.63 -4.86 -12.19
N VAL A 15 -0.76 -3.81 -11.36
CA VAL A 15 0.40 -3.09 -10.87
C VAL A 15 0.31 -2.88 -9.36
N LYS A 16 1.23 -2.07 -8.82
CA LYS A 16 1.24 -1.79 -7.40
C LYS A 16 0.04 -0.94 -6.99
N ILE A 17 -1.02 -1.60 -6.54
CA ILE A 17 -2.23 -0.91 -6.11
C ILE A 17 -2.43 -1.02 -4.60
N CYS A 18 -2.89 0.06 -3.99
CA CYS A 18 -3.13 0.08 -2.55
C CYS A 18 -4.20 -0.94 -2.17
N ASN A 19 -4.32 -1.20 -0.87
CA ASN A 19 -5.31 -2.15 -0.37
C ASN A 19 -6.38 -1.44 0.45
N ILE A 20 -6.06 -0.24 0.91
CA ILE A 20 -7.00 0.54 1.71
C ILE A 20 -7.85 1.46 0.82
N CYS A 21 -7.23 2.04 -0.19
CA CYS A 21 -7.92 2.93 -1.12
C CYS A 21 -7.97 2.33 -2.52
N HIS A 22 -7.08 1.37 -2.78
CA HIS A 22 -7.01 0.72 -4.08
C HIS A 22 -6.53 1.70 -5.15
N SER A 23 -5.69 2.65 -4.74
CA SER A 23 -5.15 3.65 -5.66
C SER A 23 -3.72 3.31 -6.06
N LEU A 24 -3.27 3.86 -7.18
CA LEU A 24 -1.92 3.62 -7.66
C LEU A 24 -0.89 4.31 -6.78
N LEU A 25 0.09 3.55 -6.32
CA LEU A 25 1.13 4.08 -5.46
C LEU A 25 2.52 3.80 -6.04
N ILE A 26 3.55 4.30 -5.38
CA ILE A 26 4.93 4.10 -5.83
C ILE A 26 5.82 3.66 -4.68
N GLN A 27 5.66 4.29 -3.52
CA GLN A 27 6.45 3.96 -2.35
C GLN A 27 5.57 3.92 -1.10
N GLY A 28 5.64 2.82 -0.36
CA GLY A 28 4.86 2.68 0.85
C GLY A 28 5.14 1.38 1.58
N GLN A 29 4.11 0.81 2.17
CA GLN A 29 4.24 -0.45 2.91
C GLN A 29 3.72 -1.62 2.09
N SER A 30 4.19 -2.82 2.42
CA SER A 30 3.78 -4.03 1.72
C SER A 30 3.62 -5.20 2.68
N CYS A 31 2.88 -6.22 2.25
CA CYS A 31 2.65 -7.39 3.07
C CYS A 31 3.58 -8.54 2.65
N GLU A 32 4.37 -9.03 3.59
CA GLU A 32 5.29 -10.12 3.31
C GLU A 32 4.59 -11.48 3.41
N THR A 33 3.27 -11.46 3.30
CA THR A 33 2.47 -12.67 3.38
C THR A 33 1.80 -12.98 2.05
N CYS A 34 0.96 -12.04 1.59
CA CYS A 34 0.24 -12.20 0.33
C CYS A 34 0.91 -11.40 -0.78
N GLY A 35 1.17 -10.13 -0.51
CA GLY A 35 1.80 -9.28 -1.50
C GLY A 35 0.96 -8.07 -1.85
N ILE A 36 0.53 -7.34 -0.83
CA ILE A 36 -0.29 -6.14 -1.03
C ILE A 36 0.41 -4.90 -0.50
N ARG A 37 0.28 -3.79 -1.24
CA ARG A 37 0.90 -2.53 -0.85
C ARG A 37 -0.14 -1.57 -0.28
N MET A 38 0.31 -0.71 0.63
CA MET A 38 -0.58 0.27 1.25
C MET A 38 0.16 1.57 1.54
N HIS A 39 -0.49 2.69 1.21
CA HIS A 39 0.11 4.00 1.43
C HIS A 39 0.50 4.18 2.90
N LEU A 40 1.29 5.22 3.16
CA LEU A 40 1.73 5.51 4.52
C LEU A 40 0.54 5.81 5.43
N PRO A 41 -0.25 6.81 5.05
CA PRO A 41 -1.44 7.22 5.82
C PRO A 41 -2.55 6.19 5.75
N CYS A 42 -2.47 5.29 4.77
CA CYS A 42 -3.48 4.26 4.60
C CYS A 42 -3.21 3.09 5.53
N VAL A 43 -1.95 2.74 5.71
CA VAL A 43 -1.56 1.64 6.58
C VAL A 43 -1.89 1.94 8.03
N ALA A 44 -1.50 3.14 8.49
CA ALA A 44 -1.77 3.55 9.87
C ALA A 44 -3.26 3.58 10.15
N LYS A 45 -4.03 4.09 9.19
CA LYS A 45 -5.48 4.18 9.33
C LYS A 45 -6.07 2.83 9.74
N TYR A 46 -5.43 1.75 9.29
CA TYR A 46 -5.90 0.41 9.60
C TYR A 46 -5.24 -0.11 10.87
N PHE A 47 -4.10 0.47 11.22
CA PHE A 47 -3.36 0.07 12.42
C PHE A 47 -3.09 1.26 13.31
N GLN A 48 -4.14 2.05 13.56
CA GLN A 48 -4.01 3.23 14.42
C GLN A 48 -4.81 3.05 15.71
N SER A 49 -5.75 2.11 15.69
CA SER A 49 -6.58 1.84 16.86
C SER A 49 -6.26 0.47 17.45
N ASN A 50 -6.53 -0.57 16.69
CA ASN A 50 -6.28 -1.94 17.13
C ASN A 50 -4.81 -2.13 17.50
N ALA A 51 -4.54 -3.09 18.37
CA ALA A 51 -3.18 -3.38 18.81
C ALA A 51 -2.42 -4.19 17.76
N GLU A 52 -2.89 -5.40 17.50
CA GLU A 52 -2.26 -6.28 16.53
C GLU A 52 -2.75 -5.96 15.12
N PRO A 53 -1.85 -5.40 14.29
CA PRO A 53 -2.15 -5.03 12.91
C PRO A 53 -2.37 -6.25 12.02
N ARG A 54 -3.58 -6.40 11.49
CA ARG A 54 -3.91 -7.52 10.62
C ARG A 54 -4.03 -7.06 9.17
N CYS A 55 -3.48 -7.85 8.26
CA CYS A 55 -3.53 -7.54 6.83
C CYS A 55 -4.95 -7.71 6.29
N PRO A 56 -5.48 -6.65 5.67
CA PRO A 56 -6.83 -6.66 5.09
C PRO A 56 -6.91 -7.56 3.85
N HIS A 57 -5.82 -8.27 3.56
CA HIS A 57 -5.78 -9.15 2.40
C HIS A 57 -5.71 -10.61 2.85
N CYS A 58 -4.76 -10.92 3.71
CA CYS A 58 -4.58 -12.27 4.21
C CYS A 58 -4.79 -12.33 5.72
N ASN A 59 -5.52 -11.35 6.25
CA ASN A 59 -5.80 -11.29 7.68
C ASN A 59 -4.62 -11.85 8.49
N ASP A 60 -3.41 -11.60 8.01
CA ASP A 60 -2.22 -12.09 8.68
C ASP A 60 -1.55 -10.97 9.48
N TYR A 61 -0.71 -11.35 10.44
CA TYR A 61 -0.01 -10.38 11.27
C TYR A 61 0.93 -9.52 10.44
N TRP A 62 0.73 -8.21 10.48
CA TRP A 62 1.57 -7.27 9.73
C TRP A 62 3.04 -7.50 10.04
N PRO A 63 3.78 -8.02 9.07
CA PRO A 63 5.22 -8.29 9.20
C PRO A 63 6.05 -7.01 9.28
N HIS A 64 5.65 -6.01 8.50
CA HIS A 64 6.35 -4.73 8.47
C HIS A 64 5.96 -3.88 9.67
N GLU A 65 6.60 -2.72 9.80
CA GLU A 65 6.33 -1.81 10.91
C GLU A 65 5.18 -0.86 10.55
N ILE A 66 4.60 -0.25 11.58
CA ILE A 66 3.49 0.69 11.38
C ILE A 66 4.00 2.12 11.25
N PRO A 67 3.52 2.83 10.23
CA PRO A 67 3.91 4.22 9.98
C PRO A 67 3.34 5.18 11.02
N LYS A 68 3.54 6.47 10.80
CA LYS A 68 3.05 7.49 11.72
C LYS A 68 2.21 8.53 10.99
N SER A 69 1.03 8.82 11.53
CA SER A 69 0.12 9.80 10.92
C SER A 69 0.61 11.22 11.19
N GLY A 70 1.06 11.89 10.14
CA GLY A 70 1.54 13.25 10.27
C GLY A 70 1.22 14.12 9.07
N PRO A 71 1.43 15.43 9.21
CA PRO A 71 1.16 16.39 8.13
C PRO A 71 2.15 16.25 6.98
N SER A 72 3.13 15.37 7.14
CA SER A 72 4.14 15.14 6.12
C SER A 72 3.88 13.85 5.36
N SER A 73 3.67 13.95 4.06
CA SER A 73 3.39 12.79 3.23
C SER A 73 4.61 12.46 2.35
N GLY A 74 4.56 11.29 1.72
CA GLY A 74 5.66 10.87 0.86
C GLY A 74 6.70 10.06 1.61
ZN ZN B . -3.91 4.02 -0.12
ZN ZN C . -1.30 -9.97 3.50
N GLY A 1 -10.75 22.50 -22.11
CA GLY A 1 -10.74 21.09 -22.43
C GLY A 1 -9.44 20.42 -22.05
N SER A 2 -9.25 19.18 -22.51
CA SER A 2 -8.05 18.43 -22.20
C SER A 2 -7.90 17.22 -23.12
N SER A 3 -6.74 16.58 -23.07
CA SER A 3 -6.48 15.41 -23.90
C SER A 3 -6.15 14.20 -23.05
N GLY A 4 -6.60 13.02 -23.49
CA GLY A 4 -6.34 11.80 -22.76
C GLY A 4 -5.90 10.66 -23.65
N SER A 5 -4.70 10.78 -24.21
CA SER A 5 -4.17 9.76 -25.10
C SER A 5 -3.13 8.90 -24.37
N SER A 6 -3.60 7.92 -23.63
CA SER A 6 -2.72 7.03 -22.88
C SER A 6 -2.02 6.04 -23.82
N GLY A 7 -1.00 5.37 -23.30
CA GLY A 7 -0.27 4.40 -24.09
C GLY A 7 0.59 3.48 -23.25
N ARG A 8 1.90 3.48 -23.52
CA ARG A 8 2.83 2.63 -22.79
C ARG A 8 2.58 2.74 -21.28
N GLU A 9 2.93 1.67 -20.56
CA GLU A 9 2.74 1.65 -19.11
C GLU A 9 3.56 0.52 -18.49
N THR A 10 4.48 0.89 -17.61
CA THR A 10 5.33 -0.09 -16.94
C THR A 10 6.22 0.58 -15.90
N TYR A 11 6.23 0.03 -14.69
CA TYR A 11 7.03 0.57 -13.60
C TYR A 11 7.50 -0.53 -12.66
N PRO A 12 8.63 -0.30 -11.98
CA PRO A 12 9.20 -1.26 -11.04
C PRO A 12 8.37 -1.41 -9.78
N ASP A 13 8.02 -0.28 -9.16
CA ASP A 13 7.22 -0.29 -7.95
C ASP A 13 5.91 0.47 -8.16
N ALA A 14 5.89 1.35 -9.16
CA ALA A 14 4.70 2.13 -9.46
C ALA A 14 3.67 1.29 -10.22
N VAL A 15 3.41 0.09 -9.71
CA VAL A 15 2.44 -0.82 -10.32
C VAL A 15 1.50 -1.40 -9.29
N LYS A 16 2.01 -1.62 -8.08
CA LYS A 16 1.20 -2.18 -7.01
C LYS A 16 0.11 -1.21 -6.59
N ILE A 17 -1.14 -1.60 -6.81
CA ILE A 17 -2.28 -0.77 -6.46
C ILE A 17 -2.67 -0.96 -5.00
N CYS A 18 -2.80 0.14 -4.27
CA CYS A 18 -3.17 0.09 -2.86
C CYS A 18 -4.34 -0.86 -2.64
N ASN A 19 -4.60 -1.18 -1.38
CA ASN A 19 -5.69 -2.08 -1.03
C ASN A 19 -6.78 -1.35 -0.27
N ILE A 20 -6.44 -0.20 0.28
CA ILE A 20 -7.40 0.62 1.03
C ILE A 20 -8.14 1.58 0.12
N CYS A 21 -7.38 2.32 -0.70
CA CYS A 21 -7.96 3.28 -1.62
C CYS A 21 -7.91 2.75 -3.06
N HIS A 22 -7.03 1.79 -3.30
CA HIS A 22 -6.88 1.20 -4.62
C HIS A 22 -6.34 2.23 -5.61
N SER A 23 -5.21 2.85 -5.25
CA SER A 23 -4.60 3.86 -6.11
C SER A 23 -3.13 3.52 -6.37
N LEU A 24 -2.59 4.06 -7.45
CA LEU A 24 -1.20 3.81 -7.82
C LEU A 24 -0.25 4.38 -6.78
N LEU A 25 0.59 3.52 -6.21
CA LEU A 25 1.54 3.93 -5.20
C LEU A 25 2.95 3.52 -5.58
N ILE A 26 3.95 4.21 -5.00
CA ILE A 26 5.35 3.91 -5.29
C ILE A 26 6.11 3.62 -4.01
N GLN A 27 5.88 4.44 -2.99
CA GLN A 27 6.55 4.27 -1.70
C GLN A 27 5.54 4.12 -0.57
N GLY A 28 5.67 3.03 0.19
CA GLY A 28 4.76 2.80 1.30
C GLY A 28 5.05 1.50 2.02
N GLN A 29 4.00 0.75 2.33
CA GLN A 29 4.15 -0.52 3.03
C GLN A 29 3.82 -1.69 2.11
N SER A 30 4.30 -2.88 2.46
CA SER A 30 4.07 -4.07 1.67
C SER A 30 3.84 -5.29 2.56
N CYS A 31 3.16 -6.30 2.02
CA CYS A 31 2.87 -7.51 2.77
C CYS A 31 3.69 -8.68 2.24
N GLU A 32 4.21 -9.49 3.15
CA GLU A 32 5.03 -10.65 2.77
C GLU A 32 4.20 -11.94 2.84
N THR A 33 3.01 -11.84 3.43
CA THR A 33 2.12 -12.99 3.56
C THR A 33 1.44 -13.31 2.24
N CYS A 34 0.68 -12.36 1.72
CA CYS A 34 -0.02 -12.54 0.46
C CYS A 34 0.67 -11.79 -0.66
N GLY A 35 1.02 -10.53 -0.41
CA GLY A 35 1.69 -9.73 -1.42
C GLY A 35 0.86 -8.54 -1.85
N ILE A 36 0.87 -7.49 -1.03
CA ILE A 36 0.12 -6.28 -1.34
C ILE A 36 0.78 -5.04 -0.73
N ARG A 37 0.54 -3.89 -1.34
CA ARG A 37 1.12 -2.63 -0.86
C ARG A 37 0.02 -1.65 -0.46
N MET A 38 0.32 -0.79 0.50
CA MET A 38 -0.64 0.20 0.97
C MET A 38 0.05 1.53 1.26
N HIS A 39 -0.68 2.62 1.10
CA HIS A 39 -0.14 3.95 1.34
C HIS A 39 0.17 4.15 2.81
N LEU A 40 0.84 5.26 3.14
CA LEU A 40 1.20 5.57 4.51
C LEU A 40 -0.04 5.83 5.35
N PRO A 41 -0.84 6.82 4.94
CA PRO A 41 -2.07 7.20 5.64
C PRO A 41 -3.15 6.14 5.51
N CYS A 42 -2.92 5.16 4.64
CA CYS A 42 -3.88 4.09 4.42
C CYS A 42 -3.61 2.92 5.36
N VAL A 43 -2.33 2.70 5.67
CA VAL A 43 -1.94 1.61 6.55
C VAL A 43 -2.22 1.96 8.01
N ALA A 44 -1.90 3.19 8.39
CA ALA A 44 -2.13 3.65 9.76
C ALA A 44 -3.61 3.76 10.06
N LYS A 45 -4.31 4.60 9.29
CA LYS A 45 -5.74 4.80 9.49
C LYS A 45 -6.46 3.46 9.62
N TYR A 46 -5.84 2.40 9.11
CA TYR A 46 -6.42 1.07 9.17
C TYR A 46 -5.88 0.29 10.35
N PHE A 47 -4.69 0.67 10.81
CA PHE A 47 -4.06 0.00 11.96
C PHE A 47 -3.87 0.97 13.11
N GLN A 48 -4.79 1.92 13.24
CA GLN A 48 -4.74 2.91 14.30
C GLN A 48 -4.35 2.26 15.63
N SER A 49 -3.99 3.09 16.60
CA SER A 49 -3.59 2.59 17.92
C SER A 49 -4.32 1.29 18.25
N ASN A 50 -3.65 0.17 17.99
CA ASN A 50 -4.23 -1.14 18.25
C ASN A 50 -3.24 -2.05 18.97
N ALA A 51 -3.61 -3.30 19.17
CA ALA A 51 -2.75 -4.26 19.84
C ALA A 51 -1.94 -5.08 18.84
N GLU A 52 -2.65 -5.66 17.87
CA GLU A 52 -2.00 -6.47 16.85
C GLU A 52 -2.65 -6.25 15.48
N PRO A 53 -1.89 -5.63 14.56
CA PRO A 53 -2.36 -5.34 13.20
C PRO A 53 -2.54 -6.60 12.37
N ARG A 54 -3.46 -6.55 11.41
CA ARG A 54 -3.73 -7.69 10.55
C ARG A 54 -3.94 -7.23 9.10
N CYS A 55 -3.16 -7.80 8.19
CA CYS A 55 -3.26 -7.44 6.78
C CYS A 55 -4.72 -7.48 6.32
N PRO A 56 -5.14 -6.42 5.61
CA PRO A 56 -6.51 -6.31 5.11
C PRO A 56 -6.78 -7.29 3.97
N HIS A 57 -5.75 -8.03 3.57
CA HIS A 57 -5.88 -9.00 2.49
C HIS A 57 -5.93 -10.42 3.04
N CYS A 58 -4.81 -10.89 3.56
CA CYS A 58 -4.72 -12.23 4.12
C CYS A 58 -5.27 -12.27 5.55
N ASN A 59 -4.98 -11.21 6.29
CA ASN A 59 -5.44 -11.11 7.68
C ASN A 59 -4.70 -12.09 8.57
N ASP A 60 -3.37 -12.14 8.41
CA ASP A 60 -2.53 -13.04 9.20
C ASP A 60 -1.73 -12.26 10.24
N TYR A 61 -0.82 -11.42 9.76
CA TYR A 61 0.02 -10.61 10.64
C TYR A 61 0.88 -9.64 9.84
N TRP A 62 1.03 -8.43 10.37
CA TRP A 62 1.82 -7.40 9.70
C TRP A 62 3.30 -7.54 10.05
N PRO A 63 4.11 -7.95 9.06
CA PRO A 63 5.55 -8.13 9.24
C PRO A 63 6.29 -6.81 9.44
N HIS A 64 5.85 -5.79 8.69
CA HIS A 64 6.47 -4.47 8.79
C HIS A 64 5.89 -3.67 9.95
N GLU A 65 6.35 -2.44 10.11
CA GLU A 65 5.88 -1.58 11.19
C GLU A 65 4.67 -0.76 10.75
N ILE A 66 4.03 -0.10 11.70
CA ILE A 66 2.85 0.72 11.40
C ILE A 66 3.23 2.20 11.31
N PRO A 67 2.87 2.83 10.18
CA PRO A 67 3.14 4.24 9.95
C PRO A 67 2.31 5.16 10.84
N LYS A 68 2.66 6.44 10.87
CA LYS A 68 1.95 7.42 11.69
C LYS A 68 0.92 8.16 10.85
N SER A 69 -0.08 8.72 11.52
CA SER A 69 -1.13 9.47 10.84
C SER A 69 -0.64 10.84 10.41
N GLY A 70 -0.04 11.57 11.35
CA GLY A 70 0.47 12.90 11.04
C GLY A 70 1.67 12.85 10.11
N PRO A 71 1.93 13.98 9.43
CA PRO A 71 3.05 14.09 8.48
C PRO A 71 4.40 14.09 9.19
N SER A 72 5.47 14.28 8.42
CA SER A 72 6.82 14.30 8.98
C SER A 72 7.58 15.53 8.49
N SER A 73 7.89 16.43 9.42
CA SER A 73 8.62 17.64 9.10
C SER A 73 9.93 17.73 9.88
N GLY A 74 10.62 16.61 9.97
CA GLY A 74 11.88 16.57 10.69
C GLY A 74 12.89 17.58 10.16
ZN ZN B . -4.16 3.94 -0.33
ZN ZN C . -1.34 -9.92 3.28
N GLY A 1 -9.00 12.75 -41.81
CA GLY A 1 -9.93 11.75 -41.29
C GLY A 1 -9.22 10.70 -40.47
N SER A 2 -8.75 11.08 -39.29
CA SER A 2 -8.05 10.15 -38.40
C SER A 2 -8.76 10.06 -37.05
N SER A 3 -8.41 9.03 -36.28
CA SER A 3 -9.00 8.83 -34.96
C SER A 3 -8.02 9.21 -33.86
N GLY A 4 -8.54 9.36 -32.64
CA GLY A 4 -7.70 9.72 -31.51
C GLY A 4 -6.63 8.68 -31.24
N SER A 5 -5.70 9.02 -30.34
CA SER A 5 -4.62 8.10 -30.00
C SER A 5 -4.45 8.01 -28.48
N SER A 6 -4.81 6.87 -27.93
CA SER A 6 -4.71 6.65 -26.48
C SER A 6 -4.83 5.16 -26.15
N GLY A 7 -4.28 4.77 -25.01
CA GLY A 7 -4.34 3.38 -24.59
C GLY A 7 -4.42 3.23 -23.08
N ARG A 8 -4.17 2.02 -22.59
CA ARG A 8 -4.22 1.75 -21.16
C ARG A 8 -3.03 0.91 -20.73
N GLU A 9 -2.38 1.31 -19.63
CA GLU A 9 -1.23 0.59 -19.12
C GLU A 9 -1.62 -0.28 -17.93
N THR A 10 -2.02 -1.52 -18.22
CA THR A 10 -2.42 -2.46 -17.18
C THR A 10 -1.46 -3.64 -17.10
N TYR A 11 -1.25 -4.14 -15.88
CA TYR A 11 -0.35 -5.27 -15.67
C TYR A 11 -0.88 -6.18 -14.57
N PRO A 12 -0.53 -7.47 -14.66
CA PRO A 12 -0.94 -8.48 -13.68
C PRO A 12 -0.28 -8.29 -12.32
N ASP A 13 1.03 -8.08 -12.33
CA ASP A 13 1.79 -7.88 -11.11
C ASP A 13 2.74 -6.70 -11.24
N ALA A 14 2.29 -5.67 -11.95
CA ALA A 14 3.11 -4.47 -12.15
C ALA A 14 2.30 -3.21 -11.87
N VAL A 15 1.56 -3.21 -10.76
CA VAL A 15 0.74 -2.06 -10.38
C VAL A 15 0.91 -1.74 -8.91
N LYS A 16 0.77 -2.75 -8.06
CA LYS A 16 0.92 -2.57 -6.62
C LYS A 16 -0.15 -1.62 -6.08
N ILE A 17 -1.31 -1.62 -6.73
CA ILE A 17 -2.42 -0.77 -6.30
C ILE A 17 -2.73 -0.96 -4.83
N CYS A 18 -2.89 0.14 -4.11
CA CYS A 18 -3.20 0.10 -2.69
C CYS A 18 -4.36 -0.85 -2.41
N ASN A 19 -4.53 -1.21 -1.14
CA ASN A 19 -5.61 -2.10 -0.74
C ASN A 19 -6.65 -1.38 0.09
N ILE A 20 -6.24 -0.27 0.70
CA ILE A 20 -7.14 0.52 1.53
C ILE A 20 -7.99 1.46 0.67
N CYS A 21 -7.33 2.20 -0.22
CA CYS A 21 -8.02 3.14 -1.10
C CYS A 21 -7.94 2.67 -2.55
N HIS A 22 -6.94 1.85 -2.86
CA HIS A 22 -6.76 1.34 -4.20
C HIS A 22 -6.30 2.45 -5.15
N SER A 23 -5.37 3.28 -4.68
CA SER A 23 -4.86 4.38 -5.49
C SER A 23 -3.40 4.13 -5.88
N LEU A 24 -3.09 4.37 -7.15
CA LEU A 24 -1.74 4.17 -7.66
C LEU A 24 -0.71 4.72 -6.69
N LEU A 25 0.22 3.87 -6.27
CA LEU A 25 1.27 4.28 -5.33
C LEU A 25 2.65 4.14 -5.97
N ILE A 26 3.69 4.37 -5.17
CA ILE A 26 5.05 4.26 -5.65
C ILE A 26 5.90 3.42 -4.71
N GLN A 27 5.74 3.64 -3.40
CA GLN A 27 6.49 2.90 -2.40
C GLN A 27 5.56 2.34 -1.34
N GLY A 28 5.07 3.21 -0.46
CA GLY A 28 4.18 2.79 0.60
C GLY A 28 4.67 1.54 1.31
N GLN A 29 3.74 0.80 1.92
CA GLN A 29 4.09 -0.42 2.64
C GLN A 29 3.65 -1.64 1.85
N SER A 30 4.30 -2.78 2.12
CA SER A 30 3.98 -4.03 1.44
C SER A 30 3.83 -5.17 2.44
N CYS A 31 3.12 -6.21 2.03
CA CYS A 31 2.91 -7.38 2.89
C CYS A 31 3.75 -8.55 2.43
N GLU A 32 4.48 -9.16 3.36
CA GLU A 32 5.33 -10.29 3.06
C GLU A 32 4.60 -11.62 3.33
N THR A 33 3.28 -11.58 3.23
CA THR A 33 2.46 -12.77 3.47
C THR A 33 1.71 -13.18 2.21
N CYS A 34 0.97 -12.23 1.63
CA CYS A 34 0.19 -12.49 0.43
C CYS A 34 0.77 -11.72 -0.76
N GLY A 35 0.97 -10.42 -0.58
CA GLY A 35 1.52 -9.61 -1.64
C GLY A 35 0.66 -8.39 -1.94
N ILE A 36 0.42 -7.58 -0.92
CA ILE A 36 -0.40 -6.37 -1.07
C ILE A 36 0.33 -5.14 -0.57
N ARG A 37 0.03 -4.00 -1.15
CA ARG A 37 0.66 -2.74 -0.76
C ARG A 37 -0.37 -1.75 -0.24
N MET A 38 0.04 -0.91 0.70
CA MET A 38 -0.85 0.08 1.29
C MET A 38 -0.10 1.38 1.58
N HIS A 39 -0.72 2.50 1.24
CA HIS A 39 -0.12 3.81 1.47
C HIS A 39 0.28 3.98 2.93
N LEU A 40 1.17 4.94 3.19
CA LEU A 40 1.63 5.20 4.55
C LEU A 40 0.47 5.54 5.47
N PRO A 41 -0.31 6.56 5.09
CA PRO A 41 -1.48 7.00 5.87
C PRO A 41 -2.62 5.99 5.81
N CYS A 42 -2.49 5.00 4.94
CA CYS A 42 -3.51 3.97 4.79
C CYS A 42 -3.24 2.80 5.72
N VAL A 43 -1.97 2.55 6.01
CA VAL A 43 -1.58 1.46 6.89
C VAL A 43 -1.80 1.82 8.36
N ALA A 44 -1.39 3.03 8.72
CA ALA A 44 -1.56 3.51 10.09
C ALA A 44 -3.03 3.52 10.50
N LYS A 45 -3.81 4.37 9.85
CA LYS A 45 -5.23 4.48 10.14
C LYS A 45 -5.87 3.10 10.24
N TYR A 46 -5.24 2.11 9.64
CA TYR A 46 -5.74 0.74 9.67
C TYR A 46 -5.15 -0.05 10.83
N PHE A 47 -3.94 0.34 11.22
CA PHE A 47 -3.25 -0.33 12.33
C PHE A 47 -2.98 0.65 13.47
N GLN A 48 -3.80 1.69 13.56
CA GLN A 48 -3.65 2.69 14.60
C GLN A 48 -4.80 2.62 15.61
N SER A 49 -5.99 2.31 15.12
CA SER A 49 -7.17 2.20 15.96
C SER A 49 -7.14 0.91 16.79
N ASN A 50 -6.75 -0.18 16.14
CA ASN A 50 -6.68 -1.47 16.81
C ASN A 50 -5.34 -1.63 17.54
N ALA A 51 -5.15 -2.79 18.16
CA ALA A 51 -3.93 -3.07 18.89
C ALA A 51 -2.95 -3.86 18.04
N GLU A 52 -3.38 -5.04 17.58
CA GLU A 52 -2.53 -5.88 16.76
C GLU A 52 -2.88 -5.72 15.28
N PRO A 53 -1.88 -5.30 14.48
CA PRO A 53 -2.05 -5.09 13.04
C PRO A 53 -2.23 -6.40 12.29
N ARG A 54 -3.26 -6.45 11.43
CA ARG A 54 -3.55 -7.65 10.65
C ARG A 54 -3.81 -7.29 9.19
N CYS A 55 -2.93 -7.76 8.31
CA CYS A 55 -3.07 -7.50 6.88
C CYS A 55 -4.52 -7.56 6.45
N PRO A 56 -4.98 -6.50 5.77
CA PRO A 56 -6.36 -6.41 5.29
C PRO A 56 -6.64 -7.38 4.15
N HIS A 57 -5.62 -8.14 3.76
CA HIS A 57 -5.76 -9.11 2.68
C HIS A 57 -5.80 -10.53 3.23
N CYS A 58 -4.65 -11.01 3.73
CA CYS A 58 -4.56 -12.35 4.29
C CYS A 58 -5.10 -12.38 5.71
N ASN A 59 -4.91 -11.29 6.44
CA ASN A 59 -5.37 -11.20 7.82
C ASN A 59 -4.58 -12.14 8.73
N ASP A 60 -3.25 -12.12 8.59
CA ASP A 60 -2.39 -12.97 9.39
C ASP A 60 -1.57 -12.13 10.38
N TYR A 61 -0.68 -11.31 9.85
CA TYR A 61 0.17 -10.47 10.70
C TYR A 61 1.02 -9.53 9.83
N TRP A 62 1.11 -8.27 10.25
CA TRP A 62 1.89 -7.29 9.52
C TRP A 62 3.36 -7.38 9.89
N PRO A 63 4.19 -7.81 8.94
CA PRO A 63 5.64 -7.96 9.15
C PRO A 63 6.34 -6.61 9.27
N HIS A 64 6.05 -5.72 8.33
CA HIS A 64 6.65 -4.39 8.33
C HIS A 64 6.17 -3.57 9.53
N GLU A 65 6.88 -2.48 9.84
CA GLU A 65 6.53 -1.62 10.96
C GLU A 65 5.30 -0.77 10.62
N ILE A 66 4.72 -0.17 11.64
CA ILE A 66 3.54 0.67 11.46
C ILE A 66 3.93 2.14 11.33
N PRO A 67 3.48 2.79 10.24
CA PRO A 67 3.77 4.19 9.98
C PRO A 67 3.05 5.14 10.95
N LYS A 68 3.33 6.43 10.83
CA LYS A 68 2.70 7.42 11.70
C LYS A 68 1.88 8.41 10.88
N SER A 69 2.54 9.13 9.98
CA SER A 69 1.87 10.11 9.13
C SER A 69 2.76 10.53 7.97
N GLY A 70 2.30 10.24 6.75
CA GLY A 70 3.07 10.60 5.58
C GLY A 70 4.40 9.89 5.52
N PRO A 71 5.17 10.14 4.45
CA PRO A 71 6.49 9.52 4.25
C PRO A 71 7.53 10.06 5.24
N SER A 72 8.40 9.16 5.69
CA SER A 72 9.45 9.54 6.64
C SER A 72 10.02 10.92 6.31
N SER A 73 10.35 11.12 5.05
CA SER A 73 10.92 12.38 4.59
C SER A 73 9.90 13.16 3.76
N GLY A 74 9.45 14.29 4.31
CA GLY A 74 8.48 15.11 3.60
C GLY A 74 8.12 16.36 4.39
ZN ZN B . -4.10 3.86 0.03
ZN ZN C . -1.05 -10.09 3.51
N GLY A 1 -22.77 2.31 -24.77
CA GLY A 1 -21.35 2.02 -24.73
C GLY A 1 -21.06 0.56 -24.44
N SER A 2 -20.41 -0.11 -25.39
CA SER A 2 -20.08 -1.52 -25.22
C SER A 2 -18.60 -1.78 -25.51
N SER A 3 -17.79 -1.74 -24.45
CA SER A 3 -16.35 -1.95 -24.59
C SER A 3 -15.78 -2.57 -23.32
N GLY A 4 -14.70 -3.33 -23.48
CA GLY A 4 -14.06 -3.97 -22.33
C GLY A 4 -13.13 -5.09 -22.74
N SER A 5 -11.84 -4.80 -22.73
CA SER A 5 -10.83 -5.80 -23.11
C SER A 5 -9.93 -6.14 -21.92
N SER A 6 -10.55 -6.30 -20.75
CA SER A 6 -9.81 -6.63 -19.54
C SER A 6 -9.09 -7.96 -19.69
N GLY A 7 -8.24 -8.29 -18.71
CA GLY A 7 -7.50 -9.53 -18.75
C GLY A 7 -6.36 -9.57 -17.75
N ARG A 8 -5.24 -10.15 -18.16
CA ARG A 8 -4.07 -10.24 -17.29
C ARG A 8 -3.91 -8.96 -16.46
N GLU A 9 -3.43 -9.12 -15.23
CA GLU A 9 -3.23 -8.00 -14.34
C GLU A 9 -1.84 -7.40 -14.53
N THR A 10 -1.45 -7.18 -15.78
CA THR A 10 -0.14 -6.63 -16.10
C THR A 10 -0.27 -5.21 -16.65
N TYR A 11 0.52 -4.30 -16.09
CA TYR A 11 0.49 -2.90 -16.52
C TYR A 11 1.83 -2.22 -16.24
N PRO A 12 2.15 -1.19 -17.04
CA PRO A 12 3.39 -0.44 -16.90
C PRO A 12 3.42 0.41 -15.63
N ASP A 13 2.35 1.16 -15.41
CA ASP A 13 2.23 2.02 -14.23
C ASP A 13 1.06 1.60 -13.36
N ALA A 14 -0.01 1.12 -13.99
CA ALA A 14 -1.20 0.68 -13.28
C ALA A 14 -0.94 -0.62 -12.53
N VAL A 15 -0.11 -0.54 -11.49
CA VAL A 15 0.22 -1.71 -10.69
C VAL A 15 0.42 -1.34 -9.23
N LYS A 16 0.58 -2.35 -8.38
CA LYS A 16 0.79 -2.14 -6.96
C LYS A 16 -0.36 -1.33 -6.36
N ILE A 17 -1.56 -1.53 -6.89
CA ILE A 17 -2.74 -0.82 -6.41
C ILE A 17 -2.93 -1.03 -4.91
N CYS A 18 -3.31 0.04 -4.22
CA CYS A 18 -3.52 -0.03 -2.77
C CYS A 18 -4.68 -0.96 -2.45
N ASN A 19 -4.80 -1.31 -1.17
CA ASN A 19 -5.88 -2.20 -0.72
C ASN A 19 -6.86 -1.45 0.17
N ILE A 20 -6.43 -0.31 0.71
CA ILE A 20 -7.28 0.49 1.58
C ILE A 20 -8.08 1.51 0.76
N CYS A 21 -7.41 2.19 -0.16
CA CYS A 21 -8.05 3.19 -1.00
C CYS A 21 -8.10 2.73 -2.45
N HIS A 22 -7.26 1.77 -2.78
CA HIS A 22 -7.20 1.23 -4.15
C HIS A 22 -6.57 2.24 -5.10
N SER A 23 -5.69 3.09 -4.56
CA SER A 23 -5.02 4.11 -5.35
C SER A 23 -3.58 3.71 -5.64
N LEU A 24 -3.08 4.09 -6.81
CA LEU A 24 -1.71 3.77 -7.20
C LEU A 24 -0.72 4.25 -6.15
N LEU A 25 0.26 3.40 -5.82
CA LEU A 25 1.27 3.74 -4.83
C LEU A 25 2.66 3.36 -5.33
N ILE A 26 3.66 4.06 -4.82
CA ILE A 26 5.06 3.80 -5.21
C ILE A 26 5.97 3.77 -3.99
N GLN A 27 5.62 4.55 -2.97
CA GLN A 27 6.41 4.61 -1.75
C GLN A 27 5.56 4.25 -0.54
N GLY A 28 4.84 3.14 -0.64
CA GLY A 28 4.00 2.69 0.46
C GLY A 28 4.45 1.36 1.03
N GLN A 29 3.82 0.95 2.13
CA GLN A 29 4.15 -0.32 2.77
C GLN A 29 3.69 -1.50 1.93
N SER A 30 4.19 -2.69 2.27
CA SER A 30 3.84 -3.90 1.56
C SER A 30 3.77 -5.10 2.49
N CYS A 31 3.08 -6.15 2.06
CA CYS A 31 2.93 -7.36 2.87
C CYS A 31 3.73 -8.51 2.26
N GLU A 32 4.44 -9.23 3.12
CA GLU A 32 5.25 -10.36 2.68
C GLU A 32 4.47 -11.67 2.79
N THR A 33 3.32 -11.62 3.46
CA THR A 33 2.48 -12.80 3.64
C THR A 33 1.74 -13.13 2.35
N CYS A 34 0.93 -12.19 1.88
CA CYS A 34 0.15 -12.39 0.65
C CYS A 34 0.85 -11.74 -0.53
N GLY A 35 1.23 -10.47 -0.37
CA GLY A 35 1.90 -9.75 -1.44
C GLY A 35 1.10 -8.54 -1.91
N ILE A 36 0.79 -7.64 -0.98
CA ILE A 36 0.03 -6.44 -1.31
C ILE A 36 0.80 -5.19 -0.93
N ARG A 37 0.22 -4.02 -1.22
CA ARG A 37 0.85 -2.75 -0.90
C ARG A 37 -0.19 -1.73 -0.44
N MET A 38 0.19 -0.93 0.55
CA MET A 38 -0.70 0.09 1.09
C MET A 38 0.05 1.38 1.39
N HIS A 39 -0.57 2.51 1.08
CA HIS A 39 0.05 3.81 1.30
C HIS A 39 0.46 3.97 2.77
N LEU A 40 1.24 5.01 3.05
CA LEU A 40 1.70 5.27 4.40
C LEU A 40 0.52 5.56 5.33
N PRO A 41 -0.27 6.58 4.99
CA PRO A 41 -1.45 6.97 5.78
C PRO A 41 -2.57 5.94 5.71
N CYS A 42 -2.40 4.95 4.83
CA CYS A 42 -3.39 3.90 4.65
C CYS A 42 -3.11 2.72 5.57
N VAL A 43 -1.82 2.46 5.81
CA VAL A 43 -1.41 1.36 6.67
C VAL A 43 -1.64 1.70 8.14
N ALA A 44 -1.24 2.90 8.53
CA ALA A 44 -1.41 3.34 9.91
C ALA A 44 -2.89 3.43 10.29
N LYS A 45 -3.65 4.20 9.51
CA LYS A 45 -5.07 4.37 9.76
C LYS A 45 -5.75 3.02 9.99
N TYR A 46 -5.15 1.96 9.45
CA TYR A 46 -5.70 0.63 9.59
C TYR A 46 -5.09 -0.09 10.80
N PHE A 47 -3.89 0.33 11.17
CA PHE A 47 -3.20 -0.27 12.32
C PHE A 47 -2.98 0.76 13.42
N GLN A 48 -3.85 1.78 13.45
CA GLN A 48 -3.76 2.83 14.45
C GLN A 48 -4.81 2.64 15.54
N SER A 49 -5.99 2.19 15.14
CA SER A 49 -7.08 1.98 16.08
C SER A 49 -6.92 0.64 16.79
N ASN A 50 -6.89 -0.45 16.01
CA ASN A 50 -6.74 -1.78 16.57
C ASN A 50 -5.34 -1.98 17.14
N ALA A 51 -5.23 -2.88 18.11
CA ALA A 51 -3.95 -3.17 18.74
C ALA A 51 -3.05 -4.00 17.81
N GLU A 52 -3.48 -5.22 17.53
CA GLU A 52 -2.73 -6.10 16.65
C GLU A 52 -3.00 -5.79 15.19
N PRO A 53 -1.95 -5.33 14.48
CA PRO A 53 -2.06 -4.98 13.05
C PRO A 53 -2.25 -6.20 12.17
N ARG A 54 -3.44 -6.36 11.62
CA ARG A 54 -3.75 -7.49 10.76
C ARG A 54 -3.92 -7.04 9.30
N CYS A 55 -3.07 -7.56 8.43
CA CYS A 55 -3.12 -7.21 7.01
C CYS A 55 -4.56 -7.25 6.49
N PRO A 56 -4.96 -6.20 5.76
CA PRO A 56 -6.30 -6.10 5.19
C PRO A 56 -6.54 -7.10 4.06
N HIS A 57 -5.48 -7.80 3.68
CA HIS A 57 -5.57 -8.80 2.61
C HIS A 57 -5.66 -10.21 3.19
N CYS A 58 -4.54 -10.69 3.72
CA CYS A 58 -4.47 -12.03 4.30
C CYS A 58 -5.09 -12.04 5.70
N ASN A 59 -4.84 -10.98 6.46
CA ASN A 59 -5.37 -10.86 7.81
C ASN A 59 -4.67 -11.85 8.74
N ASP A 60 -3.34 -11.84 8.71
CA ASP A 60 -2.56 -12.74 9.56
C ASP A 60 -1.73 -11.94 10.56
N TYR A 61 -0.77 -11.17 10.06
CA TYR A 61 0.09 -10.36 10.90
C TYR A 61 1.01 -9.48 10.06
N TRP A 62 0.93 -8.17 10.28
CA TRP A 62 1.75 -7.22 9.54
C TRP A 62 3.22 -7.38 9.89
N PRO A 63 4.03 -7.86 8.92
CA PRO A 63 5.46 -8.07 9.11
C PRO A 63 6.22 -6.76 9.23
N HIS A 64 6.00 -5.86 8.28
CA HIS A 64 6.68 -4.56 8.29
C HIS A 64 6.24 -3.73 9.50
N GLU A 65 6.95 -2.62 9.73
CA GLU A 65 6.64 -1.75 10.84
C GLU A 65 5.43 -0.87 10.53
N ILE A 66 4.86 -0.27 11.57
CA ILE A 66 3.69 0.59 11.41
C ILE A 66 4.11 2.05 11.27
N PRO A 67 3.71 2.68 10.17
CA PRO A 67 4.02 4.08 9.89
C PRO A 67 3.27 5.03 10.82
N LYS A 68 3.57 6.33 10.69
CA LYS A 68 2.93 7.34 11.52
C LYS A 68 1.87 8.10 10.73
N SER A 69 0.69 8.23 11.32
CA SER A 69 -0.41 8.93 10.66
C SER A 69 -0.36 10.43 10.98
N GLY A 70 0.17 11.20 10.05
CA GLY A 70 0.26 12.64 10.24
C GLY A 70 1.23 13.29 9.28
N PRO A 71 1.37 14.62 9.40
CA PRO A 71 2.26 15.40 8.53
C PRO A 71 3.73 15.12 8.81
N SER A 72 3.99 14.20 9.74
CA SER A 72 5.35 13.84 10.11
C SER A 72 5.97 12.92 9.07
N SER A 73 6.65 13.50 8.09
CA SER A 73 7.28 12.74 7.03
C SER A 73 8.69 12.30 7.43
N GLY A 74 9.45 13.24 8.01
CA GLY A 74 10.80 12.92 8.44
C GLY A 74 11.84 13.70 7.66
ZN ZN B . -3.96 3.82 -0.10
ZN ZN C . -1.08 -9.69 3.58
N GLY A 1 -3.38 13.76 -39.74
CA GLY A 1 -2.50 14.05 -38.62
C GLY A 1 -2.98 13.39 -37.33
N SER A 2 -2.03 12.85 -36.55
CA SER A 2 -2.36 12.19 -35.30
C SER A 2 -1.19 12.25 -34.33
N SER A 3 -1.39 11.73 -33.12
CA SER A 3 -0.35 11.73 -32.11
C SER A 3 -0.45 10.47 -31.23
N GLY A 4 0.70 9.96 -30.82
CA GLY A 4 0.73 8.77 -29.99
C GLY A 4 2.04 8.61 -29.24
N SER A 5 2.02 7.82 -28.18
CA SER A 5 3.21 7.59 -27.37
C SER A 5 3.34 6.11 -27.01
N SER A 6 4.59 5.66 -26.83
CA SER A 6 4.85 4.27 -26.48
C SER A 6 5.44 4.16 -25.07
N GLY A 7 4.55 4.15 -24.07
CA GLY A 7 5.00 4.05 -22.69
C GLY A 7 3.85 4.09 -21.71
N ARG A 8 2.84 3.25 -21.94
CA ARG A 8 1.68 3.21 -21.07
C ARG A 8 1.80 2.08 -20.05
N GLU A 9 1.78 0.84 -20.53
CA GLU A 9 1.89 -0.32 -19.66
C GLU A 9 1.10 -0.12 -18.37
N THR A 10 -0.16 0.29 -18.52
CA THR A 10 -1.02 0.52 -17.36
C THR A 10 -2.08 -0.56 -17.24
N TYR A 11 -2.22 -1.11 -16.04
CA TYR A 11 -3.21 -2.16 -15.80
C TYR A 11 -4.06 -1.84 -14.57
N PRO A 12 -5.29 -2.35 -14.56
CA PRO A 12 -6.23 -2.13 -13.45
C PRO A 12 -5.81 -2.85 -12.19
N ASP A 13 -5.53 -4.14 -12.30
CA ASP A 13 -5.12 -4.95 -11.16
C ASP A 13 -3.92 -5.83 -11.52
N ALA A 14 -2.93 -5.24 -12.18
CA ALA A 14 -1.74 -5.97 -12.58
C ALA A 14 -0.47 -5.18 -12.23
N VAL A 15 -0.63 -4.16 -11.40
CA VAL A 15 0.50 -3.33 -10.98
C VAL A 15 0.41 -2.99 -9.51
N LYS A 16 1.33 -2.14 -9.05
CA LYS A 16 1.36 -1.73 -7.65
C LYS A 16 0.11 -0.95 -7.28
N ILE A 17 -0.88 -1.65 -6.73
CA ILE A 17 -2.14 -1.02 -6.33
C ILE A 17 -2.36 -1.14 -4.83
N CYS A 18 -2.95 -0.11 -4.25
CA CYS A 18 -3.24 -0.10 -2.81
C CYS A 18 -4.38 -1.04 -2.48
N ASN A 19 -4.50 -1.38 -1.19
CA ASN A 19 -5.56 -2.28 -0.73
C ASN A 19 -6.59 -1.53 0.10
N ILE A 20 -6.26 -0.29 0.47
CA ILE A 20 -7.15 0.53 1.27
C ILE A 20 -7.95 1.48 0.39
N CYS A 21 -7.27 2.14 -0.55
CA CYS A 21 -7.92 3.08 -1.45
C CYS A 21 -7.88 2.57 -2.89
N HIS A 22 -7.08 1.52 -3.12
CA HIS A 22 -6.96 0.93 -4.45
C HIS A 22 -6.49 1.97 -5.46
N SER A 23 -5.41 2.66 -5.14
CA SER A 23 -4.86 3.69 -6.02
C SER A 23 -3.38 3.43 -6.32
N LEU A 24 -3.01 3.56 -7.58
CA LEU A 24 -1.63 3.34 -7.99
C LEU A 24 -0.66 4.08 -7.07
N LEU A 25 0.24 3.32 -6.45
CA LEU A 25 1.23 3.90 -5.55
C LEU A 25 2.65 3.61 -6.02
N ILE A 26 3.62 4.21 -5.34
CA ILE A 26 5.03 4.01 -5.71
C ILE A 26 5.85 3.60 -4.50
N GLN A 27 5.63 4.27 -3.37
CA GLN A 27 6.36 3.96 -2.14
C GLN A 27 5.39 3.86 -0.96
N GLY A 28 5.69 2.93 -0.06
CA GLY A 28 4.84 2.74 1.11
C GLY A 28 5.11 1.43 1.82
N GLN A 29 4.06 0.79 2.32
CA GLN A 29 4.19 -0.48 3.02
C GLN A 29 3.83 -1.64 2.10
N SER A 30 4.39 -2.81 2.40
CA SER A 30 4.14 -4.00 1.60
C SER A 30 3.93 -5.22 2.50
N CYS A 31 3.30 -6.26 1.95
CA CYS A 31 3.04 -7.48 2.69
C CYS A 31 3.81 -8.66 2.10
N GLU A 32 4.40 -9.47 2.97
CA GLU A 32 5.16 -10.63 2.54
C GLU A 32 4.33 -11.91 2.63
N THR A 33 3.15 -11.79 3.22
CA THR A 33 2.25 -12.93 3.39
C THR A 33 1.51 -13.23 2.10
N CYS A 34 0.79 -12.23 1.59
CA CYS A 34 0.03 -12.39 0.36
C CYS A 34 0.66 -11.60 -0.77
N GLY A 35 1.09 -10.37 -0.47
CA GLY A 35 1.71 -9.53 -1.48
C GLY A 35 0.84 -8.34 -1.85
N ILE A 36 0.75 -7.37 -0.94
CA ILE A 36 -0.06 -6.18 -1.19
C ILE A 36 0.63 -4.94 -0.65
N ARG A 37 0.40 -3.80 -1.29
CA ARG A 37 0.99 -2.54 -0.88
C ARG A 37 -0.07 -1.58 -0.35
N MET A 38 0.31 -0.73 0.59
CA MET A 38 -0.62 0.24 1.17
C MET A 38 0.09 1.55 1.47
N HIS A 39 -0.55 2.66 1.13
CA HIS A 39 0.01 3.98 1.37
C HIS A 39 0.34 4.18 2.85
N LEU A 40 1.02 5.28 3.16
CA LEU A 40 1.40 5.58 4.53
C LEU A 40 0.16 5.86 5.39
N PRO A 41 -0.64 6.85 4.96
CA PRO A 41 -1.87 7.24 5.66
C PRO A 41 -2.96 6.17 5.55
N CYS A 42 -2.76 5.23 4.65
CA CYS A 42 -3.73 4.15 4.44
C CYS A 42 -3.50 3.01 5.43
N VAL A 43 -2.23 2.75 5.72
CA VAL A 43 -1.87 1.68 6.66
C VAL A 43 -2.17 2.09 8.09
N ALA A 44 -1.74 3.31 8.46
CA ALA A 44 -1.97 3.82 9.80
C ALA A 44 -3.45 3.96 10.10
N LYS A 45 -4.17 4.64 9.21
CA LYS A 45 -5.61 4.84 9.37
C LYS A 45 -6.32 3.51 9.59
N TYR A 46 -5.75 2.44 9.05
CA TYR A 46 -6.33 1.11 9.18
C TYR A 46 -5.91 0.45 10.48
N PHE A 47 -4.74 0.85 10.98
CA PHE A 47 -4.23 0.30 12.23
C PHE A 47 -4.02 1.38 13.27
N GLN A 48 -4.83 2.44 13.18
CA GLN A 48 -4.74 3.55 14.12
C GLN A 48 -4.34 3.07 15.51
N SER A 49 -5.24 2.35 16.17
CA SER A 49 -4.97 1.84 17.50
C SER A 49 -5.45 0.39 17.63
N ASN A 50 -4.55 -0.48 18.07
CA ASN A 50 -4.87 -1.90 18.23
C ASN A 50 -3.71 -2.64 18.90
N ALA A 51 -3.94 -3.92 19.19
CA ALA A 51 -2.91 -4.74 19.82
C ALA A 51 -2.02 -5.40 18.78
N GLU A 52 -2.63 -5.88 17.71
CA GLU A 52 -1.88 -6.54 16.63
C GLU A 52 -2.50 -6.22 15.28
N PRO A 53 -1.73 -5.52 14.42
CA PRO A 53 -2.18 -5.14 13.09
C PRO A 53 -2.28 -6.34 12.14
N ARG A 54 -3.44 -6.50 11.52
CA ARG A 54 -3.67 -7.61 10.59
C ARG A 54 -3.83 -7.10 9.17
N CYS A 55 -3.13 -7.74 8.25
CA CYS A 55 -3.18 -7.36 6.84
C CYS A 55 -4.62 -7.36 6.33
N PRO A 56 -5.03 -6.25 5.69
CA PRO A 56 -6.38 -6.10 5.14
C PRO A 56 -6.62 -7.00 3.94
N HIS A 57 -5.62 -7.81 3.60
CA HIS A 57 -5.72 -8.73 2.46
C HIS A 57 -5.81 -10.17 2.94
N CYS A 58 -4.73 -10.65 3.55
CA CYS A 58 -4.69 -12.02 4.05
C CYS A 58 -5.23 -12.10 5.48
N ASN A 59 -5.11 -11.00 6.21
CA ASN A 59 -5.59 -10.94 7.59
C ASN A 59 -4.87 -11.95 8.46
N ASP A 60 -3.55 -11.89 8.46
CA ASP A 60 -2.73 -12.80 9.25
C ASP A 60 -1.92 -12.04 10.30
N TYR A 61 -0.94 -11.26 9.83
CA TYR A 61 -0.10 -10.48 10.72
C TYR A 61 0.81 -9.54 9.93
N TRP A 62 0.96 -8.32 10.42
CA TRP A 62 1.80 -7.32 9.76
C TRP A 62 3.27 -7.53 10.11
N PRO A 63 4.06 -7.95 9.12
CA PRO A 63 5.49 -8.19 9.29
C PRO A 63 6.27 -6.90 9.52
N HIS A 64 5.76 -5.80 8.97
CA HIS A 64 6.42 -4.50 9.10
C HIS A 64 5.83 -3.72 10.27
N GLU A 65 6.35 -2.52 10.49
CA GLU A 65 5.87 -1.66 11.58
C GLU A 65 4.79 -0.72 11.08
N ILE A 66 4.04 -0.15 12.02
CA ILE A 66 2.97 0.78 11.68
C ILE A 66 3.50 2.20 11.53
N PRO A 67 3.16 2.85 10.40
CA PRO A 67 3.59 4.22 10.11
C PRO A 67 2.91 5.24 11.02
N LYS A 68 3.40 6.48 10.97
CA LYS A 68 2.85 7.55 11.79
C LYS A 68 2.13 8.58 10.93
N SER A 69 1.16 9.27 11.51
CA SER A 69 0.39 10.28 10.80
C SER A 69 0.78 11.68 11.24
N GLY A 70 1.75 12.27 10.54
CA GLY A 70 2.20 13.61 10.89
C GLY A 70 3.08 14.21 9.81
N PRO A 71 3.20 15.55 9.83
CA PRO A 71 4.01 16.28 8.86
C PRO A 71 5.51 16.05 9.05
N SER A 72 6.31 16.54 8.11
CA SER A 72 7.75 16.38 8.17
C SER A 72 8.46 17.74 8.13
N SER A 73 9.74 17.74 8.47
CA SER A 73 10.52 18.97 8.48
C SER A 73 10.85 19.41 7.07
N GLY A 74 9.98 20.22 6.47
CA GLY A 74 10.19 20.69 5.12
C GLY A 74 10.74 19.61 4.20
ZN ZN B . -3.96 3.85 -0.35
ZN ZN C . -1.17 -9.80 3.35
N GLY A 1 10.00 -1.07 -39.49
CA GLY A 1 9.16 -2.24 -39.69
C GLY A 1 8.46 -2.68 -38.42
N SER A 2 7.74 -3.80 -38.50
CA SER A 2 7.02 -4.32 -37.35
C SER A 2 7.81 -5.47 -36.69
N SER A 3 8.64 -5.11 -35.71
CA SER A 3 9.45 -6.10 -35.00
C SER A 3 8.76 -6.53 -33.70
N GLY A 4 8.34 -5.55 -32.90
CA GLY A 4 7.68 -5.86 -31.65
C GLY A 4 8.29 -7.05 -30.95
N SER A 5 7.45 -7.82 -30.25
CA SER A 5 7.92 -8.99 -29.52
C SER A 5 8.74 -8.58 -28.30
N SER A 6 8.26 -7.59 -27.58
CA SER A 6 8.95 -7.10 -26.39
C SER A 6 8.46 -7.83 -25.14
N GLY A 7 9.38 -8.07 -24.21
CA GLY A 7 9.02 -8.75 -22.97
C GLY A 7 9.32 -7.91 -21.74
N ARG A 8 8.50 -6.90 -21.51
CA ARG A 8 8.69 -6.02 -20.35
C ARG A 8 7.36 -5.76 -19.66
N GLU A 9 7.38 -5.74 -18.33
CA GLU A 9 6.18 -5.50 -17.54
C GLU A 9 6.14 -4.06 -17.03
N THR A 10 5.06 -3.35 -17.35
CA THR A 10 4.91 -1.97 -16.92
C THR A 10 3.54 -1.41 -17.33
N TYR A 11 2.89 -0.72 -16.41
CA TYR A 11 1.58 -0.13 -16.66
C TYR A 11 1.35 1.10 -15.80
N PRO A 12 0.50 2.02 -16.30
CA PRO A 12 0.18 3.26 -15.60
C PRO A 12 -0.67 3.02 -14.35
N ASP A 13 -1.68 2.16 -14.48
CA ASP A 13 -2.56 1.84 -13.37
C ASP A 13 -2.63 0.33 -13.15
N ALA A 14 -1.96 -0.42 -14.02
CA ALA A 14 -1.95 -1.87 -13.92
C ALA A 14 -0.76 -2.35 -13.11
N VAL A 15 -0.49 -1.67 -12.00
CA VAL A 15 0.63 -2.03 -11.13
C VAL A 15 0.19 -2.11 -9.68
N LYS A 16 1.15 -2.29 -8.78
CA LYS A 16 0.87 -2.39 -7.36
C LYS A 16 -0.19 -1.36 -6.94
N ILE A 17 -1.39 -1.85 -6.63
CA ILE A 17 -2.48 -0.97 -6.22
C ILE A 17 -2.71 -1.05 -4.71
N CYS A 18 -3.09 0.08 -4.12
CA CYS A 18 -3.34 0.13 -2.68
C CYS A 18 -4.44 -0.85 -2.29
N ASN A 19 -4.61 -1.04 -0.99
CA ASN A 19 -5.63 -1.95 -0.47
C ASN A 19 -6.67 -1.20 0.34
N ILE A 20 -6.28 -0.04 0.85
CA ILE A 20 -7.19 0.79 1.64
C ILE A 20 -8.07 1.66 0.75
N CYS A 21 -7.44 2.38 -0.17
CA CYS A 21 -8.15 3.25 -1.09
C CYS A 21 -8.14 2.68 -2.50
N HIS A 22 -7.30 1.69 -2.72
CA HIS A 22 -7.18 1.06 -4.04
C HIS A 22 -6.56 2.02 -5.05
N SER A 23 -5.79 2.98 -4.55
CA SER A 23 -5.15 3.96 -5.41
C SER A 23 -3.68 3.61 -5.65
N LEU A 24 -3.11 4.17 -6.71
CA LEU A 24 -1.71 3.91 -7.05
C LEU A 24 -0.78 4.47 -5.97
N LEU A 25 0.14 3.63 -5.49
CA LEU A 25 1.09 4.03 -4.48
C LEU A 25 2.52 3.88 -4.96
N ILE A 26 3.46 4.53 -4.27
CA ILE A 26 4.86 4.46 -4.65
C ILE A 26 5.76 4.64 -3.42
N GLN A 27 6.54 3.61 -3.11
CA GLN A 27 7.45 3.65 -1.96
C GLN A 27 6.67 3.63 -0.66
N GLY A 28 5.80 2.63 -0.51
CA GLY A 28 5.00 2.51 0.70
C GLY A 28 5.20 1.18 1.39
N GLN A 29 4.17 0.72 2.10
CA GLN A 29 4.24 -0.56 2.81
C GLN A 29 3.81 -1.70 1.91
N SER A 30 4.35 -2.89 2.18
CA SER A 30 4.02 -4.07 1.39
C SER A 30 3.84 -5.29 2.28
N CYS A 31 3.18 -6.32 1.76
CA CYS A 31 2.94 -7.54 2.52
C CYS A 31 3.66 -8.72 1.87
N GLU A 32 4.40 -9.47 2.68
CA GLU A 32 5.14 -10.63 2.19
C GLU A 32 4.34 -11.91 2.40
N THR A 33 3.22 -11.79 3.11
CA THR A 33 2.37 -12.94 3.38
C THR A 33 1.51 -13.30 2.18
N CYS A 34 0.82 -12.31 1.64
CA CYS A 34 -0.04 -12.52 0.48
C CYS A 34 0.52 -11.79 -0.74
N GLY A 35 0.89 -10.53 -0.56
CA GLY A 35 1.44 -9.75 -1.65
C GLY A 35 0.59 -8.54 -1.99
N ILE A 36 0.54 -7.58 -1.06
CA ILE A 36 -0.25 -6.37 -1.26
C ILE A 36 0.47 -5.15 -0.68
N ARG A 37 0.26 -4.00 -1.30
CA ARG A 37 0.89 -2.77 -0.85
C ARG A 37 -0.17 -1.75 -0.40
N MET A 38 0.24 -0.86 0.49
CA MET A 38 -0.67 0.16 1.01
C MET A 38 0.07 1.47 1.28
N HIS A 39 -0.63 2.59 1.12
CA HIS A 39 -0.04 3.91 1.33
C HIS A 39 0.37 4.07 2.79
N LEU A 40 1.16 5.11 3.06
CA LEU A 40 1.63 5.39 4.42
C LEU A 40 0.46 5.71 5.34
N PRO A 41 -0.32 6.74 4.98
CA PRO A 41 -1.48 7.18 5.76
C PRO A 41 -2.62 6.17 5.70
N CYS A 42 -2.50 5.20 4.81
CA CYS A 42 -3.53 4.17 4.66
C CYS A 42 -3.26 2.98 5.58
N VAL A 43 -1.98 2.65 5.73
CA VAL A 43 -1.59 1.54 6.58
C VAL A 43 -1.86 1.84 8.06
N ALA A 44 -1.50 3.06 8.48
CA ALA A 44 -1.70 3.49 9.85
C ALA A 44 -3.18 3.53 10.19
N LYS A 45 -3.95 4.25 9.38
CA LYS A 45 -5.39 4.39 9.59
C LYS A 45 -6.03 3.02 9.81
N TYR A 46 -5.40 1.98 9.27
CA TYR A 46 -5.91 0.62 9.41
C TYR A 46 -5.27 -0.09 10.60
N PHE A 47 -4.09 0.40 11.00
CA PHE A 47 -3.37 -0.19 12.12
C PHE A 47 -3.11 0.84 13.21
N GLN A 48 -4.04 1.78 13.36
CA GLN A 48 -3.93 2.83 14.37
C GLN A 48 -4.95 2.65 15.48
N SER A 49 -6.17 2.30 15.09
CA SER A 49 -7.25 2.10 16.06
C SER A 49 -7.04 0.81 16.84
N ASN A 50 -6.93 -0.31 16.12
CA ASN A 50 -6.73 -1.61 16.75
C ASN A 50 -5.31 -1.73 17.31
N ALA A 51 -5.07 -2.79 18.05
CA ALA A 51 -3.75 -3.03 18.65
C ALA A 51 -2.89 -3.89 17.74
N GLU A 52 -3.34 -5.12 17.49
CA GLU A 52 -2.60 -6.04 16.63
C GLU A 52 -2.90 -5.78 15.16
N PRO A 53 -1.88 -5.28 14.44
CA PRO A 53 -2.00 -4.97 13.01
C PRO A 53 -2.13 -6.23 12.15
N ARG A 54 -3.33 -6.47 11.63
CA ARG A 54 -3.57 -7.63 10.80
C ARG A 54 -3.84 -7.22 9.35
N CYS A 55 -3.02 -7.72 8.44
CA CYS A 55 -3.17 -7.40 7.02
C CYS A 55 -4.62 -7.50 6.58
N PRO A 56 -5.12 -6.47 5.89
CA PRO A 56 -6.50 -6.43 5.41
C PRO A 56 -6.74 -7.41 4.27
N HIS A 57 -5.71 -8.18 3.92
CA HIS A 57 -5.82 -9.16 2.86
C HIS A 57 -5.78 -10.57 3.43
N CYS A 58 -4.62 -10.98 3.92
CA CYS A 58 -4.46 -12.31 4.49
C CYS A 58 -4.95 -12.36 5.93
N ASN A 59 -4.84 -11.22 6.62
CA ASN A 59 -5.28 -11.12 8.01
C ASN A 59 -4.50 -12.10 8.90
N ASP A 60 -3.18 -12.01 8.84
CA ASP A 60 -2.32 -12.88 9.64
C ASP A 60 -1.47 -12.06 10.60
N TYR A 61 -0.57 -11.25 10.05
CA TYR A 61 0.32 -10.42 10.86
C TYR A 61 1.16 -9.50 9.98
N TRP A 62 1.17 -8.22 10.31
CA TRP A 62 1.92 -7.23 9.56
C TRP A 62 3.42 -7.35 9.86
N PRO A 63 4.19 -7.78 8.86
CA PRO A 63 5.65 -7.95 9.01
C PRO A 63 6.37 -6.60 9.11
N HIS A 64 6.04 -5.69 8.20
CA HIS A 64 6.66 -4.37 8.21
C HIS A 64 6.22 -3.56 9.42
N GLU A 65 6.86 -2.41 9.62
CA GLU A 65 6.54 -1.55 10.75
C GLU A 65 5.34 -0.66 10.42
N ILE A 66 4.67 -0.16 11.46
CA ILE A 66 3.51 0.70 11.28
C ILE A 66 3.93 2.16 11.17
N PRO A 67 3.48 2.82 10.09
CA PRO A 67 3.78 4.23 9.85
C PRO A 67 3.09 5.16 10.84
N LYS A 68 3.45 6.44 10.79
CA LYS A 68 2.85 7.44 11.68
C LYS A 68 1.98 8.42 10.90
N SER A 69 1.16 9.17 11.63
CA SER A 69 0.27 10.14 11.00
C SER A 69 0.91 11.53 10.97
N GLY A 70 0.39 12.41 10.11
CA GLY A 70 0.93 13.74 10.01
C GLY A 70 0.91 14.26 8.58
N PRO A 71 1.45 15.47 8.38
CA PRO A 71 1.51 16.10 7.05
C PRO A 71 2.49 15.39 6.12
N SER A 72 3.14 14.35 6.63
CA SER A 72 4.10 13.60 5.83
C SER A 72 3.38 12.60 4.93
N SER A 73 3.42 12.86 3.63
CA SER A 73 2.79 11.98 2.65
C SER A 73 3.48 10.62 2.59
N GLY A 74 4.80 10.64 2.43
CA GLY A 74 5.57 9.42 2.37
C GLY A 74 5.22 8.59 1.14
ZN ZN B . -4.22 4.08 -0.11
ZN ZN C . -1.19 -9.86 3.52
N GLY A 1 10.24 2.98 -39.85
CA GLY A 1 10.87 2.11 -38.86
C GLY A 1 10.35 2.37 -37.46
N SER A 2 10.56 1.40 -36.57
CA SER A 2 10.12 1.53 -35.19
C SER A 2 10.83 0.53 -34.29
N SER A 3 11.20 0.97 -33.09
CA SER A 3 11.90 0.11 -32.14
C SER A 3 11.29 0.23 -30.75
N GLY A 4 11.65 -0.70 -29.87
CA GLY A 4 11.12 -0.68 -28.52
C GLY A 4 11.18 -2.03 -27.86
N SER A 5 11.53 -2.05 -26.58
CA SER A 5 11.63 -3.30 -25.83
C SER A 5 10.85 -3.21 -24.51
N SER A 6 10.76 -4.34 -23.81
CA SER A 6 10.04 -4.39 -22.54
C SER A 6 10.64 -3.41 -21.54
N GLY A 7 11.98 -3.36 -21.50
CA GLY A 7 12.65 -2.47 -20.59
C GLY A 7 12.32 -2.76 -19.13
N ARG A 8 11.58 -1.85 -18.51
CA ARG A 8 11.19 -2.02 -17.12
C ARG A 8 9.78 -2.60 -17.00
N GLU A 9 9.54 -3.33 -15.92
CA GLU A 9 8.23 -3.94 -15.70
C GLU A 9 7.15 -2.88 -15.53
N THR A 10 6.15 -2.91 -16.42
CA THR A 10 5.06 -1.96 -16.37
C THR A 10 3.75 -2.59 -16.82
N TYR A 11 2.65 -2.17 -16.20
CA TYR A 11 1.33 -2.70 -16.53
C TYR A 11 0.26 -1.63 -16.36
N PRO A 12 -0.84 -1.77 -17.11
CA PRO A 12 -1.96 -0.83 -17.07
C PRO A 12 -2.73 -0.92 -15.75
N ASP A 13 -3.01 -2.15 -15.32
CA ASP A 13 -3.75 -2.37 -14.08
C ASP A 13 -2.96 -3.28 -13.14
N ALA A 14 -2.35 -4.31 -13.71
CA ALA A 14 -1.56 -5.27 -12.92
C ALA A 14 -0.28 -4.62 -12.41
N VAL A 15 -0.42 -3.75 -11.43
CA VAL A 15 0.73 -3.07 -10.85
C VAL A 15 0.57 -2.89 -9.34
N LYS A 16 1.51 -2.19 -8.73
CA LYS A 16 1.47 -1.95 -7.29
C LYS A 16 0.30 -1.05 -6.92
N ILE A 17 -0.85 -1.67 -6.64
CA ILE A 17 -2.05 -0.92 -6.28
C ILE A 17 -2.35 -1.06 -4.79
N CYS A 18 -2.77 0.04 -4.18
CA CYS A 18 -3.10 0.04 -2.75
C CYS A 18 -4.23 -0.94 -2.46
N ASN A 19 -4.43 -1.22 -1.17
CA ASN A 19 -5.48 -2.14 -0.74
C ASN A 19 -6.57 -1.41 0.01
N ILE A 20 -6.24 -0.22 0.52
CA ILE A 20 -7.21 0.58 1.27
C ILE A 20 -7.99 1.50 0.34
N CYS A 21 -7.29 2.10 -0.62
CA CYS A 21 -7.94 3.01 -1.57
C CYS A 21 -7.90 2.42 -2.98
N HIS A 22 -6.96 1.51 -3.22
CA HIS A 22 -6.83 0.87 -4.53
C HIS A 22 -6.26 1.84 -5.55
N SER A 23 -5.38 2.73 -5.10
CA SER A 23 -4.78 3.72 -5.98
C SER A 23 -3.30 3.41 -6.21
N LEU A 24 -2.75 3.93 -7.30
CA LEU A 24 -1.34 3.70 -7.63
C LEU A 24 -0.43 4.34 -6.59
N LEU A 25 0.56 3.59 -6.14
CA LEU A 25 1.51 4.10 -5.14
C LEU A 25 2.95 3.83 -5.58
N ILE A 26 3.87 4.58 -5.01
CA ILE A 26 5.29 4.43 -5.33
C ILE A 26 6.09 3.91 -4.14
N GLN A 27 5.82 4.49 -2.97
CA GLN A 27 6.51 4.07 -1.75
C GLN A 27 5.53 3.98 -0.58
N GLY A 28 5.69 2.94 0.22
CA GLY A 28 4.82 2.74 1.37
C GLY A 28 5.04 1.42 2.06
N GLN A 29 3.94 0.76 2.44
CA GLN A 29 4.03 -0.53 3.12
C GLN A 29 3.70 -1.66 2.15
N SER A 30 4.17 -2.87 2.49
CA SER A 30 3.93 -4.04 1.65
C SER A 30 3.75 -5.30 2.51
N CYS A 31 3.16 -6.32 1.91
CA CYS A 31 2.93 -7.58 2.62
C CYS A 31 3.71 -8.72 1.97
N GLU A 32 4.24 -9.61 2.80
CA GLU A 32 5.02 -10.74 2.31
C GLU A 32 4.18 -12.02 2.35
N THR A 33 2.99 -11.94 2.93
CA THR A 33 2.10 -13.08 3.04
C THR A 33 1.32 -13.29 1.74
N CYS A 34 0.59 -12.27 1.33
CA CYS A 34 -0.21 -12.33 0.10
C CYS A 34 0.45 -11.53 -1.01
N GLY A 35 0.91 -10.32 -0.69
CA GLY A 35 1.55 -9.48 -1.67
C GLY A 35 0.72 -8.25 -2.02
N ILE A 36 0.53 -7.37 -1.03
CA ILE A 36 -0.25 -6.16 -1.24
C ILE A 36 0.42 -4.95 -0.58
N ARG A 37 0.36 -3.81 -1.24
CA ARG A 37 0.96 -2.59 -0.72
C ARG A 37 -0.11 -1.63 -0.21
N MET A 38 0.26 -0.75 0.71
CA MET A 38 -0.67 0.22 1.26
C MET A 38 0.05 1.53 1.58
N HIS A 39 -0.59 2.65 1.23
CA HIS A 39 -0.02 3.97 1.47
C HIS A 39 0.29 4.16 2.96
N LEU A 40 0.99 5.24 3.26
CA LEU A 40 1.36 5.54 4.65
C LEU A 40 0.12 5.81 5.49
N PRO A 41 -0.67 6.81 5.08
CA PRO A 41 -1.90 7.19 5.78
C PRO A 41 -2.99 6.13 5.65
N CYS A 42 -2.82 5.22 4.70
CA CYS A 42 -3.79 4.15 4.48
C CYS A 42 -3.55 2.99 5.44
N VAL A 43 -2.28 2.72 5.72
CA VAL A 43 -1.92 1.63 6.61
C VAL A 43 -2.26 1.96 8.06
N ALA A 44 -1.99 3.20 8.45
CA ALA A 44 -2.28 3.66 9.80
C ALA A 44 -3.78 3.71 10.06
N LYS A 45 -4.52 4.28 9.11
CA LYS A 45 -5.96 4.40 9.23
C LYS A 45 -6.60 3.04 9.51
N TYR A 46 -5.99 1.99 8.98
CA TYR A 46 -6.50 0.63 9.18
C TYR A 46 -5.98 0.05 10.49
N PHE A 47 -4.90 0.62 11.00
CA PHE A 47 -4.29 0.16 12.25
C PHE A 47 -4.20 1.29 13.27
N GLN A 48 -5.16 2.21 13.21
CA GLN A 48 -5.19 3.35 14.13
C GLN A 48 -4.90 2.90 15.55
N SER A 49 -3.76 3.31 16.09
CA SER A 49 -3.37 2.96 17.44
C SER A 49 -3.90 1.58 17.81
N ASN A 50 -3.72 0.62 16.92
CA ASN A 50 -4.18 -0.75 17.15
C ASN A 50 -3.11 -1.58 17.86
N ALA A 51 -3.51 -2.73 18.36
CA ALA A 51 -2.59 -3.62 19.06
C ALA A 51 -1.93 -4.60 18.10
N GLU A 52 -2.73 -5.52 17.58
CA GLU A 52 -2.22 -6.53 16.64
C GLU A 52 -2.70 -6.24 15.23
N PRO A 53 -1.82 -5.66 14.40
CA PRO A 53 -2.13 -5.31 13.01
C PRO A 53 -2.29 -6.55 12.13
N ARG A 54 -3.42 -6.64 11.45
CA ARG A 54 -3.70 -7.78 10.57
C ARG A 54 -3.92 -7.31 9.14
N CYS A 55 -3.27 -8.00 8.19
CA CYS A 55 -3.40 -7.65 6.78
C CYS A 55 -4.86 -7.75 6.33
N PRO A 56 -5.36 -6.68 5.71
CA PRO A 56 -6.74 -6.62 5.21
C PRO A 56 -6.95 -7.53 4.01
N HIS A 57 -5.94 -8.31 3.67
CA HIS A 57 -6.02 -9.23 2.54
C HIS A 57 -5.93 -10.68 3.00
N CYS A 58 -4.80 -11.03 3.61
CA CYS A 58 -4.59 -12.38 4.10
C CYS A 58 -5.00 -12.50 5.56
N ASN A 59 -5.00 -11.38 6.26
CA ASN A 59 -5.37 -11.35 7.68
C ASN A 59 -4.30 -12.02 8.54
N ASP A 60 -3.04 -11.75 8.22
CA ASP A 60 -1.92 -12.32 8.96
C ASP A 60 -1.10 -11.22 9.62
N TYR A 61 -0.56 -11.51 10.79
CA TYR A 61 0.25 -10.56 11.53
C TYR A 61 1.11 -9.72 10.58
N TRP A 62 1.04 -8.40 10.75
CA TRP A 62 1.81 -7.50 9.90
C TRP A 62 3.31 -7.73 10.07
N PRO A 63 3.97 -8.12 8.97
CA PRO A 63 5.41 -8.39 8.98
C PRO A 63 6.24 -7.11 9.14
N HIS A 64 5.57 -5.97 9.03
CA HIS A 64 6.24 -4.67 9.16
C HIS A 64 5.66 -3.88 10.32
N GLU A 65 6.14 -2.65 10.49
CA GLU A 65 5.68 -1.79 11.57
C GLU A 65 4.57 -0.87 11.09
N ILE A 66 3.90 -0.20 12.03
CA ILE A 66 2.82 0.71 11.71
C ILE A 66 3.33 2.15 11.60
N PRO A 67 2.93 2.82 10.51
CA PRO A 67 3.33 4.21 10.26
C PRO A 67 2.67 5.18 11.22
N LYS A 68 2.89 6.48 10.99
CA LYS A 68 2.32 7.52 11.85
C LYS A 68 1.84 8.70 11.01
N SER A 69 0.59 9.10 11.21
CA SER A 69 0.01 10.22 10.48
C SER A 69 0.25 11.53 11.22
N GLY A 70 0.99 12.44 10.58
CA GLY A 70 1.26 13.73 11.20
C GLY A 70 2.26 14.55 10.39
N PRO A 71 2.47 15.81 10.81
CA PRO A 71 3.39 16.72 10.13
C PRO A 71 4.84 16.31 10.31
N SER A 72 5.65 16.57 9.28
CA SER A 72 7.07 16.22 9.33
C SER A 72 7.88 17.32 10.00
N SER A 73 7.62 18.57 9.61
CA SER A 73 8.33 19.71 10.17
C SER A 73 7.35 20.70 10.81
N GLY A 74 6.29 21.02 10.07
CA GLY A 74 5.30 21.95 10.57
C GLY A 74 4.51 22.61 9.46
ZN ZN B . -4.00 3.93 -0.27
ZN ZN C . -1.21 -9.92 3.28
N GLY A 1 8.21 14.48 -14.12
CA GLY A 1 6.86 14.92 -13.82
C GLY A 1 6.11 15.39 -15.06
N SER A 2 5.32 14.49 -15.65
CA SER A 2 4.56 14.82 -16.85
C SER A 2 3.46 13.80 -17.08
N SER A 3 2.52 14.13 -17.96
CA SER A 3 1.40 13.26 -18.26
C SER A 3 0.81 13.60 -19.63
N GLY A 4 0.19 12.60 -20.26
CA GLY A 4 -0.42 12.81 -21.57
C GLY A 4 -0.32 11.60 -22.46
N SER A 5 -0.51 10.41 -21.88
CA SER A 5 -0.43 9.18 -22.64
C SER A 5 -1.70 8.34 -22.45
N SER A 6 -2.69 8.60 -23.30
CA SER A 6 -3.96 7.88 -23.23
C SER A 6 -3.91 6.59 -24.04
N GLY A 7 -4.67 5.60 -23.63
CA GLY A 7 -4.70 4.33 -24.34
C GLY A 7 -4.35 3.16 -23.43
N ARG A 8 -3.07 2.79 -23.42
CA ARG A 8 -2.60 1.68 -22.61
C ARG A 8 -1.56 2.14 -21.60
N GLU A 9 -1.58 1.54 -20.40
CA GLU A 9 -0.63 1.91 -19.36
C GLU A 9 -0.10 0.66 -18.66
N THR A 10 1.21 0.47 -18.74
CA THR A 10 1.85 -0.69 -18.12
C THR A 10 3.17 -0.30 -17.47
N TYR A 11 3.42 -0.85 -16.28
CA TYR A 11 4.64 -0.56 -15.54
C TYR A 11 5.11 -1.78 -14.74
N PRO A 12 6.42 -1.86 -14.51
CA PRO A 12 7.02 -2.97 -13.75
C PRO A 12 6.65 -2.93 -12.27
N ASP A 13 6.82 -1.77 -11.65
CA ASP A 13 6.50 -1.61 -10.24
C ASP A 13 5.58 -0.42 -10.03
N ALA A 14 5.36 0.35 -11.09
CA ALA A 14 4.49 1.52 -11.02
C ALA A 14 3.04 1.15 -11.28
N VAL A 15 2.63 0.00 -10.78
CA VAL A 15 1.26 -0.47 -10.97
C VAL A 15 0.65 -0.92 -9.65
N LYS A 16 1.48 -1.41 -8.74
CA LYS A 16 1.02 -1.87 -7.43
C LYS A 16 -0.10 -0.97 -6.91
N ILE A 17 -1.31 -1.53 -6.84
CA ILE A 17 -2.47 -0.78 -6.35
C ILE A 17 -2.64 -0.95 -4.85
N CYS A 18 -3.02 0.12 -4.17
CA CYS A 18 -3.23 0.08 -2.73
C CYS A 18 -4.33 -0.91 -2.37
N ASN A 19 -4.42 -1.23 -1.08
CA ASN A 19 -5.43 -2.17 -0.60
C ASN A 19 -6.48 -1.47 0.26
N ILE A 20 -6.18 -0.22 0.63
CA ILE A 20 -7.10 0.57 1.45
C ILE A 20 -7.90 1.53 0.60
N CYS A 21 -7.21 2.30 -0.24
CA CYS A 21 -7.86 3.26 -1.11
C CYS A 21 -7.89 2.77 -2.56
N HIS A 22 -7.10 1.73 -2.83
CA HIS A 22 -7.03 1.16 -4.17
C HIS A 22 -6.55 2.20 -5.19
N SER A 23 -5.59 3.01 -4.78
CA SER A 23 -5.05 4.05 -5.65
C SER A 23 -3.61 3.74 -6.04
N LEU A 24 -3.20 4.20 -7.22
CA LEU A 24 -1.85 3.97 -7.71
C LEU A 24 -0.82 4.56 -6.75
N LEU A 25 0.11 3.72 -6.30
CA LEU A 25 1.15 4.14 -5.38
C LEU A 25 2.53 3.81 -5.93
N ILE A 26 3.57 4.23 -5.20
CA ILE A 26 4.95 3.97 -5.62
C ILE A 26 5.76 3.38 -4.47
N GLN A 27 5.81 4.11 -3.37
CA GLN A 27 6.56 3.67 -2.19
C GLN A 27 5.67 3.60 -0.96
N GLY A 28 5.91 2.62 -0.11
CA GLY A 28 5.11 2.47 1.09
C GLY A 28 5.38 1.15 1.80
N GLN A 29 4.31 0.49 2.25
CA GLN A 29 4.43 -0.78 2.95
C GLN A 29 3.85 -1.92 2.11
N SER A 30 4.33 -3.12 2.35
CA SER A 30 3.87 -4.29 1.62
C SER A 30 3.84 -5.53 2.52
N CYS A 31 3.10 -6.55 2.08
CA CYS A 31 2.99 -7.79 2.85
C CYS A 31 3.73 -8.92 2.16
N GLU A 32 4.53 -9.66 2.93
CA GLU A 32 5.29 -10.78 2.40
C GLU A 32 4.46 -12.05 2.39
N THR A 33 3.34 -12.03 3.11
CA THR A 33 2.46 -13.19 3.18
C THR A 33 1.71 -13.40 1.88
N CYS A 34 0.94 -12.39 1.47
CA CYS A 34 0.18 -12.45 0.24
C CYS A 34 0.81 -11.60 -0.85
N GLY A 35 1.13 -10.35 -0.51
CA GLY A 35 1.74 -9.46 -1.46
C GLY A 35 0.83 -8.30 -1.84
N ILE A 36 0.68 -7.35 -0.92
CA ILE A 36 -0.16 -6.18 -1.16
C ILE A 36 0.48 -4.92 -0.59
N ARG A 37 0.44 -3.84 -1.37
CA ARG A 37 1.02 -2.57 -0.94
C ARG A 37 -0.06 -1.66 -0.33
N MET A 38 0.36 -0.80 0.58
CA MET A 38 -0.56 0.12 1.23
C MET A 38 0.13 1.44 1.56
N HIS A 39 -0.55 2.55 1.23
CA HIS A 39 0.00 3.88 1.48
C HIS A 39 0.36 4.05 2.95
N LEU A 40 1.15 5.08 3.24
CA LEU A 40 1.57 5.35 4.60
C LEU A 40 0.38 5.62 5.51
N PRO A 41 -0.43 6.62 5.14
CA PRO A 41 -1.64 7.00 5.90
C PRO A 41 -2.73 5.94 5.81
N CYS A 42 -2.58 5.02 4.86
CA CYS A 42 -3.56 3.95 4.67
C CYS A 42 -3.27 2.77 5.59
N VAL A 43 -1.98 2.55 5.86
CA VAL A 43 -1.57 1.46 6.73
C VAL A 43 -1.85 1.76 8.19
N ALA A 44 -1.54 2.98 8.61
CA ALA A 44 -1.77 3.40 9.99
C ALA A 44 -3.26 3.62 10.25
N LYS A 45 -3.89 4.41 9.40
CA LYS A 45 -5.33 4.70 9.55
C LYS A 45 -6.14 3.42 9.58
N TYR A 46 -5.53 2.32 9.13
CA TYR A 46 -6.19 1.02 9.11
C TYR A 46 -5.89 0.23 10.38
N PHE A 47 -4.75 0.53 10.99
CA PHE A 47 -4.34 -0.15 12.22
C PHE A 47 -4.53 0.76 13.42
N GLN A 48 -5.19 1.89 13.22
CA GLN A 48 -5.43 2.84 14.30
C GLN A 48 -6.37 2.25 15.34
N SER A 49 -6.13 2.60 16.60
CA SER A 49 -6.95 2.09 17.70
C SER A 49 -6.70 0.61 17.93
N ASN A 50 -5.47 0.17 17.69
CA ASN A 50 -5.10 -1.22 17.87
C ASN A 50 -3.59 -1.41 17.77
N ALA A 51 -3.06 -2.37 18.51
CA ALA A 51 -1.63 -2.66 18.49
C ALA A 51 -1.27 -3.64 17.39
N GLU A 52 -1.57 -4.92 17.60
CA GLU A 52 -1.29 -5.95 16.63
C GLU A 52 -2.05 -5.71 15.33
N PRO A 53 -1.32 -5.34 14.27
CA PRO A 53 -1.91 -5.06 12.95
C PRO A 53 -2.43 -6.33 12.28
N ARG A 54 -3.11 -6.15 11.15
CA ARG A 54 -3.66 -7.28 10.41
C ARG A 54 -3.79 -6.95 8.93
N CYS A 55 -3.06 -7.68 8.09
CA CYS A 55 -3.10 -7.46 6.65
C CYS A 55 -4.54 -7.42 6.14
N PRO A 56 -4.88 -6.35 5.41
CA PRO A 56 -6.22 -6.17 4.84
C PRO A 56 -6.51 -7.16 3.72
N HIS A 57 -5.56 -8.05 3.46
CA HIS A 57 -5.73 -9.05 2.41
C HIS A 57 -5.83 -10.45 3.00
N CYS A 58 -4.73 -10.92 3.59
CA CYS A 58 -4.70 -12.25 4.19
C CYS A 58 -5.22 -12.21 5.62
N ASN A 59 -5.11 -11.04 6.26
CA ASN A 59 -5.57 -10.87 7.63
C ASN A 59 -4.87 -11.84 8.56
N ASP A 60 -3.56 -11.98 8.40
CA ASP A 60 -2.77 -12.88 9.23
C ASP A 60 -1.95 -12.09 10.25
N TYR A 61 -1.00 -11.31 9.76
CA TYR A 61 -0.14 -10.51 10.63
C TYR A 61 0.79 -9.61 9.82
N TRP A 62 0.96 -8.38 10.26
CA TRP A 62 1.82 -7.43 9.57
C TRP A 62 3.27 -7.62 9.99
N PRO A 63 4.10 -8.11 9.06
CA PRO A 63 5.52 -8.35 9.30
C PRO A 63 6.31 -7.06 9.44
N HIS A 64 5.65 -5.93 9.16
CA HIS A 64 6.29 -4.62 9.26
C HIS A 64 5.69 -3.81 10.39
N GLU A 65 6.29 -2.65 10.66
CA GLU A 65 5.81 -1.78 11.73
C GLU A 65 4.61 -0.96 11.26
N ILE A 66 4.15 -0.05 12.12
CA ILE A 66 3.01 0.79 11.80
C ILE A 66 3.44 2.24 11.62
N PRO A 67 3.17 2.80 10.43
CA PRO A 67 3.52 4.18 10.11
C PRO A 67 2.67 5.19 10.88
N LYS A 68 2.92 6.47 10.64
CA LYS A 68 2.17 7.54 11.31
C LYS A 68 1.76 8.62 10.32
N SER A 69 0.91 9.53 10.76
CA SER A 69 0.43 10.61 9.91
C SER A 69 0.87 11.96 10.47
N GLY A 70 2.03 12.43 10.03
CA GLY A 70 2.55 13.70 10.48
C GLY A 70 3.08 14.56 9.34
N PRO A 71 3.39 15.82 9.64
CA PRO A 71 3.91 16.77 8.65
C PRO A 71 5.32 16.43 8.21
N SER A 72 5.44 15.54 7.23
CA SER A 72 6.74 15.12 6.73
C SER A 72 6.82 15.31 5.21
N SER A 73 5.89 14.68 4.50
CA SER A 73 5.85 14.77 3.04
C SER A 73 7.18 14.31 2.44
N GLY A 74 7.73 13.23 2.98
CA GLY A 74 8.98 12.69 2.48
C GLY A 74 10.18 13.47 3.01
ZN ZN B . -4.07 3.88 -0.08
ZN ZN C . -0.95 -10.23 3.50
N GLY A 1 -4.70 5.00 -38.07
CA GLY A 1 -3.45 4.54 -38.68
C GLY A 1 -2.29 4.55 -37.69
N SER A 2 -1.68 3.38 -37.50
CA SER A 2 -0.56 3.27 -36.58
C SER A 2 0.77 3.41 -37.31
N SER A 3 1.64 4.26 -36.78
CA SER A 3 2.95 4.50 -37.39
C SER A 3 4.00 3.57 -36.80
N GLY A 4 4.10 3.57 -35.47
CA GLY A 4 5.07 2.72 -34.80
C GLY A 4 5.85 3.46 -33.74
N SER A 5 5.25 3.60 -32.56
CA SER A 5 5.90 4.30 -31.45
C SER A 5 6.03 3.39 -30.24
N SER A 6 7.26 3.17 -29.80
CA SER A 6 7.52 2.31 -28.65
C SER A 6 6.49 2.55 -27.55
N GLY A 7 6.05 1.46 -26.92
CA GLY A 7 5.06 1.57 -25.86
C GLY A 7 5.68 1.47 -24.49
N ARG A 8 5.25 2.35 -23.58
CA ARG A 8 5.78 2.35 -22.22
C ARG A 8 5.04 1.34 -21.35
N GLU A 9 5.57 1.09 -20.16
CA GLU A 9 4.96 0.14 -19.24
C GLU A 9 3.88 0.82 -18.40
N THR A 10 2.68 0.24 -18.41
CA THR A 10 1.56 0.79 -17.64
C THR A 10 0.34 -0.10 -17.75
N TYR A 11 -0.28 -0.39 -16.62
CA TYR A 11 -1.47 -1.24 -16.59
C TYR A 11 -2.52 -0.66 -15.64
N PRO A 12 -3.80 -0.97 -15.94
CA PRO A 12 -4.93 -0.50 -15.13
C PRO A 12 -4.98 -1.15 -13.75
N ASP A 13 -4.92 -2.47 -13.73
CA ASP A 13 -4.95 -3.22 -12.48
C ASP A 13 -3.89 -4.32 -12.47
N ALA A 14 -2.69 -3.99 -12.94
CA ALA A 14 -1.59 -4.94 -12.99
C ALA A 14 -0.30 -4.32 -12.48
N VAL A 15 -0.42 -3.46 -11.48
CA VAL A 15 0.75 -2.80 -10.90
C VAL A 15 0.58 -2.61 -9.40
N LYS A 16 1.55 -1.93 -8.78
CA LYS A 16 1.52 -1.68 -7.35
C LYS A 16 0.34 -0.79 -6.98
N ILE A 17 -0.81 -1.41 -6.71
CA ILE A 17 -2.01 -0.66 -6.35
C ILE A 17 -2.35 -0.86 -4.88
N CYS A 18 -2.79 0.22 -4.22
CA CYS A 18 -3.14 0.17 -2.81
C CYS A 18 -4.31 -0.79 -2.58
N ASN A 19 -4.57 -1.10 -1.32
CA ASN A 19 -5.66 -2.00 -0.96
C ASN A 19 -6.75 -1.27 -0.17
N ILE A 20 -6.34 -0.21 0.53
CA ILE A 20 -7.28 0.58 1.32
C ILE A 20 -8.05 1.55 0.44
N CYS A 21 -7.35 2.21 -0.47
CA CYS A 21 -7.97 3.18 -1.38
C CYS A 21 -7.96 2.66 -2.81
N HIS A 22 -7.01 1.77 -3.10
CA HIS A 22 -6.90 1.20 -4.44
C HIS A 22 -6.36 2.23 -5.42
N SER A 23 -5.42 3.04 -4.97
CA SER A 23 -4.83 4.07 -5.81
C SER A 23 -3.35 3.79 -6.07
N LEU A 24 -2.90 4.12 -7.28
CA LEU A 24 -1.51 3.89 -7.66
C LEU A 24 -0.56 4.48 -6.62
N LEU A 25 0.42 3.68 -6.20
CA LEU A 25 1.39 4.11 -5.21
C LEU A 25 2.82 3.88 -5.70
N ILE A 26 3.78 4.46 -5.00
CA ILE A 26 5.19 4.32 -5.36
C ILE A 26 5.85 3.20 -4.57
N GLN A 27 5.98 3.41 -3.26
CA GLN A 27 6.60 2.43 -2.39
C GLN A 27 5.69 2.09 -1.21
N GLY A 28 5.50 3.07 -0.32
CA GLY A 28 4.65 2.86 0.84
C GLY A 28 4.98 1.58 1.58
N GLN A 29 3.95 0.94 2.11
CA GLN A 29 4.13 -0.31 2.85
C GLN A 29 3.73 -1.51 2.00
N SER A 30 4.35 -2.66 2.28
CA SER A 30 4.06 -3.88 1.54
C SER A 30 3.90 -5.07 2.49
N CYS A 31 3.26 -6.13 1.99
CA CYS A 31 3.04 -7.32 2.79
C CYS A 31 3.80 -8.51 2.21
N GLU A 32 4.44 -9.28 3.08
CA GLU A 32 5.21 -10.45 2.65
C GLU A 32 4.34 -11.70 2.69
N THR A 33 3.21 -11.62 3.39
CA THR A 33 2.30 -12.75 3.50
C THR A 33 1.58 -13.02 2.19
N CYS A 34 0.87 -12.02 1.69
CA CYS A 34 0.13 -12.15 0.44
C CYS A 34 0.85 -11.41 -0.70
N GLY A 35 1.25 -10.17 -0.42
CA GLY A 35 1.94 -9.38 -1.42
C GLY A 35 1.16 -8.15 -1.83
N ILE A 36 0.55 -7.48 -0.86
CA ILE A 36 -0.24 -6.28 -1.13
C ILE A 36 0.42 -5.05 -0.55
N ARG A 37 0.37 -3.95 -1.29
CA ARG A 37 0.97 -2.69 -0.84
C ARG A 37 -0.11 -1.72 -0.37
N MET A 38 0.26 -0.84 0.56
CA MET A 38 -0.67 0.15 1.10
C MET A 38 0.04 1.46 1.39
N HIS A 39 -0.64 2.57 1.13
CA HIS A 39 -0.08 3.89 1.36
C HIS A 39 0.28 4.08 2.83
N LEU A 40 1.06 5.12 3.11
CA LEU A 40 1.48 5.41 4.48
C LEU A 40 0.28 5.70 5.38
N PRO A 41 -0.51 6.71 4.98
CA PRO A 41 -1.71 7.10 5.73
C PRO A 41 -2.82 6.07 5.64
N CYS A 42 -2.67 5.12 4.72
CA CYS A 42 -3.67 4.07 4.53
C CYS A 42 -3.39 2.89 5.45
N VAL A 43 -2.10 2.59 5.65
CA VAL A 43 -1.70 1.49 6.52
C VAL A 43 -2.05 1.77 7.97
N ALA A 44 -1.72 2.97 8.43
CA ALA A 44 -1.98 3.37 9.81
C ALA A 44 -3.48 3.45 10.06
N LYS A 45 -4.21 4.08 9.15
CA LYS A 45 -5.65 4.22 9.27
C LYS A 45 -6.32 2.87 9.52
N TYR A 46 -5.66 1.80 9.07
CA TYR A 46 -6.19 0.45 9.25
C TYR A 46 -5.60 -0.20 10.49
N PHE A 47 -4.42 0.27 10.91
CA PHE A 47 -3.75 -0.27 12.09
C PHE A 47 -3.63 0.79 13.18
N GLN A 48 -4.64 1.65 13.27
CA GLN A 48 -4.63 2.71 14.27
C GLN A 48 -5.49 2.33 15.48
N SER A 49 -5.02 2.70 16.67
CA SER A 49 -5.75 2.39 17.90
C SER A 49 -5.94 0.88 18.04
N ASN A 50 -4.91 0.12 17.66
CA ASN A 50 -4.98 -1.33 17.76
C ASN A 50 -3.69 -1.89 18.36
N ALA A 51 -3.76 -3.12 18.84
CA ALA A 51 -2.59 -3.78 19.45
C ALA A 51 -1.92 -4.71 18.45
N GLU A 52 -2.72 -5.48 17.72
CA GLU A 52 -2.19 -6.42 16.75
C GLU A 52 -2.78 -6.16 15.37
N PRO A 53 -1.98 -5.54 14.49
CA PRO A 53 -2.40 -5.22 13.12
C PRO A 53 -2.56 -6.47 12.25
N ARG A 54 -3.68 -6.53 11.53
CA ARG A 54 -3.96 -7.67 10.67
C ARG A 54 -4.18 -7.23 9.23
N CYS A 55 -3.33 -7.71 8.33
CA CYS A 55 -3.42 -7.36 6.92
C CYS A 55 -4.86 -7.49 6.42
N PRO A 56 -5.36 -6.44 5.76
CA PRO A 56 -6.72 -6.42 5.21
C PRO A 56 -6.89 -7.37 4.03
N HIS A 57 -5.84 -8.14 3.74
CA HIS A 57 -5.88 -9.09 2.64
C HIS A 57 -5.77 -10.52 3.15
N CYS A 58 -4.59 -10.88 3.64
CA CYS A 58 -4.35 -12.23 4.16
C CYS A 58 -4.90 -12.36 5.58
N ASN A 59 -5.00 -11.23 6.28
CA ASN A 59 -5.50 -11.22 7.64
C ASN A 59 -4.47 -11.84 8.60
N ASP A 60 -3.20 -11.61 8.32
CA ASP A 60 -2.13 -12.14 9.16
C ASP A 60 -1.31 -11.01 9.77
N TYR A 61 -0.80 -11.24 10.98
CA TYR A 61 0.00 -10.25 11.68
C TYR A 61 0.86 -9.46 10.71
N TRP A 62 0.73 -8.13 10.76
CA TRP A 62 1.49 -7.26 9.88
C TRP A 62 2.99 -7.40 10.14
N PRO A 63 3.72 -7.91 9.14
CA PRO A 63 5.17 -8.12 9.24
C PRO A 63 5.93 -6.79 9.24
N HIS A 64 5.51 -5.86 8.38
CA HIS A 64 6.15 -4.56 8.29
C HIS A 64 5.80 -3.69 9.49
N GLU A 65 6.44 -2.53 9.58
CA GLU A 65 6.20 -1.60 10.68
C GLU A 65 4.99 -0.72 10.39
N ILE A 66 4.43 -0.12 11.44
CA ILE A 66 3.27 0.75 11.30
C ILE A 66 3.69 2.22 11.23
N PRO A 67 3.23 2.91 10.16
CA PRO A 67 3.54 4.32 9.96
C PRO A 67 2.85 5.22 10.98
N LYS A 68 3.38 6.44 11.14
CA LYS A 68 2.81 7.40 12.08
C LYS A 68 1.59 8.08 11.49
N SER A 69 0.93 8.91 12.29
CA SER A 69 -0.26 9.63 11.84
C SER A 69 0.06 11.10 11.59
N GLY A 70 1.14 11.58 12.20
CA GLY A 70 1.54 12.97 12.03
C GLY A 70 0.46 13.93 12.47
N PRO A 71 0.82 15.22 12.56
CA PRO A 71 -0.11 16.28 12.97
C PRO A 71 -1.18 16.55 11.92
N SER A 72 -2.35 17.00 12.38
CA SER A 72 -3.46 17.28 11.48
C SER A 72 -3.11 18.43 10.52
N SER A 73 -4.00 18.69 9.58
CA SER A 73 -3.78 19.75 8.61
C SER A 73 -4.95 20.74 8.60
N GLY A 74 -4.83 21.81 9.38
CA GLY A 74 -5.88 22.79 9.44
C GLY A 74 -5.68 23.91 8.43
ZN ZN B . -4.09 3.95 -0.20
ZN ZN C . -1.11 -9.59 3.47
N GLY A 1 -11.18 23.52 -26.93
CA GLY A 1 -10.59 22.50 -26.09
C GLY A 1 -9.18 22.13 -26.53
N SER A 2 -8.30 21.90 -25.56
CA SER A 2 -6.92 21.54 -25.86
C SER A 2 -6.61 20.12 -25.36
N SER A 3 -5.53 19.55 -25.89
CA SER A 3 -5.13 18.20 -25.51
C SER A 3 -3.67 17.94 -25.86
N GLY A 4 -3.14 16.82 -25.39
CA GLY A 4 -1.75 16.48 -25.67
C GLY A 4 -1.50 14.99 -25.61
N SER A 5 -0.95 14.45 -26.68
CA SER A 5 -0.65 13.02 -26.75
C SER A 5 -0.06 12.52 -25.43
N SER A 6 -0.07 11.20 -25.25
CA SER A 6 0.46 10.60 -24.03
C SER A 6 0.75 9.12 -24.24
N GLY A 7 1.44 8.52 -23.28
CA GLY A 7 1.77 7.11 -23.38
C GLY A 7 2.68 6.65 -22.25
N ARG A 8 2.28 5.58 -21.57
CA ARG A 8 3.06 5.04 -20.47
C ARG A 8 2.55 3.66 -20.05
N GLU A 9 3.30 2.98 -19.19
CA GLU A 9 2.92 1.66 -18.71
C GLU A 9 1.63 1.73 -17.90
N THR A 10 0.56 1.13 -18.42
CA THR A 10 -0.72 1.12 -17.74
C THR A 10 -1.37 -0.26 -17.80
N TYR A 11 -1.85 -0.73 -16.66
CA TYR A 11 -2.50 -2.04 -16.59
C TYR A 11 -3.56 -2.07 -15.49
N PRO A 12 -4.58 -2.91 -15.68
CA PRO A 12 -5.68 -3.06 -14.72
C PRO A 12 -5.23 -3.72 -13.41
N ASP A 13 -4.56 -4.85 -13.53
CA ASP A 13 -4.07 -5.59 -12.38
C ASP A 13 -2.62 -6.01 -12.56
N ALA A 14 -1.85 -5.17 -13.24
CA ALA A 14 -0.44 -5.46 -13.49
C ALA A 14 0.44 -4.30 -13.03
N VAL A 15 -0.01 -3.58 -12.02
CA VAL A 15 0.74 -2.44 -11.48
C VAL A 15 0.60 -2.36 -9.97
N LYS A 16 1.33 -1.41 -9.37
CA LYS A 16 1.29 -1.22 -7.92
C LYS A 16 0.04 -0.43 -7.51
N ILE A 17 -0.97 -1.14 -7.03
CA ILE A 17 -2.21 -0.51 -6.60
C ILE A 17 -2.47 -0.75 -5.12
N CYS A 18 -2.90 0.29 -4.42
CA CYS A 18 -3.18 0.19 -2.99
C CYS A 18 -4.32 -0.80 -2.73
N ASN A 19 -4.50 -1.17 -1.47
CA ASN A 19 -5.55 -2.11 -1.09
C ASN A 19 -6.62 -1.42 -0.25
N ILE A 20 -6.28 -0.25 0.29
CA ILE A 20 -7.21 0.52 1.11
C ILE A 20 -8.03 1.48 0.25
N CYS A 21 -7.36 2.15 -0.68
CA CYS A 21 -8.02 3.11 -1.56
C CYS A 21 -7.95 2.64 -3.02
N HIS A 22 -6.99 1.77 -3.31
CA HIS A 22 -6.81 1.24 -4.65
C HIS A 22 -6.28 2.32 -5.59
N SER A 23 -5.33 3.11 -5.10
CA SER A 23 -4.74 4.18 -5.89
C SER A 23 -3.27 3.90 -6.17
N LEU A 24 -2.81 4.32 -7.35
CA LEU A 24 -1.43 4.11 -7.74
C LEU A 24 -0.47 4.64 -6.68
N LEU A 25 0.46 3.80 -6.24
CA LEU A 25 1.42 4.18 -5.23
C LEU A 25 2.85 3.90 -5.70
N ILE A 26 3.82 4.45 -4.98
CA ILE A 26 5.22 4.26 -5.33
C ILE A 26 6.00 3.65 -4.16
N GLN A 27 6.10 4.40 -3.08
CA GLN A 27 6.82 3.93 -1.89
C GLN A 27 5.90 3.90 -0.68
N GLY A 28 5.62 2.71 -0.18
CA GLY A 28 4.75 2.57 0.98
C GLY A 28 5.03 1.29 1.76
N GLN A 29 3.96 0.59 2.14
CA GLN A 29 4.10 -0.65 2.88
C GLN A 29 3.52 -1.82 2.12
N SER A 30 4.08 -3.01 2.34
CA SER A 30 3.62 -4.21 1.66
C SER A 30 3.54 -5.39 2.64
N CYS A 31 2.80 -6.42 2.24
CA CYS A 31 2.64 -7.60 3.07
C CYS A 31 3.51 -8.75 2.55
N GLU A 32 4.39 -9.26 3.42
CA GLU A 32 5.26 -10.35 3.06
C GLU A 32 4.57 -11.70 3.23
N THR A 33 3.24 -11.68 3.18
CA THR A 33 2.45 -12.90 3.33
C THR A 33 1.69 -13.22 2.05
N CYS A 34 0.86 -12.29 1.61
CA CYS A 34 0.08 -12.47 0.40
C CYS A 34 0.63 -11.62 -0.75
N GLY A 35 0.91 -10.36 -0.47
CA GLY A 35 1.44 -9.47 -1.48
C GLY A 35 0.52 -8.30 -1.76
N ILE A 36 0.32 -7.44 -0.76
CA ILE A 36 -0.53 -6.28 -0.90
C ILE A 36 0.17 -5.02 -0.41
N ARG A 37 0.07 -3.95 -1.20
CA ARG A 37 0.69 -2.67 -0.84
C ARG A 37 -0.35 -1.70 -0.27
N MET A 38 0.10 -0.84 0.63
CA MET A 38 -0.79 0.14 1.25
C MET A 38 -0.05 1.45 1.52
N HIS A 39 -0.67 2.56 1.15
CA HIS A 39 -0.07 3.88 1.35
C HIS A 39 0.32 4.08 2.82
N LEU A 40 1.08 5.12 3.08
CA LEU A 40 1.52 5.42 4.44
C LEU A 40 0.34 5.70 5.35
N PRO A 41 -0.48 6.69 4.97
CA PRO A 41 -1.67 7.07 5.74
C PRO A 41 -2.77 6.02 5.68
N CYS A 42 -2.66 5.11 4.72
CA CYS A 42 -3.64 4.04 4.54
C CYS A 42 -3.36 2.89 5.50
N VAL A 43 -2.08 2.59 5.71
CA VAL A 43 -1.67 1.50 6.60
C VAL A 43 -1.98 1.86 8.06
N ALA A 44 -1.61 3.07 8.45
CA ALA A 44 -1.84 3.53 9.81
C ALA A 44 -3.33 3.72 10.08
N LYS A 45 -4.01 4.36 9.15
CA LYS A 45 -5.45 4.61 9.28
C LYS A 45 -6.20 3.31 9.60
N TYR A 46 -5.66 2.20 9.12
CA TYR A 46 -6.27 0.90 9.36
C TYR A 46 -5.70 0.23 10.61
N PHE A 47 -4.55 0.72 11.05
CA PHE A 47 -3.89 0.19 12.24
C PHE A 47 -3.55 1.30 13.22
N GLN A 48 -4.48 2.23 13.41
CA GLN A 48 -4.29 3.34 14.33
C GLN A 48 -4.71 2.96 15.73
N SER A 49 -5.89 2.37 15.86
CA SER A 49 -6.42 1.95 17.15
C SER A 49 -6.45 0.44 17.27
N ASN A 50 -5.31 -0.15 17.64
CA ASN A 50 -5.22 -1.60 17.80
C ASN A 50 -3.84 -1.98 18.33
N ALA A 51 -3.75 -3.19 18.90
CA ALA A 51 -2.50 -3.69 19.45
C ALA A 51 -1.70 -4.43 18.39
N GLU A 52 -2.29 -5.49 17.85
CA GLU A 52 -1.64 -6.30 16.83
C GLU A 52 -2.25 -6.05 15.45
N PRO A 53 -1.43 -5.55 14.53
CA PRO A 53 -1.86 -5.24 13.16
C PRO A 53 -2.16 -6.52 12.36
N ARG A 54 -3.22 -6.46 11.56
CA ARG A 54 -3.61 -7.61 10.74
C ARG A 54 -3.83 -7.18 9.28
N CYS A 55 -3.25 -7.93 8.36
CA CYS A 55 -3.37 -7.64 6.94
C CYS A 55 -4.83 -7.69 6.50
N PRO A 56 -5.28 -6.62 5.83
CA PRO A 56 -6.66 -6.52 5.34
C PRO A 56 -6.94 -7.50 4.20
N HIS A 57 -5.92 -8.23 3.77
CA HIS A 57 -6.06 -9.20 2.69
C HIS A 57 -6.07 -10.62 3.24
N CYS A 58 -4.93 -11.06 3.74
CA CYS A 58 -4.80 -12.41 4.29
C CYS A 58 -5.27 -12.45 5.74
N ASN A 59 -5.02 -11.36 6.47
CA ASN A 59 -5.42 -11.27 7.88
C ASN A 59 -4.60 -12.23 8.74
N ASP A 60 -3.29 -12.25 8.51
CA ASP A 60 -2.41 -13.13 9.28
C ASP A 60 -1.59 -12.33 10.28
N TYR A 61 -0.72 -11.47 9.78
CA TYR A 61 0.13 -10.65 10.64
C TYR A 61 0.94 -9.66 9.81
N TRP A 62 1.12 -8.46 10.35
CA TRP A 62 1.90 -7.42 9.67
C TRP A 62 3.37 -7.53 10.00
N PRO A 63 4.19 -7.93 9.02
CA PRO A 63 5.64 -8.07 9.20
C PRO A 63 6.34 -6.73 9.36
N HIS A 64 5.94 -5.75 8.56
CA HIS A 64 6.53 -4.43 8.62
C HIS A 64 5.97 -3.63 9.80
N GLU A 65 6.49 -2.43 9.99
CA GLU A 65 6.04 -1.57 11.09
C GLU A 65 4.87 -0.70 10.65
N ILE A 66 4.17 -0.12 11.62
CA ILE A 66 3.03 0.75 11.34
C ILE A 66 3.46 2.20 11.25
N PRO A 67 3.10 2.87 10.14
CA PRO A 67 3.42 4.27 9.91
C PRO A 67 2.66 5.20 10.83
N LYS A 68 3.08 6.46 10.89
CA LYS A 68 2.43 7.46 11.72
C LYS A 68 2.14 8.73 10.93
N SER A 69 0.89 9.18 10.98
CA SER A 69 0.47 10.38 10.27
C SER A 69 0.66 11.62 11.15
N GLY A 70 1.25 12.67 10.57
CA GLY A 70 1.48 13.89 11.29
C GLY A 70 0.19 14.61 11.65
N PRO A 71 0.31 15.72 12.38
CA PRO A 71 -0.84 16.53 12.81
C PRO A 71 -1.49 17.26 11.64
N SER A 72 -0.97 17.03 10.44
CA SER A 72 -1.50 17.68 9.24
C SER A 72 -2.20 16.66 8.35
N SER A 73 -3.30 17.09 7.73
CA SER A 73 -4.07 16.22 6.85
C SER A 73 -3.15 15.39 5.96
N GLY A 74 -3.62 14.20 5.59
CA GLY A 74 -2.83 13.33 4.74
C GLY A 74 -2.26 14.06 3.53
ZN ZN B . -4.13 3.91 -0.26
ZN ZN C . -1.26 -10.14 3.55
N GLY A 1 16.92 17.98 -15.38
CA GLY A 1 17.39 17.10 -16.44
C GLY A 1 16.85 15.70 -16.32
N SER A 2 16.57 15.06 -17.45
CA SER A 2 16.04 13.70 -17.47
C SER A 2 16.55 12.93 -18.68
N SER A 3 16.28 11.63 -18.70
CA SER A 3 16.72 10.78 -19.80
C SER A 3 15.52 10.30 -20.63
N GLY A 4 15.81 9.56 -21.68
CA GLY A 4 14.75 9.05 -22.54
C GLY A 4 15.07 7.68 -23.12
N SER A 5 14.14 6.75 -22.96
CA SER A 5 14.33 5.40 -23.46
C SER A 5 13.04 4.86 -24.10
N SER A 6 13.13 3.66 -24.67
CA SER A 6 11.98 3.04 -25.31
C SER A 6 11.17 2.22 -24.30
N GLY A 7 10.05 1.66 -24.75
CA GLY A 7 9.21 0.86 -23.89
C GLY A 7 8.61 1.68 -22.76
N ARG A 8 7.46 1.21 -22.25
CA ARG A 8 6.78 1.91 -21.17
C ARG A 8 5.89 0.95 -20.39
N GLU A 9 6.29 0.66 -19.15
CA GLU A 9 5.53 -0.26 -18.30
C GLU A 9 4.37 0.48 -17.62
N THR A 10 3.17 -0.08 -17.77
CA THR A 10 1.98 0.52 -17.17
C THR A 10 0.77 -0.37 -17.38
N TYR A 11 0.00 -0.57 -16.30
CA TYR A 11 -1.20 -1.40 -16.37
C TYR A 11 -2.30 -0.84 -15.48
N PRO A 12 -3.56 -1.10 -15.86
CA PRO A 12 -4.73 -0.63 -15.10
C PRO A 12 -4.88 -1.35 -13.76
N ASP A 13 -4.82 -2.68 -13.80
CA ASP A 13 -4.96 -3.48 -12.60
C ASP A 13 -3.89 -4.56 -12.54
N ALA A 14 -2.68 -4.21 -12.98
CA ALA A 14 -1.56 -5.15 -12.98
C ALA A 14 -0.30 -4.50 -12.43
N VAL A 15 -0.48 -3.54 -11.53
CA VAL A 15 0.65 -2.85 -10.92
C VAL A 15 0.47 -2.72 -9.42
N LYS A 16 1.38 -1.99 -8.78
CA LYS A 16 1.33 -1.78 -7.34
C LYS A 16 0.15 -0.88 -6.96
N ILE A 17 -0.91 -1.48 -6.46
CA ILE A 17 -2.09 -0.72 -6.06
C ILE A 17 -2.40 -0.93 -4.58
N CYS A 18 -3.02 0.07 -3.97
CA CYS A 18 -3.37 0.01 -2.56
C CYS A 18 -4.57 -0.91 -2.33
N ASN A 19 -4.81 -1.26 -1.07
CA ASN A 19 -5.93 -2.14 -0.73
C ASN A 19 -6.97 -1.38 0.10
N ILE A 20 -6.59 -0.20 0.58
CA ILE A 20 -7.50 0.62 1.38
C ILE A 20 -8.26 1.62 0.50
N CYS A 21 -7.56 2.18 -0.47
CA CYS A 21 -8.17 3.14 -1.38
C CYS A 21 -8.07 2.67 -2.82
N HIS A 22 -7.24 1.67 -3.05
CA HIS A 22 -7.07 1.12 -4.40
C HIS A 22 -6.50 2.17 -5.34
N SER A 23 -5.44 2.84 -4.91
CA SER A 23 -4.80 3.87 -5.72
C SER A 23 -3.31 3.60 -5.88
N LEU A 24 -2.76 4.01 -7.01
CA LEU A 24 -1.34 3.81 -7.28
C LEU A 24 -0.48 4.37 -6.15
N LEU A 25 0.44 3.54 -5.66
CA LEU A 25 1.33 3.95 -4.57
C LEU A 25 2.79 3.78 -4.97
N ILE A 26 3.69 4.23 -4.11
CA ILE A 26 5.12 4.13 -4.37
C ILE A 26 5.92 4.36 -3.09
N GLN A 27 6.84 3.44 -2.81
CA GLN A 27 7.69 3.54 -1.62
C GLN A 27 6.83 3.51 -0.35
N GLY A 28 5.90 2.57 -0.29
CA GLY A 28 5.04 2.45 0.87
C GLY A 28 5.20 1.11 1.57
N GLN A 29 4.16 0.69 2.28
CA GLN A 29 4.19 -0.57 3.01
C GLN A 29 3.64 -1.70 2.15
N SER A 30 4.35 -2.83 2.14
CA SER A 30 3.94 -3.98 1.35
C SER A 30 3.89 -5.24 2.22
N CYS A 31 2.98 -6.15 1.89
CA CYS A 31 2.83 -7.39 2.63
C CYS A 31 3.71 -8.48 2.05
N GLU A 32 4.55 -9.07 2.90
CA GLU A 32 5.45 -10.13 2.46
C GLU A 32 4.82 -11.51 2.67
N THR A 33 3.49 -11.53 2.77
CA THR A 33 2.76 -12.78 2.97
C THR A 33 1.90 -13.11 1.76
N CYS A 34 0.95 -12.25 1.45
CA CYS A 34 0.05 -12.45 0.31
C CYS A 34 0.59 -11.74 -0.92
N GLY A 35 0.92 -10.46 -0.77
CA GLY A 35 1.44 -9.68 -1.89
C GLY A 35 0.68 -8.39 -2.09
N ILE A 36 0.11 -7.86 -1.00
CA ILE A 36 -0.65 -6.62 -1.07
C ILE A 36 0.05 -5.51 -0.28
N ARG A 37 0.01 -4.29 -0.82
CA ARG A 37 0.63 -3.15 -0.17
C ARG A 37 -0.39 -2.05 0.09
N MET A 38 -0.04 -1.11 0.95
CA MET A 38 -0.92 0.01 1.27
C MET A 38 -0.13 1.30 1.45
N HIS A 39 -0.81 2.43 1.28
CA HIS A 39 -0.16 3.73 1.42
C HIS A 39 0.30 3.96 2.85
N LEU A 40 1.02 5.06 3.06
CA LEU A 40 1.53 5.40 4.39
C LEU A 40 0.40 5.71 5.35
N PRO A 41 -0.43 6.70 4.98
CA PRO A 41 -1.57 7.12 5.80
C PRO A 41 -2.68 6.07 5.82
N CYS A 42 -2.61 5.11 4.92
CA CYS A 42 -3.59 4.05 4.84
C CYS A 42 -3.27 2.92 5.81
N VAL A 43 -1.98 2.61 5.93
CA VAL A 43 -1.53 1.55 6.83
C VAL A 43 -1.80 1.92 8.29
N ALA A 44 -1.37 3.11 8.68
CA ALA A 44 -1.57 3.58 10.05
C ALA A 44 -3.05 3.72 10.38
N LYS A 45 -3.78 4.43 9.51
CA LYS A 45 -5.21 4.63 9.71
C LYS A 45 -5.92 3.30 9.97
N TYR A 46 -5.38 2.23 9.39
CA TYR A 46 -5.97 0.90 9.56
C TYR A 46 -5.33 0.17 10.74
N PHE A 47 -4.16 0.65 11.16
CA PHE A 47 -3.45 0.04 12.28
C PHE A 47 -3.12 1.08 13.34
N GLN A 48 -4.05 2.01 13.57
CA GLN A 48 -3.85 3.06 14.56
C GLN A 48 -4.70 2.80 15.79
N SER A 49 -5.85 2.17 15.60
CA SER A 49 -6.74 1.86 16.70
C SER A 49 -6.41 0.51 17.33
N ASN A 50 -6.61 -0.56 16.56
CA ASN A 50 -6.33 -1.91 17.04
C ASN A 50 -4.90 -2.01 17.56
N ALA A 51 -4.65 -3.00 18.41
CA ALA A 51 -3.33 -3.21 18.98
C ALA A 51 -2.43 -3.98 18.01
N GLU A 52 -2.94 -5.10 17.51
CA GLU A 52 -2.19 -5.93 16.58
C GLU A 52 -2.63 -5.67 15.14
N PRO A 53 -1.71 -5.15 14.31
CA PRO A 53 -2.00 -4.85 12.91
C PRO A 53 -2.16 -6.11 12.07
N ARG A 54 -3.34 -6.27 11.48
CA ARG A 54 -3.64 -7.43 10.65
C ARG A 54 -3.90 -7.02 9.21
N CYS A 55 -3.38 -7.81 8.27
CA CYS A 55 -3.56 -7.53 6.85
C CYS A 55 -5.02 -7.71 6.43
N PRO A 56 -5.58 -6.69 5.77
CA PRO A 56 -6.96 -6.71 5.30
C PRO A 56 -7.17 -7.70 4.16
N HIS A 57 -6.13 -8.45 3.84
CA HIS A 57 -6.21 -9.43 2.76
C HIS A 57 -6.02 -10.85 3.30
N CYS A 58 -4.81 -11.15 3.77
CA CYS A 58 -4.52 -12.47 4.31
C CYS A 58 -4.94 -12.57 5.77
N ASN A 59 -4.98 -11.42 6.45
CA ASN A 59 -5.37 -11.38 7.86
C ASN A 59 -4.25 -11.91 8.74
N ASP A 60 -3.01 -11.59 8.39
CA ASP A 60 -1.86 -12.03 9.17
C ASP A 60 -1.07 -10.85 9.71
N TYR A 61 -0.37 -11.06 10.82
CA TYR A 61 0.42 -10.00 11.44
C TYR A 61 1.22 -9.23 10.38
N TRP A 62 1.10 -7.91 10.42
CA TRP A 62 1.81 -7.06 9.48
C TRP A 62 3.30 -7.35 9.49
N PRO A 63 3.81 -7.89 8.37
CA PRO A 63 5.23 -8.24 8.22
C PRO A 63 6.12 -7.00 8.15
N HIS A 64 5.51 -5.83 8.30
CA HIS A 64 6.25 -4.57 8.25
C HIS A 64 5.89 -3.68 9.43
N GLU A 65 6.53 -2.52 9.51
CA GLU A 65 6.27 -1.58 10.59
C GLU A 65 5.04 -0.73 10.30
N ILE A 66 4.57 -0.01 11.32
CA ILE A 66 3.39 0.83 11.17
C ILE A 66 3.78 2.31 11.05
N PRO A 67 3.39 2.94 9.94
CA PRO A 67 3.69 4.35 9.69
C PRO A 67 2.90 5.29 10.60
N LYS A 68 3.00 6.59 10.35
CA LYS A 68 2.30 7.58 11.14
C LYS A 68 1.52 8.54 10.26
N SER A 69 0.57 9.24 10.85
CA SER A 69 -0.26 10.19 10.11
C SER A 69 0.60 11.18 9.36
N GLY A 70 1.40 11.95 10.09
CA GLY A 70 2.28 12.93 9.48
C GLY A 70 1.53 14.19 9.07
N PRO A 71 2.28 15.21 8.64
CA PRO A 71 1.71 16.50 8.22
C PRO A 71 0.94 16.38 6.91
N SER A 72 0.12 17.39 6.62
CA SER A 72 -0.67 17.40 5.40
C SER A 72 0.10 18.01 4.24
N SER A 73 -0.24 17.63 3.02
CA SER A 73 0.43 18.13 1.83
C SER A 73 1.93 18.26 2.07
N GLY A 74 2.50 17.24 2.72
CA GLY A 74 3.92 17.26 3.00
C GLY A 74 4.76 17.08 1.74
ZN ZN B . -4.33 3.74 0.12
ZN ZN C . -1.27 -9.81 3.43
N GLY A 1 10.05 18.16 -19.23
CA GLY A 1 9.51 17.06 -20.00
C GLY A 1 10.40 15.83 -19.96
N SER A 2 10.12 14.93 -19.02
CA SER A 2 10.90 13.71 -18.87
C SER A 2 10.42 12.63 -19.83
N SER A 3 11.28 12.27 -20.77
CA SER A 3 10.94 11.24 -21.76
C SER A 3 12.19 10.51 -22.23
N GLY A 4 12.02 9.23 -22.57
CA GLY A 4 13.15 8.44 -23.04
C GLY A 4 12.76 7.00 -23.34
N SER A 5 13.76 6.17 -23.60
CA SER A 5 13.51 4.76 -23.90
C SER A 5 13.37 3.94 -22.63
N SER A 6 12.64 4.50 -21.66
CA SER A 6 12.42 3.82 -20.39
C SER A 6 11.22 2.88 -20.47
N GLY A 7 11.04 2.07 -19.43
CA GLY A 7 9.92 1.14 -19.41
C GLY A 7 9.31 1.01 -18.03
N ARG A 8 8.52 2.01 -17.64
CA ARG A 8 7.87 2.01 -16.34
C ARG A 8 6.53 1.27 -16.40
N GLU A 9 6.30 0.39 -15.42
CA GLU A 9 5.06 -0.38 -15.37
C GLU A 9 3.85 0.53 -15.49
N THR A 10 3.07 0.33 -16.55
CA THR A 10 1.87 1.13 -16.78
C THR A 10 0.66 0.24 -17.01
N TYR A 11 -0.02 -0.12 -15.92
CA TYR A 11 -1.20 -0.97 -16.00
C TYR A 11 -2.28 -0.48 -15.03
N PRO A 12 -3.55 -0.72 -15.40
CA PRO A 12 -4.70 -0.32 -14.58
C PRO A 12 -4.81 -1.16 -13.31
N ASP A 13 -4.77 -2.47 -13.46
CA ASP A 13 -4.87 -3.38 -12.33
C ASP A 13 -3.78 -4.45 -12.37
N ALA A 14 -2.56 -4.02 -12.75
CA ALA A 14 -1.44 -4.94 -12.84
C ALA A 14 -0.21 -4.37 -12.13
N VAL A 15 -0.45 -3.59 -11.09
CA VAL A 15 0.64 -2.99 -10.32
C VAL A 15 0.41 -3.14 -8.82
N LYS A 16 1.28 -2.51 -8.03
CA LYS A 16 1.16 -2.56 -6.58
C LYS A 16 0.03 -1.67 -6.08
N ILE A 17 -1.18 -1.92 -6.59
CA ILE A 17 -2.35 -1.15 -6.20
C ILE A 17 -2.59 -1.24 -4.70
N CYS A 18 -3.08 -0.16 -4.11
CA CYS A 18 -3.36 -0.12 -2.68
C CYS A 18 -4.49 -1.08 -2.32
N ASN A 19 -4.64 -1.34 -1.03
CA ASN A 19 -5.69 -2.24 -0.56
C ASN A 19 -6.75 -1.49 0.23
N ILE A 20 -6.39 -0.29 0.69
CA ILE A 20 -7.32 0.54 1.46
C ILE A 20 -8.08 1.51 0.54
N CYS A 21 -7.36 2.10 -0.40
CA CYS A 21 -7.97 3.05 -1.33
C CYS A 21 -7.96 2.48 -2.75
N HIS A 22 -7.12 1.48 -2.99
CA HIS A 22 -7.02 0.85 -4.30
C HIS A 22 -6.46 1.82 -5.32
N SER A 23 -5.60 2.73 -4.87
CA SER A 23 -4.99 3.72 -5.75
C SER A 23 -3.57 3.31 -6.13
N LEU A 24 -3.04 3.96 -7.16
CA LEU A 24 -1.69 3.67 -7.62
C LEU A 24 -0.65 4.18 -6.64
N LEU A 25 0.29 3.31 -6.26
CA LEU A 25 1.34 3.68 -5.32
C LEU A 25 2.70 3.22 -5.83
N ILE A 26 3.76 3.79 -5.27
CA ILE A 26 5.11 3.44 -5.65
C ILE A 26 5.99 3.14 -4.44
N GLN A 27 5.87 3.97 -3.41
CA GLN A 27 6.63 3.80 -2.18
C GLN A 27 5.73 3.87 -0.96
N GLY A 28 5.69 2.78 -0.19
CA GLY A 28 4.87 2.75 1.00
C GLY A 28 5.07 1.47 1.80
N GLN A 29 3.98 0.92 2.33
CA GLN A 29 4.04 -0.29 3.13
C GLN A 29 3.62 -1.51 2.30
N SER A 30 4.35 -2.60 2.45
CA SER A 30 4.05 -3.83 1.73
C SER A 30 3.80 -4.99 2.69
N CYS A 31 3.17 -6.04 2.19
CA CYS A 31 2.87 -7.21 3.00
C CYS A 31 3.74 -8.40 2.58
N GLU A 32 4.57 -8.87 3.50
CA GLU A 32 5.46 -9.99 3.23
C GLU A 32 4.73 -11.33 3.43
N THR A 33 3.42 -11.31 3.18
CA THR A 33 2.60 -12.51 3.34
C THR A 33 1.92 -12.88 2.04
N CYS A 34 1.15 -11.94 1.49
CA CYS A 34 0.44 -12.17 0.23
C CYS A 34 1.05 -11.36 -0.90
N GLY A 35 1.31 -10.08 -0.64
CA GLY A 35 1.90 -9.23 -1.65
C GLY A 35 1.07 -7.99 -1.92
N ILE A 36 0.54 -7.40 -0.86
CA ILE A 36 -0.29 -6.20 -0.99
C ILE A 36 0.40 -4.99 -0.38
N ARG A 37 0.21 -3.82 -0.99
CA ARG A 37 0.82 -2.59 -0.51
C ARG A 37 -0.25 -1.59 -0.08
N MET A 38 0.08 -0.78 0.93
CA MET A 38 -0.86 0.22 1.42
C MET A 38 -0.14 1.53 1.74
N HIS A 39 -0.66 2.63 1.21
CA HIS A 39 -0.07 3.95 1.43
C HIS A 39 0.21 4.17 2.92
N LEU A 40 1.15 5.06 3.20
CA LEU A 40 1.50 5.37 4.58
C LEU A 40 0.27 5.70 5.41
N PRO A 41 -0.48 6.72 4.96
CA PRO A 41 -1.70 7.16 5.63
C PRO A 41 -2.83 6.14 5.53
N CYS A 42 -2.68 5.21 4.59
CA CYS A 42 -3.69 4.17 4.38
C CYS A 42 -3.47 3.00 5.32
N VAL A 43 -2.21 2.75 5.67
CA VAL A 43 -1.86 1.66 6.57
C VAL A 43 -2.23 1.98 8.01
N ALA A 44 -1.90 3.19 8.44
CA ALA A 44 -2.21 3.62 9.80
C ALA A 44 -3.71 3.67 10.03
N LYS A 45 -4.44 4.21 9.05
CA LYS A 45 -5.89 4.32 9.14
C LYS A 45 -6.52 2.96 9.44
N TYR A 46 -5.90 1.90 8.94
CA TYR A 46 -6.40 0.55 9.15
C TYR A 46 -5.89 -0.03 10.48
N PHE A 47 -4.75 0.50 10.93
CA PHE A 47 -4.17 0.05 12.19
C PHE A 47 -4.07 1.20 13.19
N GLN A 48 -5.04 2.09 13.15
CA GLN A 48 -5.07 3.23 14.05
C GLN A 48 -4.68 2.82 15.47
N SER A 49 -3.42 3.04 15.82
CA SER A 49 -2.92 2.69 17.14
C SER A 49 -3.63 1.45 17.68
N ASN A 50 -3.71 0.42 16.86
CA ASN A 50 -4.37 -0.83 17.24
C ASN A 50 -3.39 -1.75 17.97
N ALA A 51 -3.86 -2.95 18.31
CA ALA A 51 -3.04 -3.93 19.00
C ALA A 51 -2.30 -4.82 18.00
N GLU A 52 -3.05 -5.69 17.33
CA GLU A 52 -2.46 -6.60 16.35
C GLU A 52 -2.93 -6.25 14.94
N PRO A 53 -2.02 -5.67 14.15
CA PRO A 53 -2.30 -5.28 12.77
C PRO A 53 -2.47 -6.47 11.85
N ARG A 54 -3.67 -6.63 11.30
CA ARG A 54 -3.96 -7.73 10.40
C ARG A 54 -4.13 -7.25 8.97
N CYS A 55 -3.41 -7.87 8.04
CA CYS A 55 -3.47 -7.49 6.63
C CYS A 55 -4.91 -7.52 6.14
N PRO A 56 -5.34 -6.40 5.53
CA PRO A 56 -6.70 -6.26 5.00
C PRO A 56 -6.93 -7.14 3.76
N HIS A 57 -5.93 -7.96 3.43
CA HIS A 57 -6.02 -8.84 2.28
C HIS A 57 -5.97 -10.31 2.71
N CYS A 58 -4.84 -10.70 3.30
CA CYS A 58 -4.67 -12.07 3.76
C CYS A 58 -5.12 -12.23 5.21
N ASN A 59 -5.04 -11.13 5.96
CA ASN A 59 -5.44 -11.14 7.37
C ASN A 59 -4.39 -11.84 8.22
N ASP A 60 -3.12 -11.56 7.93
CA ASP A 60 -2.02 -12.16 8.68
C ASP A 60 -1.20 -11.08 9.39
N TYR A 61 -0.71 -11.42 10.58
CA TYR A 61 0.08 -10.48 11.36
C TYR A 61 1.00 -9.65 10.47
N TRP A 62 0.89 -8.33 10.58
CA TRP A 62 1.71 -7.44 9.77
C TRP A 62 3.20 -7.71 9.99
N PRO A 63 3.88 -8.17 8.94
CA PRO A 63 5.31 -8.48 8.99
C PRO A 63 6.17 -7.23 9.11
N HIS A 64 5.51 -6.07 9.21
CA HIS A 64 6.22 -4.80 9.34
C HIS A 64 5.65 -3.97 10.48
N GLU A 65 6.16 -2.76 10.65
CA GLU A 65 5.71 -1.87 11.71
C GLU A 65 4.66 -0.89 11.19
N ILE A 66 3.88 -0.32 12.09
CA ILE A 66 2.83 0.62 11.73
C ILE A 66 3.39 2.04 11.62
N PRO A 67 3.00 2.75 10.55
CA PRO A 67 3.45 4.13 10.32
C PRO A 67 2.85 5.12 11.31
N LYS A 68 3.51 6.26 11.47
CA LYS A 68 3.04 7.29 12.39
C LYS A 68 2.17 8.31 11.67
N SER A 69 1.18 8.84 12.38
CA SER A 69 0.28 9.83 11.81
C SER A 69 0.64 11.24 12.28
N GLY A 70 1.94 11.52 12.33
CA GLY A 70 2.38 12.83 12.76
C GLY A 70 1.96 13.94 11.82
N PRO A 71 2.01 15.20 12.30
CA PRO A 71 1.63 16.37 11.52
C PRO A 71 2.61 16.65 10.39
N SER A 72 2.13 17.28 9.32
CA SER A 72 2.97 17.60 8.17
C SER A 72 3.80 18.85 8.45
N SER A 73 5.11 18.73 8.27
CA SER A 73 6.03 19.84 8.50
C SER A 73 5.77 20.97 7.51
N GLY A 74 5.68 20.61 6.23
CA GLY A 74 5.43 21.61 5.21
C GLY A 74 6.64 22.49 4.95
ZN ZN B . -3.92 3.90 -0.30
ZN ZN C . -1.16 -9.74 3.19
N GLY A 1 0.46 16.73 -17.01
CA GLY A 1 -0.60 15.87 -17.50
C GLY A 1 -0.74 15.92 -19.00
N SER A 2 0.39 15.80 -19.71
CA SER A 2 0.39 15.84 -21.16
C SER A 2 -0.32 14.62 -21.74
N SER A 3 -0.65 14.68 -23.02
CA SER A 3 -1.34 13.59 -23.69
C SER A 3 -0.58 12.28 -23.52
N GLY A 4 -1.07 11.42 -22.63
CA GLY A 4 -0.43 10.14 -22.40
C GLY A 4 -0.84 9.08 -23.40
N SER A 5 -2.02 8.51 -23.20
CA SER A 5 -2.52 7.47 -24.09
C SER A 5 -1.52 6.33 -24.23
N SER A 6 -0.90 5.96 -23.12
CA SER A 6 0.09 4.88 -23.11
C SER A 6 -0.58 3.53 -22.91
N GLY A 7 -0.38 2.62 -23.86
CA GLY A 7 -0.96 1.30 -23.77
C GLY A 7 -0.09 0.33 -23.01
N ARG A 8 -0.70 -0.75 -22.51
CA ARG A 8 0.04 -1.76 -21.75
C ARG A 8 1.08 -1.10 -20.85
N GLU A 9 0.76 0.07 -20.33
CA GLU A 9 1.67 0.80 -19.46
C GLU A 9 2.31 -0.13 -18.43
N THR A 10 3.62 -0.07 -18.32
CA THR A 10 4.35 -0.92 -17.38
C THR A 10 5.35 -0.10 -16.56
N TYR A 11 5.63 -0.57 -15.35
CA TYR A 11 6.57 0.12 -14.47
C TYR A 11 7.20 -0.86 -13.48
N PRO A 12 8.42 -0.52 -13.02
CA PRO A 12 9.17 -1.35 -12.07
C PRO A 12 8.54 -1.35 -10.68
N ASP A 13 8.25 -0.16 -10.17
CA ASP A 13 7.64 -0.02 -8.85
C ASP A 13 6.44 0.92 -8.90
N ALA A 14 5.69 0.85 -10.00
CA ALA A 14 4.51 1.68 -10.17
C ALA A 14 3.33 0.87 -10.69
N VAL A 15 3.20 -0.35 -10.20
CA VAL A 15 2.11 -1.24 -10.62
C VAL A 15 1.41 -1.84 -9.40
N LYS A 16 1.91 -1.55 -8.22
CA LYS A 16 1.34 -2.06 -6.98
C LYS A 16 0.19 -1.18 -6.52
N ILE A 17 -1.04 -1.65 -6.74
CA ILE A 17 -2.23 -0.90 -6.34
C ILE A 17 -2.49 -1.05 -4.84
N CYS A 18 -2.88 0.05 -4.20
CA CYS A 18 -3.16 0.04 -2.77
C CYS A 18 -4.30 -0.92 -2.45
N ASN A 19 -4.50 -1.18 -1.16
CA ASN A 19 -5.55 -2.09 -0.72
C ASN A 19 -6.65 -1.33 0.03
N ILE A 20 -6.27 -0.19 0.60
CA ILE A 20 -7.23 0.64 1.35
C ILE A 20 -7.98 1.58 0.41
N CYS A 21 -7.24 2.26 -0.45
CA CYS A 21 -7.85 3.20 -1.41
C CYS A 21 -7.81 2.62 -2.81
N HIS A 22 -6.94 1.66 -3.04
CA HIS A 22 -6.79 1.03 -4.35
C HIS A 22 -6.35 2.04 -5.39
N SER A 23 -5.29 2.78 -5.07
CA SER A 23 -4.76 3.79 -5.98
C SER A 23 -3.30 3.51 -6.33
N LEU A 24 -2.94 3.77 -7.58
CA LEU A 24 -1.58 3.54 -8.04
C LEU A 24 -0.57 4.22 -7.12
N LEU A 25 0.30 3.42 -6.50
CA LEU A 25 1.32 3.95 -5.59
C LEU A 25 2.71 3.53 -6.04
N ILE A 26 3.72 4.20 -5.50
CA ILE A 26 5.11 3.89 -5.85
C ILE A 26 5.93 3.62 -4.59
N GLN A 27 5.54 4.24 -3.49
CA GLN A 27 6.26 4.07 -2.22
C GLN A 27 5.27 3.92 -1.06
N GLY A 28 5.61 3.05 -0.12
CA GLY A 28 4.74 2.83 1.03
C GLY A 28 5.06 1.55 1.77
N GLN A 29 4.02 0.85 2.20
CA GLN A 29 4.19 -0.41 2.93
C GLN A 29 3.90 -1.60 2.03
N SER A 30 4.37 -2.77 2.44
CA SER A 30 4.16 -3.99 1.66
C SER A 30 4.03 -5.20 2.58
N CYS A 31 3.27 -6.19 2.12
CA CYS A 31 3.05 -7.41 2.90
C CYS A 31 3.84 -8.57 2.33
N GLU A 32 4.50 -9.33 3.20
CA GLU A 32 5.30 -10.47 2.78
C GLU A 32 4.45 -11.75 2.77
N THR A 33 3.29 -11.69 3.40
CA THR A 33 2.39 -12.84 3.46
C THR A 33 1.71 -13.07 2.12
N CYS A 34 0.93 -12.10 1.68
CA CYS A 34 0.22 -12.19 0.41
C CYS A 34 0.95 -11.42 -0.68
N GLY A 35 1.32 -10.18 -0.37
CA GLY A 35 2.02 -9.35 -1.34
C GLY A 35 1.20 -8.16 -1.79
N ILE A 36 0.80 -7.34 -0.83
CA ILE A 36 0.00 -6.15 -1.14
C ILE A 36 0.64 -4.89 -0.58
N ARG A 37 0.57 -3.81 -1.35
CA ARG A 37 1.16 -2.54 -0.94
C ARG A 37 0.07 -1.59 -0.41
N MET A 38 0.46 -0.70 0.49
CA MET A 38 -0.47 0.26 1.07
C MET A 38 0.22 1.60 1.34
N HIS A 39 -0.56 2.68 1.27
CA HIS A 39 -0.02 4.01 1.50
C HIS A 39 0.27 4.22 2.99
N LEU A 40 1.13 5.21 3.28
CA LEU A 40 1.50 5.51 4.66
C LEU A 40 0.26 5.80 5.50
N PRO A 41 -0.53 6.79 5.06
CA PRO A 41 -1.75 7.19 5.76
C PRO A 41 -2.85 6.13 5.65
N CYS A 42 -2.69 5.22 4.71
CA CYS A 42 -3.67 4.15 4.51
C CYS A 42 -3.42 2.99 5.46
N VAL A 43 -2.15 2.69 5.71
CA VAL A 43 -1.78 1.62 6.61
C VAL A 43 -2.15 1.95 8.05
N ALA A 44 -1.78 3.14 8.49
CA ALA A 44 -2.08 3.58 9.84
C ALA A 44 -3.59 3.63 10.09
N LYS A 45 -4.33 4.10 9.09
CA LYS A 45 -5.78 4.21 9.20
C LYS A 45 -6.40 2.84 9.44
N TYR A 46 -5.76 1.80 8.92
CA TYR A 46 -6.25 0.44 9.09
C TYR A 46 -5.65 -0.22 10.32
N PHE A 47 -4.47 0.26 10.72
CA PHE A 47 -3.78 -0.29 11.88
C PHE A 47 -3.71 0.75 13.00
N GLN A 48 -4.73 1.62 13.07
CA GLN A 48 -4.78 2.65 14.08
C GLN A 48 -4.41 2.09 15.45
N SER A 49 -4.21 2.98 16.42
CA SER A 49 -3.84 2.58 17.77
C SER A 49 -4.46 1.23 18.12
N ASN A 50 -3.70 0.16 17.88
CA ASN A 50 -4.18 -1.19 18.17
C ASN A 50 -3.06 -2.05 18.74
N ALA A 51 -3.36 -3.33 18.95
CA ALA A 51 -2.37 -4.27 19.48
C ALA A 51 -1.72 -5.07 18.37
N GLU A 52 -2.51 -5.92 17.71
CA GLU A 52 -2.01 -6.75 16.63
C GLU A 52 -2.75 -6.45 15.33
N PRO A 53 -2.04 -5.78 14.39
CA PRO A 53 -2.60 -5.41 13.09
C PRO A 53 -2.83 -6.63 12.19
N ARG A 54 -3.91 -6.59 11.43
CA ARG A 54 -4.24 -7.69 10.52
C ARG A 54 -4.32 -7.19 9.08
N CYS A 55 -3.58 -7.85 8.20
CA CYS A 55 -3.57 -7.48 6.79
C CYS A 55 -4.96 -7.59 6.19
N PRO A 56 -5.41 -6.52 5.51
CA PRO A 56 -6.72 -6.46 4.88
C PRO A 56 -6.83 -7.37 3.66
N HIS A 57 -5.77 -8.16 3.43
CA HIS A 57 -5.75 -9.08 2.30
C HIS A 57 -5.63 -10.53 2.79
N CYS A 58 -4.72 -10.76 3.73
CA CYS A 58 -4.53 -12.10 4.28
C CYS A 58 -4.82 -12.12 5.78
N ASN A 59 -5.53 -11.11 6.25
CA ASN A 59 -5.88 -11.01 7.67
C ASN A 59 -4.78 -11.61 8.54
N ASP A 60 -3.53 -11.41 8.11
CA ASP A 60 -2.39 -11.93 8.85
C ASP A 60 -1.70 -10.81 9.62
N TYR A 61 -1.02 -11.17 10.71
CA TYR A 61 -0.32 -10.19 11.53
C TYR A 61 0.67 -9.38 10.69
N TRP A 62 0.47 -8.07 10.67
CA TRP A 62 1.34 -7.17 9.91
C TRP A 62 2.81 -7.47 10.20
N PRO A 63 3.52 -8.01 9.21
CA PRO A 63 4.95 -8.35 9.33
C PRO A 63 5.82 -7.10 9.41
N HIS A 64 5.27 -5.96 9.00
CA HIS A 64 6.01 -4.71 9.02
C HIS A 64 5.52 -3.81 10.16
N GLU A 65 6.15 -2.66 10.31
CA GLU A 65 5.78 -1.71 11.36
C GLU A 65 4.59 -0.85 10.92
N ILE A 66 4.05 -0.09 11.86
CA ILE A 66 2.91 0.78 11.57
C ILE A 66 3.34 2.24 11.48
N PRO A 67 3.00 2.89 10.35
CA PRO A 67 3.33 4.29 10.10
C PRO A 67 2.56 5.24 11.00
N LYS A 68 2.92 6.51 10.97
CA LYS A 68 2.26 7.53 11.78
C LYS A 68 1.20 8.27 10.97
N SER A 69 0.25 8.87 11.66
CA SER A 69 -0.82 9.62 11.01
C SER A 69 -0.72 11.11 11.30
N GLY A 70 0.13 11.80 10.55
CA GLY A 70 0.31 13.22 10.75
C GLY A 70 0.88 13.92 9.52
N PRO A 71 0.74 15.25 9.47
CA PRO A 71 1.23 16.05 8.35
C PRO A 71 2.76 16.11 8.31
N SER A 72 3.30 16.32 7.11
CA SER A 72 4.74 16.39 6.93
C SER A 72 5.39 17.24 8.03
N SER A 73 4.90 18.48 8.17
CA SER A 73 5.42 19.39 9.18
C SER A 73 4.40 20.46 9.52
N GLY A 74 4.47 20.98 10.76
CA GLY A 74 3.54 22.00 11.19
C GLY A 74 3.48 23.17 10.23
ZN ZN B . -3.98 3.95 -0.28
ZN ZN C . -1.09 -9.74 3.48
N GLY A 1 10.57 8.07 -39.20
CA GLY A 1 9.64 7.35 -38.35
C GLY A 1 10.34 6.38 -37.42
N SER A 2 11.22 6.90 -36.56
CA SER A 2 11.96 6.06 -35.63
C SER A 2 11.23 5.97 -34.29
N SER A 3 11.23 4.77 -33.72
CA SER A 3 10.56 4.54 -32.44
C SER A 3 11.58 4.31 -31.34
N GLY A 4 11.38 4.99 -30.20
CA GLY A 4 12.29 4.85 -29.09
C GLY A 4 11.99 3.64 -28.24
N SER A 5 13.03 3.06 -27.65
CA SER A 5 12.86 1.88 -26.81
C SER A 5 11.54 1.92 -26.05
N SER A 6 10.63 1.03 -26.38
CA SER A 6 9.32 0.97 -25.73
C SER A 6 9.21 -0.28 -24.86
N GLY A 7 9.52 -0.12 -23.58
CA GLY A 7 9.44 -1.24 -22.65
C GLY A 7 8.16 -1.24 -21.85
N ARG A 8 8.25 -1.64 -20.59
CA ARG A 8 7.08 -1.69 -19.72
C ARG A 8 6.27 -0.41 -19.82
N GLU A 9 4.95 -0.55 -19.90
CA GLU A 9 4.06 0.60 -20.02
C GLU A 9 3.19 0.73 -18.77
N THR A 10 2.34 1.76 -18.75
CA THR A 10 1.45 2.00 -17.62
C THR A 10 0.17 1.18 -17.74
N TYR A 11 -0.33 0.71 -16.61
CA TYR A 11 -1.55 -0.09 -16.58
C TYR A 11 -2.52 0.42 -15.53
N PRO A 12 -3.82 0.19 -15.76
CA PRO A 12 -4.87 0.61 -14.83
C PRO A 12 -4.85 -0.18 -13.52
N ASP A 13 -4.88 -1.50 -13.63
CA ASP A 13 -4.86 -2.37 -12.47
C ASP A 13 -3.86 -3.51 -12.65
N ALA A 14 -2.67 -3.18 -13.12
CA ALA A 14 -1.62 -4.16 -13.33
C ALA A 14 -0.28 -3.67 -12.80
N VAL A 15 -0.32 -2.82 -11.79
CA VAL A 15 0.88 -2.27 -11.20
C VAL A 15 0.73 -2.09 -9.69
N LYS A 16 1.74 -1.51 -9.06
CA LYS A 16 1.71 -1.27 -7.62
C LYS A 16 0.48 -0.47 -7.22
N ILE A 17 -0.56 -1.17 -6.77
CA ILE A 17 -1.80 -0.53 -6.35
C ILE A 17 -2.02 -0.68 -4.85
N CYS A 18 -2.83 0.21 -4.29
CA CYS A 18 -3.13 0.18 -2.86
C CYS A 18 -4.15 -0.92 -2.54
N ASN A 19 -4.30 -1.22 -1.26
CA ASN A 19 -5.24 -2.25 -0.82
C ASN A 19 -6.35 -1.64 0.03
N ILE A 20 -6.22 -0.36 0.34
CA ILE A 20 -7.21 0.33 1.15
C ILE A 20 -8.09 1.25 0.28
N CYS A 21 -7.44 2.04 -0.56
CA CYS A 21 -8.16 2.95 -1.45
C CYS A 21 -8.03 2.50 -2.90
N HIS A 22 -7.13 1.55 -3.15
CA HIS A 22 -6.92 1.04 -4.49
C HIS A 22 -6.42 2.14 -5.42
N SER A 23 -5.63 3.06 -4.88
CA SER A 23 -5.09 4.16 -5.65
C SER A 23 -3.62 3.92 -6.00
N LEU A 24 -3.25 4.27 -7.22
CA LEU A 24 -1.87 4.09 -7.68
C LEU A 24 -0.89 4.67 -6.67
N LEU A 25 0.04 3.83 -6.22
CA LEU A 25 1.04 4.25 -5.24
C LEU A 25 2.45 4.14 -5.84
N ILE A 26 3.44 4.51 -5.04
CA ILE A 26 4.83 4.45 -5.48
C ILE A 26 5.70 3.74 -4.45
N GLN A 27 5.86 4.36 -3.28
CA GLN A 27 6.66 3.78 -2.22
C GLN A 27 5.92 3.82 -0.89
N GLY A 28 5.32 2.69 -0.52
CA GLY A 28 4.58 2.61 0.72
C GLY A 28 4.90 1.37 1.51
N GLN A 29 3.87 0.71 2.05
CA GLN A 29 4.06 -0.50 2.83
C GLN A 29 3.65 -1.73 2.04
N SER A 30 4.46 -2.78 2.11
CA SER A 30 4.18 -4.02 1.40
C SER A 30 4.01 -5.18 2.37
N CYS A 31 3.17 -6.14 2.00
CA CYS A 31 2.91 -7.31 2.83
C CYS A 31 3.76 -8.50 2.38
N GLU A 32 4.50 -9.08 3.32
CA GLU A 32 5.34 -10.23 3.01
C GLU A 32 4.61 -11.53 3.30
N THR A 33 3.28 -11.49 3.27
CA THR A 33 2.47 -12.66 3.52
C THR A 33 1.73 -13.10 2.27
N CYS A 34 0.89 -12.21 1.74
CA CYS A 34 0.12 -12.51 0.54
C CYS A 34 0.71 -11.80 -0.67
N GLY A 35 1.03 -10.52 -0.50
CA GLY A 35 1.60 -9.75 -1.59
C GLY A 35 0.74 -8.56 -1.97
N ILE A 36 0.70 -7.56 -1.09
CA ILE A 36 -0.10 -6.37 -1.35
C ILE A 36 0.58 -5.13 -0.77
N ARG A 37 0.32 -3.98 -1.40
CA ARG A 37 0.91 -2.72 -0.94
C ARG A 37 -0.18 -1.78 -0.42
N MET A 38 0.22 -0.87 0.47
CA MET A 38 -0.72 0.09 1.04
C MET A 38 -0.03 1.43 1.32
N HIS A 39 -0.74 2.52 1.07
CA HIS A 39 -0.19 3.85 1.29
C HIS A 39 0.21 4.03 2.75
N LEU A 40 1.00 5.07 3.02
CA LEU A 40 1.46 5.36 4.37
C LEU A 40 0.28 5.62 5.31
N PRO A 41 -0.54 6.62 4.95
CA PRO A 41 -1.72 7.00 5.73
C PRO A 41 -2.81 5.95 5.68
N CYS A 42 -2.66 5.00 4.75
CA CYS A 42 -3.65 3.94 4.59
C CYS A 42 -3.32 2.74 5.47
N VAL A 43 -2.07 2.66 5.90
CA VAL A 43 -1.61 1.57 6.75
C VAL A 43 -1.81 1.92 8.22
N ALA A 44 -1.37 3.11 8.61
CA ALA A 44 -1.50 3.57 9.99
C ALA A 44 -2.96 3.61 10.42
N LYS A 45 -3.77 4.36 9.67
CA LYS A 45 -5.20 4.48 9.98
C LYS A 45 -5.84 3.11 10.11
N TYR A 46 -5.46 2.18 9.24
CA TYR A 46 -6.00 0.83 9.25
C TYR A 46 -5.51 0.07 10.49
N PHE A 47 -4.27 0.34 10.90
CA PHE A 47 -3.70 -0.32 12.05
C PHE A 47 -3.62 0.64 13.25
N GLN A 48 -4.41 1.69 13.20
CA GLN A 48 -4.43 2.68 14.27
C GLN A 48 -5.49 2.34 15.30
N SER A 49 -5.29 2.83 16.53
CA SER A 49 -6.23 2.57 17.61
C SER A 49 -6.58 1.08 17.69
N ASN A 50 -5.53 0.25 17.78
CA ASN A 50 -5.72 -1.20 17.85
C ASN A 50 -4.59 -1.84 18.64
N ALA A 51 -4.63 -3.17 18.77
CA ALA A 51 -3.60 -3.91 19.48
C ALA A 51 -2.64 -4.58 18.51
N GLU A 52 -3.15 -5.53 17.74
CA GLU A 52 -2.32 -6.25 16.77
C GLU A 52 -2.83 -6.02 15.35
N PRO A 53 -1.95 -5.48 14.50
CA PRO A 53 -2.28 -5.19 13.10
C PRO A 53 -2.44 -6.46 12.27
N ARG A 54 -3.45 -6.47 11.41
CA ARG A 54 -3.71 -7.63 10.56
C ARG A 54 -3.94 -7.21 9.12
N CYS A 55 -3.06 -7.66 8.22
CA CYS A 55 -3.17 -7.32 6.81
C CYS A 55 -4.61 -7.41 6.33
N PRO A 56 -5.06 -6.37 5.60
CA PRO A 56 -6.44 -6.32 5.07
C PRO A 56 -6.67 -7.33 3.96
N HIS A 57 -5.68 -8.19 3.73
CA HIS A 57 -5.78 -9.22 2.69
C HIS A 57 -5.71 -10.61 3.30
N CYS A 58 -4.54 -10.97 3.82
CA CYS A 58 -4.34 -12.28 4.43
C CYS A 58 -4.82 -12.28 5.88
N ASN A 59 -5.24 -11.12 6.36
CA ASN A 59 -5.72 -10.99 7.73
C ASN A 59 -4.75 -11.64 8.71
N ASP A 60 -3.46 -11.48 8.44
CA ASP A 60 -2.42 -12.04 9.31
C ASP A 60 -1.57 -10.95 9.92
N TYR A 61 -0.72 -11.32 10.87
CA TYR A 61 0.16 -10.36 11.54
C TYR A 61 0.98 -9.59 10.53
N TRP A 62 0.99 -8.27 10.67
CA TRP A 62 1.74 -7.41 9.75
C TRP A 62 3.25 -7.67 9.88
N PRO A 63 3.85 -8.20 8.81
CA PRO A 63 5.28 -8.51 8.77
C PRO A 63 6.14 -7.25 8.77
N HIS A 64 5.52 -6.12 8.52
CA HIS A 64 6.24 -4.84 8.50
C HIS A 64 5.86 -3.99 9.71
N GLU A 65 6.46 -2.79 9.78
CA GLU A 65 6.19 -1.88 10.89
C GLU A 65 5.02 -0.96 10.56
N ILE A 66 4.54 -0.23 11.56
CA ILE A 66 3.42 0.68 11.39
C ILE A 66 3.91 2.12 11.23
N PRO A 67 3.48 2.79 10.16
CA PRO A 67 3.86 4.18 9.88
C PRO A 67 3.23 5.16 10.86
N LYS A 68 3.61 6.43 10.74
CA LYS A 68 3.08 7.46 11.61
C LYS A 68 1.95 8.23 10.92
N SER A 69 1.04 8.78 11.73
CA SER A 69 -0.09 9.53 11.20
C SER A 69 -0.13 10.94 11.78
N GLY A 70 1.04 11.58 11.85
CA GLY A 70 1.12 12.93 12.39
C GLY A 70 0.23 13.90 11.65
N PRO A 71 -0.02 15.07 12.26
CA PRO A 71 -0.86 16.11 11.67
C PRO A 71 -0.21 16.77 10.47
N SER A 72 -0.89 17.76 9.89
CA SER A 72 -0.38 18.47 8.72
C SER A 72 -0.21 19.96 9.02
N SER A 73 0.81 20.56 8.43
CA SER A 73 1.08 21.97 8.63
C SER A 73 0.99 22.75 7.32
N GLY A 74 -0.03 22.41 6.52
CA GLY A 74 -0.21 23.08 5.24
C GLY A 74 -1.41 22.56 4.49
ZN ZN B . -4.32 3.94 -0.17
ZN ZN C . -1.15 -9.79 3.36
#